data_8F7Q
#
_entry.id   8F7Q
#
_cell.length_a   1.00
_cell.length_b   1.00
_cell.length_c   1.00
_cell.angle_alpha   90.00
_cell.angle_beta   90.00
_cell.angle_gamma   90.00
#
_symmetry.space_group_name_H-M   'P 1'
#
loop_
_entity.id
_entity.type
_entity.pdbx_description
1 polymer 'Mu-type opioid receptor'
2 polymer Beta-endorphin
3 polymer 'Guanine nucleotide-binding protein G(i) subunit alpha-1'
4 polymer 'Guanine nucleotide-binding protein G(I)/G(S)/G(T) subunit beta-1'
5 polymer 'Guanine nucleotide-binding protein G(I)/G(S)/G(O) subunit gamma-2'
6 polymer scFv16
7 non-polymer CHOLESTEROL
#
loop_
_entity_poly.entity_id
_entity_poly.type
_entity_poly.pdbx_seq_one_letter_code
_entity_poly.pdbx_strand_id
1 'polypeptide(L)'
;DYKDDDDVDSSAAPTNASNCTDALAYSSCSPAPSPGSWVNLSHLDGNLSDPCGPNRTDLGGRDSLCPPTGSPSMITAITI
MALYSIVCVVGLFGNFLVMYVIVRYTKMKTATNIYIFNLALADALATSTLPFQSVNYLMGTWPFGTILCKIVISIDYYNM
FTSIWTLCTMSVDRYIAVCHPVKALDFRTPRNAKIINVCNWILSSAIGLPVMFMATTKYRQGSIDCTLTFSHPTWYWENL
LKICVFIFAFIMPVLIITVCYGLMILRLKSVRMLSGSKEKDRNLRRITRMVLVVVAVFIVCWTPIHIYVIIKALVTIPET
TFQTVSWHFCIALGYTNSCLNPVLYAFLDENFKRCFREFCIPTSSNIEQQNSTRIRQNTRDHPSTANTVDRTNHQHHHHH
HHH
;
R,M
2 'polypeptide(L)' YGGFMTSEKSQTPLVTLFKNAIIKNAYKKGE P,Q
3 'polypeptide(L)'
;MGCTLSAEDKAAVERSKMIDRNLREDGEKAAREVKLLLLGAGESGKSTIVKQMKIIHEAGYSEEECKQYKAVVYSNTIQS
IIAIIRAMGRLKIDFGDSARADDARQLFVLAGAAEEGFMTAELAGVIKRLWKDSGVQACFNRSREYQLNDSAAYYLNDLD
RIAQPNYIPTQQDVLRTRVKTTGIVETHFTFKDLHFKMFDVGAQRSERKKWIHCFEGVTAIIFCVALSDYDLVLAEDEEM
NRMHESMKLFDSICNNKWFTDTSIILFLNKKDLFEEKIKKSPLTICYPEYAGSNTYEEAAAYIQCQFEDLNKRKDTKEIY
THFTCSTDTKNVQFVFDAVTDVIIKNNLKDCGLF
;
A,F
4 'polypeptide(L)'
;MHHHHHHHHGSLLQSELDQLRQEAEQLKNQIRDARKACADATLSQITNNIDPVGRIQMRTRRTLRGHLAKIYAMHWGTDS
RLLVSASQDGKLIIWDSYTTNKVHAIPLRSSWVMTCAYAPSGNYVACGGLDNICSIYNLKTREGNVRVSRELAGHTGYLS
CCRFLDDNQIVTSSGDTTCALWDIETGQQTTTFTGHTGDVMSLSLAPDTRLFVSGACDASAKLWDVREGMCRQTFTGHES
DINAICFFPNGNAFATGSDDATCRLFDLRADQELMTYSHDNIICGITSVSFSKSGRLLLAGYDDFNCNVWDALKADRAGV
LAGHDNRVSCLGVTDDGMAVATGSWDSFLKIWN
;
B
5 'polypeptide(L)' MASNNTASIAQARKLVEQLKMEANIDRIKVSKAAADLMAYCEAHAKEDPLLTPVPASENPFREKKFFC C
6 'polypeptide(L)'
;MVQLVESGGGLVQPGGSRKLSCSASGFAFSSFGMHWVRQAPEKGLEWVAYISSGSGTIYYADTVKGRFTISRDDPKNTLF
LQMTSLRSEDTAMYYCVRSIYYYGSSPFDFWGQGTTLTVSAGGGGSGGGGSGGGGSADIVMTQATSSVPVTPGESVSISC
RSSKSLLHSNGNTYLYWFLQRPGQSPQLLIYRMSNLASGVPDRFSGSGSGTAFTLTISRLEAEDVGVYYCMQHLEYPLTF
GAGTKLEL
;
E
#
# COMPACT_ATOMS: atom_id res chain seq x y z
N SER A 73 -2.47 -31.87 -50.78
CA SER A 73 -1.49 -30.80 -50.69
C SER A 73 -2.17 -29.44 -50.52
N MET A 74 -3.10 -29.13 -51.43
CA MET A 74 -3.85 -27.89 -51.34
C MET A 74 -4.78 -27.88 -50.13
N ILE A 75 -5.46 -29.00 -49.89
CA ILE A 75 -6.39 -29.13 -48.76
C ILE A 75 -5.63 -28.99 -47.43
N THR A 76 -4.42 -29.55 -47.37
CA THR A 76 -3.58 -29.44 -46.18
C THR A 76 -3.20 -27.98 -45.91
N ALA A 77 -2.80 -27.25 -46.95
CA ALA A 77 -2.43 -25.85 -46.80
C ALA A 77 -3.62 -24.99 -46.39
N ILE A 78 -4.79 -25.26 -46.97
CA ILE A 78 -6.02 -24.52 -46.61
C ILE A 78 -6.39 -24.79 -45.15
N THR A 79 -6.27 -26.05 -44.71
CA THR A 79 -6.58 -26.41 -43.33
C THR A 79 -5.61 -25.74 -42.34
N ILE A 80 -4.32 -25.76 -42.67
CA ILE A 80 -3.30 -25.12 -41.82
C ILE A 80 -3.53 -23.61 -41.73
N MET A 81 -3.77 -22.97 -42.88
CA MET A 81 -4.02 -21.52 -42.89
C MET A 81 -5.29 -21.15 -42.13
N ALA A 82 -6.36 -21.94 -42.28
CA ALA A 82 -7.58 -21.68 -41.54
C ALA A 82 -7.38 -21.84 -40.05
N LEU A 83 -6.63 -22.86 -39.64
CA LEU A 83 -6.36 -23.09 -38.22
C LEU A 83 -5.56 -21.95 -37.60
N TYR A 84 -4.47 -21.53 -38.28
CA TYR A 84 -3.67 -20.41 -37.78
C TYR A 84 -4.46 -19.10 -37.77
N SER A 85 -5.27 -18.86 -38.81
CA SER A 85 -6.07 -17.64 -38.87
C SER A 85 -7.10 -17.58 -37.76
N ILE A 86 -7.80 -18.70 -37.50
CA ILE A 86 -8.81 -18.73 -36.44
C ILE A 86 -8.16 -18.52 -35.06
N VAL A 87 -7.04 -19.20 -34.81
CA VAL A 87 -6.35 -19.07 -33.51
C VAL A 87 -5.85 -17.65 -33.30
N CYS A 88 -5.24 -17.06 -34.33
CA CYS A 88 -4.71 -15.70 -34.21
C CYS A 88 -5.82 -14.66 -34.03
N VAL A 89 -6.92 -14.78 -34.80
CA VAL A 89 -7.99 -13.79 -34.73
C VAL A 89 -8.70 -13.85 -33.38
N VAL A 90 -9.10 -15.06 -32.94
CA VAL A 90 -9.77 -15.19 -31.64
C VAL A 90 -8.85 -14.78 -30.50
N GLY A 91 -7.56 -15.12 -30.58
CA GLY A 91 -6.63 -14.74 -29.53
C GLY A 91 -6.41 -13.23 -29.43
N LEU A 92 -6.20 -12.56 -30.57
CA LEU A 92 -6.03 -11.11 -30.57
C LEU A 92 -7.30 -10.40 -30.12
N PHE A 93 -8.47 -10.85 -30.59
CA PHE A 93 -9.73 -10.22 -30.20
C PHE A 93 -9.99 -10.36 -28.72
N GLY A 94 -9.77 -11.56 -28.16
CA GLY A 94 -9.95 -11.74 -26.72
C GLY A 94 -8.96 -10.95 -25.89
N ASN A 95 -7.69 -10.92 -26.30
CA ASN A 95 -6.67 -10.21 -25.52
C ASN A 95 -6.90 -8.70 -25.54
N PHE A 96 -7.17 -8.12 -26.72
CA PHE A 96 -7.46 -6.69 -26.77
C PHE A 96 -8.77 -6.32 -26.09
N LEU A 97 -9.79 -7.21 -26.15
CA LEU A 97 -11.03 -6.96 -25.41
C LEU A 97 -10.78 -6.93 -23.91
N VAL A 98 -9.96 -7.86 -23.41
CA VAL A 98 -9.62 -7.89 -21.99
C VAL A 98 -8.83 -6.65 -21.60
N MET A 99 -7.91 -6.20 -22.48
CA MET A 99 -7.15 -4.97 -22.23
C MET A 99 -8.06 -3.75 -22.14
N TYR A 100 -9.02 -3.66 -23.06
CA TYR A 100 -9.95 -2.53 -23.07
C TYR A 100 -10.85 -2.53 -21.84
N VAL A 101 -11.35 -3.70 -21.44
CA VAL A 101 -12.21 -3.79 -20.24
C VAL A 101 -11.43 -3.44 -18.98
N ILE A 102 -10.19 -3.93 -18.86
CA ILE A 102 -9.37 -3.63 -17.67
C ILE A 102 -9.01 -2.15 -17.60
N VAL A 103 -8.41 -1.61 -18.67
CA VAL A 103 -7.93 -0.22 -18.67
C VAL A 103 -9.10 0.76 -18.57
N ARG A 104 -10.15 0.55 -19.38
CA ARG A 104 -11.27 1.50 -19.46
C ARG A 104 -12.04 1.61 -18.14
N TYR A 105 -12.37 0.48 -17.52
CA TYR A 105 -13.28 0.46 -16.39
C TYR A 105 -12.59 0.17 -15.07
N THR A 106 -11.88 -0.96 -14.97
CA THR A 106 -11.37 -1.41 -13.68
C THR A 106 -10.18 -0.56 -13.22
N LYS A 107 -9.33 -0.14 -14.17
CA LYS A 107 -8.22 0.80 -13.97
C LYS A 107 -7.14 0.28 -13.01
N MET A 108 -6.96 -1.05 -13.02
CA MET A 108 -5.92 -1.80 -12.30
C MET A 108 -5.69 -1.33 -10.85
N LYS A 109 -6.74 -1.45 -10.04
CA LYS A 109 -6.63 -1.10 -8.63
C LYS A 109 -6.28 -2.28 -7.74
N THR A 110 -6.47 -3.51 -8.21
CA THR A 110 -6.22 -4.70 -7.42
C THR A 110 -5.10 -5.50 -8.10
N ALA A 111 -4.50 -6.42 -7.35
CA ALA A 111 -3.37 -7.20 -7.87
C ALA A 111 -3.81 -8.20 -8.95
N THR A 112 -4.98 -8.83 -8.75
CA THR A 112 -5.50 -9.81 -9.70
C THR A 112 -5.74 -9.19 -11.07
N ASN A 113 -6.22 -7.95 -11.09
CA ASN A 113 -6.40 -7.22 -12.35
C ASN A 113 -5.07 -6.97 -13.04
N ILE A 114 -4.02 -6.69 -12.26
CA ILE A 114 -2.68 -6.50 -12.82
C ILE A 114 -2.17 -7.80 -13.45
N TYR A 115 -2.38 -8.93 -12.77
CA TYR A 115 -1.95 -10.21 -13.33
C TYR A 115 -2.72 -10.57 -14.61
N ILE A 116 -4.03 -10.32 -14.62
CA ILE A 116 -4.83 -10.60 -15.82
C ILE A 116 -4.41 -9.67 -16.97
N PHE A 117 -4.09 -8.42 -16.67
CA PHE A 117 -3.59 -7.49 -17.68
C PHE A 117 -2.24 -7.93 -18.25
N ASN A 118 -1.35 -8.44 -17.38
CA ASN A 118 -0.06 -8.93 -17.85
C ASN A 118 -0.22 -10.18 -18.72
N LEU A 119 -1.14 -11.07 -18.35
CA LEU A 119 -1.46 -12.21 -19.22
C LEU A 119 -2.02 -11.76 -20.56
N ALA A 120 -2.91 -10.74 -20.54
CA ALA A 120 -3.46 -10.18 -21.77
C ALA A 120 -2.37 -9.63 -22.68
N LEU A 121 -1.42 -8.89 -22.11
CA LEU A 121 -0.33 -8.31 -22.90
C LEU A 121 0.58 -9.38 -23.49
N ALA A 122 0.98 -10.37 -22.67
CA ALA A 122 1.86 -11.44 -23.15
C ALA A 122 1.18 -12.31 -24.21
N ASP A 123 -0.08 -12.68 -23.98
CA ASP A 123 -0.83 -13.48 -24.94
C ASP A 123 -1.09 -12.70 -26.23
N ALA A 124 -1.38 -11.40 -26.12
CA ALA A 124 -1.57 -10.56 -27.29
C ALA A 124 -0.33 -10.52 -28.17
N LEU A 125 0.84 -10.31 -27.55
CA LEU A 125 2.08 -10.30 -28.33
C LEU A 125 2.40 -11.68 -28.94
N ALA A 126 2.17 -12.75 -28.16
CA ALA A 126 2.43 -14.10 -28.65
C ALA A 126 1.52 -14.46 -29.84
N THR A 127 0.24 -14.10 -29.76
CA THR A 127 -0.65 -14.30 -30.90
C THR A 127 -0.33 -13.36 -32.06
N SER A 128 0.18 -12.16 -31.78
CA SER A 128 0.56 -11.23 -32.84
C SER A 128 1.74 -11.74 -33.65
N THR A 129 2.62 -12.53 -33.03
CA THR A 129 3.76 -13.04 -33.81
C THR A 129 3.40 -14.23 -34.71
N LEU A 130 2.19 -14.76 -34.63
CA LEU A 130 1.72 -15.92 -35.40
C LEU A 130 1.53 -15.71 -36.92
N PRO A 131 0.95 -14.59 -37.43
CA PRO A 131 0.83 -14.46 -38.90
C PRO A 131 2.15 -14.43 -39.65
N PHE A 132 3.21 -13.90 -39.04
CA PHE A 132 4.52 -13.96 -39.67
C PHE A 132 5.00 -15.40 -39.84
N GLN A 133 4.70 -16.26 -38.85
CA GLN A 133 4.96 -17.69 -38.99
C GLN A 133 4.12 -18.30 -40.11
N SER A 134 2.87 -17.86 -40.23
CA SER A 134 2.01 -18.34 -41.31
C SER A 134 2.54 -17.95 -42.69
N VAL A 135 3.00 -16.71 -42.83
CA VAL A 135 3.60 -16.24 -44.08
C VAL A 135 4.90 -17.00 -44.37
N ASN A 136 5.70 -17.28 -43.34
CA ASN A 136 6.91 -18.09 -43.49
C ASN A 136 6.58 -19.50 -43.97
N TYR A 137 5.49 -20.08 -43.47
CA TYR A 137 5.07 -21.39 -43.95
C TYR A 137 4.59 -21.35 -45.40
N LEU A 138 3.80 -20.33 -45.76
CA LEU A 138 3.27 -20.24 -47.11
C LEU A 138 4.36 -19.98 -48.15
N MET A 139 5.19 -18.97 -47.93
CA MET A 139 6.17 -18.59 -48.94
C MET A 139 7.36 -19.54 -48.98
N GLY A 140 7.68 -20.18 -47.87
CA GLY A 140 8.85 -21.03 -47.78
C GLY A 140 10.16 -20.28 -47.65
N THR A 141 10.11 -18.95 -47.63
CA THR A 141 11.27 -18.09 -47.50
C THR A 141 10.91 -16.94 -46.56
N TRP A 142 11.93 -16.31 -45.99
CA TRP A 142 11.73 -15.16 -45.11
C TRP A 142 12.11 -13.87 -45.83
N PRO A 143 11.13 -13.08 -46.30
CA PRO A 143 11.46 -11.82 -46.99
C PRO A 143 11.46 -10.60 -46.10
N PHE A 144 11.08 -10.76 -44.82
CA PHE A 144 10.94 -9.62 -43.92
C PHE A 144 12.28 -8.97 -43.59
N GLY A 145 13.32 -9.76 -43.42
CA GLY A 145 14.64 -9.25 -43.11
C GLY A 145 15.18 -9.80 -41.78
N THR A 146 16.47 -9.56 -41.59
CA THR A 146 17.20 -10.11 -40.45
C THR A 146 16.74 -9.47 -39.12
N ILE A 147 16.59 -8.15 -39.11
CA ILE A 147 16.25 -7.42 -37.88
C ILE A 147 14.86 -7.81 -37.39
N LEU A 148 13.89 -7.85 -38.31
CA LEU A 148 12.54 -8.26 -37.94
C LEU A 148 12.49 -9.74 -37.55
N CYS A 149 13.34 -10.58 -38.17
CA CYS A 149 13.49 -11.97 -37.74
C CYS A 149 13.94 -12.06 -36.28
N LYS A 150 14.91 -11.23 -35.89
CA LYS A 150 15.39 -11.22 -34.51
C LYS A 150 14.31 -10.75 -33.56
N ILE A 151 13.57 -9.70 -33.96
CA ILE A 151 12.49 -9.14 -33.16
C ILE A 151 11.39 -10.18 -32.94
N VAL A 152 11.00 -10.89 -34.00
CA VAL A 152 9.91 -11.85 -33.92
C VAL A 152 10.29 -13.05 -33.05
N ILE A 153 11.48 -13.64 -33.28
CA ILE A 153 11.88 -14.82 -32.49
C ILE A 153 12.05 -14.46 -31.01
N SER A 154 12.70 -13.32 -30.74
CA SER A 154 12.92 -12.89 -29.36
C SER A 154 11.61 -12.60 -28.63
N ILE A 155 10.69 -11.88 -29.29
CA ILE A 155 9.39 -11.57 -28.71
C ILE A 155 8.56 -12.84 -28.50
N ASP A 156 8.67 -13.81 -29.43
CA ASP A 156 7.92 -15.07 -29.31
C ASP A 156 8.35 -15.86 -28.07
N TYR A 157 9.66 -16.09 -27.91
CA TYR A 157 10.12 -16.85 -26.74
C TYR A 157 9.92 -16.06 -25.45
N TYR A 158 10.12 -14.74 -25.51
CA TYR A 158 9.97 -13.86 -24.36
C TYR A 158 8.55 -13.87 -23.81
N ASN A 159 7.56 -13.71 -24.70
CA ASN A 159 6.17 -13.74 -24.28
C ASN A 159 5.69 -15.14 -23.90
N MET A 160 6.25 -16.20 -24.52
CA MET A 160 5.92 -17.56 -24.10
C MET A 160 6.30 -17.78 -22.64
N PHE A 161 7.54 -17.44 -22.27
CA PHE A 161 7.94 -17.58 -20.87
C PHE A 161 7.19 -16.62 -19.96
N THR A 162 6.89 -15.40 -20.45
CA THR A 162 6.15 -14.42 -19.65
C THR A 162 4.76 -14.92 -19.30
N SER A 163 4.05 -15.48 -20.30
CA SER A 163 2.72 -16.02 -20.08
C SER A 163 2.75 -17.21 -19.13
N ILE A 164 3.70 -18.13 -19.32
CA ILE A 164 3.72 -19.33 -18.48
C ILE A 164 4.09 -19.00 -17.03
N TRP A 165 5.10 -18.14 -16.82
CA TRP A 165 5.45 -17.75 -15.46
C TRP A 165 4.39 -16.85 -14.82
N THR A 166 3.65 -16.06 -15.61
CA THR A 166 2.54 -15.29 -15.05
C THR A 166 1.42 -16.22 -14.57
N LEU A 167 1.17 -17.31 -15.32
CA LEU A 167 0.22 -18.33 -14.85
C LEU A 167 0.69 -18.98 -13.56
N CYS A 168 1.99 -19.26 -13.46
CA CYS A 168 2.56 -19.80 -12.23
C CYS A 168 2.42 -18.81 -11.07
N THR A 169 2.62 -17.53 -11.35
CA THR A 169 2.51 -16.49 -10.32
C THR A 169 1.07 -16.37 -9.82
N MET A 170 0.08 -16.47 -10.72
CA MET A 170 -1.32 -16.48 -10.29
C MET A 170 -1.65 -17.72 -9.47
N SER A 171 -1.07 -18.87 -9.82
CA SER A 171 -1.26 -20.08 -9.03
C SER A 171 -0.68 -19.91 -7.62
N VAL A 172 0.50 -19.30 -7.53
CA VAL A 172 1.15 -19.02 -6.25
C VAL A 172 0.32 -18.03 -5.43
N ASP A 173 -0.26 -17.03 -6.11
CA ASP A 173 -1.12 -16.04 -5.46
C ASP A 173 -2.36 -16.68 -4.85
N ARG A 174 -3.05 -17.52 -5.62
CA ARG A 174 -4.24 -18.20 -5.11
C ARG A 174 -3.91 -19.20 -4.01
N TYR A 175 -2.75 -19.87 -4.11
CA TYR A 175 -2.31 -20.78 -3.05
C TYR A 175 -2.06 -20.04 -1.74
N ILE A 176 -1.33 -18.92 -1.80
CA ILE A 176 -1.07 -18.12 -0.60
C ILE A 176 -2.36 -17.54 -0.04
N ALA A 177 -3.27 -17.11 -0.92
CA ALA A 177 -4.54 -16.53 -0.51
C ALA A 177 -5.40 -17.53 0.25
N VAL A 178 -5.53 -18.75 -0.28
CA VAL A 178 -6.38 -19.75 0.37
C VAL A 178 -5.70 -20.34 1.60
N CYS A 179 -4.49 -20.87 1.44
CA CYS A 179 -3.87 -21.66 2.51
C CYS A 179 -3.31 -20.82 3.65
N HIS A 180 -2.78 -19.64 3.37
CA HIS A 180 -2.11 -18.81 4.39
C HIS A 180 -2.78 -17.44 4.45
N PRO A 181 -3.91 -17.33 5.16
CA PRO A 181 -4.66 -16.07 5.17
C PRO A 181 -3.95 -14.92 5.88
N VAL A 182 -3.23 -15.21 6.97
CA VAL A 182 -2.53 -14.16 7.72
C VAL A 182 -1.41 -13.56 6.88
N LYS A 183 -0.68 -14.40 6.15
CA LYS A 183 0.39 -13.92 5.28
C LYS A 183 -0.14 -13.40 3.95
N ALA A 184 -1.39 -13.71 3.61
CA ALA A 184 -2.00 -13.20 2.39
C ALA A 184 -2.18 -11.69 2.43
N LEU A 185 -2.47 -11.13 3.61
CA LEU A 185 -2.60 -9.68 3.78
C LEU A 185 -1.32 -8.96 3.38
N ASP A 186 -0.18 -9.41 3.89
CA ASP A 186 1.11 -8.84 3.50
C ASP A 186 1.43 -9.14 2.04
N PHE A 187 1.17 -10.38 1.59
CA PHE A 187 1.57 -10.78 0.25
C PHE A 187 0.72 -10.11 -0.84
N ARG A 188 -0.59 -10.05 -0.65
CA ARG A 188 -1.48 -9.55 -1.70
C ARG A 188 -1.67 -8.06 -1.52
N THR A 189 -0.86 -7.29 -2.23
CA THR A 189 -0.87 -5.84 -2.29
C THR A 189 -0.53 -5.46 -3.72
N PRO A 190 -0.92 -4.26 -4.17
CA PRO A 190 -0.51 -3.84 -5.53
C PRO A 190 0.99 -3.70 -5.72
N ARG A 191 1.71 -3.16 -4.72
CA ARG A 191 3.16 -2.95 -4.82
C ARG A 191 3.90 -4.27 -5.02
N ASN A 192 3.59 -5.28 -4.18
CA ASN A 192 4.27 -6.57 -4.26
C ASN A 192 3.98 -7.27 -5.58
N ALA A 193 2.74 -7.16 -6.07
CA ALA A 193 2.37 -7.73 -7.36
C ALA A 193 3.14 -7.06 -8.50
N LYS A 194 3.31 -5.74 -8.43
CA LYS A 194 4.09 -5.02 -9.44
C LYS A 194 5.55 -5.46 -9.42
N ILE A 195 6.12 -5.63 -8.22
CA ILE A 195 7.52 -6.05 -8.09
C ILE A 195 7.72 -7.46 -8.66
N ILE A 196 6.82 -8.39 -8.30
CA ILE A 196 6.93 -9.77 -8.78
C ILE A 196 6.74 -9.84 -10.29
N ASN A 197 5.77 -9.08 -10.83
CA ASN A 197 5.56 -9.04 -12.27
C ASN A 197 6.78 -8.50 -13.02
N VAL A 198 7.37 -7.39 -12.53
CA VAL A 198 8.58 -6.84 -13.15
C VAL A 198 9.72 -7.85 -13.10
N CYS A 199 9.84 -8.59 -11.99
CA CYS A 199 10.83 -9.67 -11.91
C CYS A 199 10.57 -10.77 -12.93
N ASN A 200 9.29 -11.12 -13.15
CA ASN A 200 8.93 -12.11 -14.16
C ASN A 200 9.34 -11.66 -15.56
N TRP A 201 9.03 -10.42 -15.91
CA TRP A 201 9.40 -9.88 -17.23
C TRP A 201 10.93 -9.86 -17.41
N ILE A 202 11.67 -9.46 -16.37
CA ILE A 202 13.15 -9.47 -16.43
C ILE A 202 13.68 -10.89 -16.60
N LEU A 203 13.10 -11.86 -15.88
CA LEU A 203 13.52 -13.26 -16.04
C LEU A 203 13.22 -13.77 -17.45
N SER A 204 12.13 -13.32 -18.06
CA SER A 204 11.88 -13.67 -19.45
C SER A 204 12.90 -13.02 -20.37
N SER A 205 13.30 -11.77 -20.07
CA SER A 205 14.34 -11.10 -20.84
C SER A 205 15.71 -11.80 -20.75
N ALA A 206 15.94 -12.54 -19.65
CA ALA A 206 17.17 -13.32 -19.47
C ALA A 206 17.43 -14.26 -20.64
N ILE A 207 16.37 -14.83 -21.22
CA ILE A 207 16.49 -15.70 -22.39
C ILE A 207 16.11 -14.92 -23.65
N GLY A 208 15.38 -13.80 -23.50
CA GLY A 208 15.01 -13.00 -24.66
C GLY A 208 16.22 -12.40 -25.37
N LEU A 209 17.17 -11.86 -24.61
CA LEU A 209 18.35 -11.24 -25.22
C LEU A 209 19.26 -12.22 -25.98
N PRO A 210 19.67 -13.40 -25.43
CA PRO A 210 20.54 -14.30 -26.22
C PRO A 210 19.88 -14.84 -27.48
N VAL A 211 18.59 -15.17 -27.41
CA VAL A 211 17.85 -15.63 -28.58
C VAL A 211 17.82 -14.54 -29.65
N MET A 212 17.62 -13.28 -29.22
CA MET A 212 17.67 -12.11 -30.09
C MET A 212 18.99 -12.05 -30.85
N PHE A 213 20.12 -12.07 -30.12
CA PHE A 213 21.43 -11.99 -30.77
C PHE A 213 21.71 -13.20 -31.68
N MET A 214 21.37 -14.41 -31.23
CA MET A 214 21.65 -15.63 -32.01
C MET A 214 20.90 -15.68 -33.33
N ALA A 215 19.63 -15.25 -33.35
CA ALA A 215 18.74 -15.35 -34.51
C ALA A 215 19.26 -14.65 -35.76
N THR A 216 19.54 -15.41 -36.82
CA THR A 216 19.99 -14.81 -38.06
C THR A 216 19.13 -15.36 -39.21
N THR A 217 19.48 -15.03 -40.46
CA THR A 217 18.82 -15.54 -41.65
C THR A 217 19.87 -16.22 -42.53
N LYS A 218 19.58 -17.44 -42.96
CA LYS A 218 20.50 -18.23 -43.77
C LYS A 218 19.89 -18.55 -45.12
N TYR A 219 20.66 -18.39 -46.19
CA TYR A 219 20.20 -18.65 -47.54
C TYR A 219 20.45 -20.12 -47.86
N ARG A 220 19.39 -20.91 -47.90
CA ARG A 220 19.49 -22.34 -48.14
C ARG A 220 18.49 -22.76 -49.20
N GLN A 221 18.99 -23.41 -50.26
CA GLN A 221 18.19 -23.98 -51.36
C GLN A 221 17.34 -22.90 -52.03
N GLY A 222 17.91 -21.70 -52.17
CA GLY A 222 17.21 -20.60 -52.78
C GLY A 222 16.21 -19.91 -51.87
N SER A 223 16.12 -20.27 -50.60
CA SER A 223 15.14 -19.72 -49.69
C SER A 223 15.82 -19.16 -48.45
N ILE A 224 15.47 -17.94 -48.07
CA ILE A 224 15.95 -17.37 -46.82
C ILE A 224 15.22 -18.04 -45.66
N ASP A 225 15.99 -18.41 -44.63
CA ASP A 225 15.43 -19.08 -43.45
C ASP A 225 15.73 -18.24 -42.21
N CYS A 226 14.68 -17.95 -41.45
CA CYS A 226 14.75 -17.15 -40.22
C CYS A 226 14.94 -18.12 -39.06
N THR A 227 16.19 -18.29 -38.61
CA THR A 227 16.44 -19.35 -37.63
C THR A 227 17.57 -18.95 -36.68
N LEU A 228 17.62 -19.65 -35.56
CA LEU A 228 18.69 -19.43 -34.59
C LEU A 228 20.02 -19.94 -35.14
N THR A 229 21.10 -19.22 -34.81
CA THR A 229 22.45 -19.63 -35.17
C THR A 229 23.23 -19.90 -33.88
N PHE A 230 23.84 -21.07 -33.81
CA PHE A 230 24.55 -21.51 -32.61
C PHE A 230 26.04 -21.65 -32.90
N SER A 231 26.86 -21.18 -31.97
CA SER A 231 28.30 -21.28 -32.11
C SER A 231 28.74 -22.74 -32.01
N HIS A 232 29.90 -23.03 -32.61
CA HIS A 232 30.44 -24.39 -32.61
C HIS A 232 30.81 -24.83 -31.20
N PRO A 233 30.44 -26.04 -30.77
CA PRO A 233 29.60 -27.05 -31.45
C PRO A 233 28.10 -26.71 -31.46
N THR A 234 27.47 -26.83 -32.63
CA THR A 234 26.08 -26.42 -32.79
C THR A 234 25.13 -27.33 -32.01
N TRP A 235 25.39 -28.64 -32.03
CA TRP A 235 24.52 -29.62 -31.39
C TRP A 235 24.41 -29.41 -29.88
N TYR A 236 25.52 -29.05 -29.23
CA TYR A 236 25.54 -28.92 -27.78
C TYR A 236 24.73 -27.72 -27.32
N TRP A 237 24.95 -26.56 -27.94
CA TRP A 237 24.22 -25.36 -27.55
C TRP A 237 22.75 -25.45 -27.96
N GLU A 238 22.47 -26.04 -29.13
CA GLU A 238 21.09 -26.20 -29.59
C GLU A 238 20.28 -27.11 -28.67
N ASN A 239 20.85 -28.26 -28.29
CA ASN A 239 20.10 -29.14 -27.41
C ASN A 239 20.09 -28.65 -25.97
N LEU A 240 21.15 -27.96 -25.53
CA LEU A 240 21.13 -27.30 -24.22
C LEU A 240 20.00 -26.28 -24.14
N LEU A 241 19.74 -25.57 -25.24
CA LEU A 241 18.66 -24.58 -25.25
C LEU A 241 17.30 -25.27 -25.29
N LYS A 242 17.18 -26.36 -26.07
CA LYS A 242 15.93 -27.11 -26.09
C LYS A 242 15.61 -27.72 -24.73
N ILE A 243 16.63 -28.27 -24.05
CA ILE A 243 16.44 -28.86 -22.72
C ILE A 243 16.10 -27.80 -21.69
N CYS A 244 16.76 -26.64 -21.73
CA CYS A 244 16.45 -25.58 -20.78
C CYS A 244 15.04 -25.02 -20.97
N VAL A 245 14.64 -24.79 -22.23
CA VAL A 245 13.28 -24.32 -22.51
C VAL A 245 12.25 -25.36 -22.09
N PHE A 246 12.55 -26.66 -22.33
CA PHE A 246 11.66 -27.74 -21.94
C PHE A 246 11.48 -27.81 -20.43
N ILE A 247 12.60 -27.72 -19.69
CA ILE A 247 12.53 -27.82 -18.23
C ILE A 247 11.80 -26.63 -17.64
N PHE A 248 12.24 -25.40 -17.97
CA PHE A 248 11.67 -24.21 -17.35
C PHE A 248 10.24 -23.93 -17.81
N ALA A 249 9.85 -24.39 -19.00
CA ALA A 249 8.48 -24.17 -19.45
C ALA A 249 7.54 -25.32 -19.17
N PHE A 250 8.05 -26.51 -18.86
CA PHE A 250 7.16 -27.66 -18.65
C PHE A 250 7.30 -28.29 -17.28
N ILE A 251 8.51 -28.66 -16.85
CA ILE A 251 8.67 -29.48 -15.65
C ILE A 251 8.31 -28.70 -14.40
N MET A 252 8.95 -27.54 -14.20
CA MET A 252 8.63 -26.67 -13.06
C MET A 252 7.21 -26.06 -13.10
N PRO A 253 6.67 -25.53 -14.22
CA PRO A 253 5.30 -24.98 -14.15
C PRO A 253 4.20 -25.99 -13.85
N VAL A 254 4.26 -27.19 -14.43
CA VAL A 254 3.24 -28.20 -14.16
C VAL A 254 3.28 -28.63 -12.70
N LEU A 255 4.49 -28.81 -12.15
CA LEU A 255 4.65 -29.13 -10.73
C LEU A 255 4.10 -28.03 -9.82
N ILE A 256 4.46 -26.77 -10.10
CA ILE A 256 4.01 -25.65 -9.26
C ILE A 256 2.50 -25.50 -9.30
N ILE A 257 1.92 -25.54 -10.50
CA ILE A 257 0.48 -25.38 -10.67
C ILE A 257 -0.28 -26.54 -10.03
N THR A 258 0.19 -27.78 -10.25
CA THR A 258 -0.50 -28.97 -9.74
C THR A 258 -0.44 -29.03 -8.22
N VAL A 259 0.74 -28.78 -7.63
CA VAL A 259 0.88 -28.84 -6.17
C VAL A 259 0.09 -27.71 -5.50
N CYS A 260 0.19 -26.48 -6.03
CA CYS A 260 -0.50 -25.34 -5.42
C CYS A 260 -2.01 -25.49 -5.52
N TYR A 261 -2.54 -25.86 -6.69
CA TYR A 261 -3.98 -26.02 -6.80
C TYR A 261 -4.49 -27.26 -6.07
N GLY A 262 -3.69 -28.34 -5.98
CA GLY A 262 -4.13 -29.49 -5.21
C GLY A 262 -4.24 -29.20 -3.72
N LEU A 263 -3.22 -28.52 -3.16
CA LEU A 263 -3.29 -28.08 -1.77
C LEU A 263 -4.40 -27.06 -1.57
N MET A 264 -4.68 -26.25 -2.60
CA MET A 264 -5.78 -25.28 -2.54
C MET A 264 -7.12 -25.99 -2.45
N ILE A 265 -7.34 -27.01 -3.28
CA ILE A 265 -8.59 -27.78 -3.26
C ILE A 265 -8.75 -28.51 -1.93
N LEU A 266 -7.65 -29.05 -1.39
CA LEU A 266 -7.69 -29.69 -0.07
C LEU A 266 -8.07 -28.70 1.03
N ARG A 267 -7.44 -27.53 1.04
CA ARG A 267 -7.77 -26.50 2.03
C ARG A 267 -9.21 -26.01 1.89
N LEU A 268 -9.71 -25.90 0.65
CA LEU A 268 -11.11 -25.53 0.43
C LEU A 268 -12.07 -26.60 0.93
N LYS A 269 -11.70 -27.87 0.77
CA LYS A 269 -12.49 -28.94 1.38
C LYS A 269 -12.46 -28.86 2.90
N SER A 270 -11.35 -28.39 3.46
CA SER A 270 -11.24 -28.26 4.91
C SER A 270 -12.07 -27.11 5.47
N VAL A 271 -12.39 -26.11 4.63
CA VAL A 271 -13.18 -24.95 5.05
C VAL A 271 -14.55 -25.37 5.57
N ARG A 272 -14.88 -24.92 6.79
CA ARG A 272 -16.15 -25.23 7.42
C ARG A 272 -17.32 -24.55 6.72
N MET A 273 -17.08 -23.35 6.18
CA MET A 273 -18.13 -22.56 5.53
C MET A 273 -18.70 -23.25 4.29
N LEU A 274 -17.82 -23.74 3.41
CA LEU A 274 -18.26 -24.33 2.15
C LEU A 274 -19.01 -25.64 2.36
N SER A 275 -18.61 -26.43 3.34
CA SER A 275 -19.23 -27.73 3.56
C SER A 275 -20.62 -27.57 4.20
N GLY A 276 -21.35 -28.68 4.23
CA GLY A 276 -22.66 -28.75 4.86
C GLY A 276 -23.84 -28.29 4.02
N SER A 277 -23.88 -27.03 3.62
CA SER A 277 -25.00 -26.51 2.83
C SER A 277 -24.90 -27.00 1.39
N LYS A 278 -26.06 -27.40 0.85
CA LYS A 278 -26.13 -27.93 -0.51
C LYS A 278 -25.74 -26.90 -1.56
N GLU A 279 -26.21 -25.66 -1.41
CA GLU A 279 -25.83 -24.58 -2.31
C GLU A 279 -24.34 -24.26 -2.21
N LYS A 280 -23.82 -24.21 -0.98
CA LYS A 280 -22.40 -23.98 -0.78
C LYS A 280 -21.56 -25.16 -1.26
N ASP A 281 -22.07 -26.39 -1.14
CA ASP A 281 -21.40 -27.55 -1.71
C ASP A 281 -21.36 -27.47 -3.24
N ARG A 282 -22.45 -26.99 -3.85
CA ARG A 282 -22.47 -26.77 -5.29
C ARG A 282 -21.46 -25.70 -5.70
N ASN A 283 -21.32 -24.65 -4.88
CA ASN A 283 -20.32 -23.61 -5.14
C ASN A 283 -18.90 -24.16 -5.04
N LEU A 284 -18.66 -25.04 -4.05
CA LEU A 284 -17.38 -25.75 -3.95
C LEU A 284 -17.13 -26.60 -5.19
N ARG A 285 -18.17 -27.30 -5.67
CA ARG A 285 -18.08 -28.10 -6.89
C ARG A 285 -17.72 -27.24 -8.09
N ARG A 286 -18.32 -26.05 -8.17
CA ARG A 286 -18.03 -25.13 -9.28
C ARG A 286 -16.59 -24.64 -9.23
N ILE A 287 -16.10 -24.27 -8.04
CA ILE A 287 -14.71 -23.82 -7.88
C ILE A 287 -13.73 -24.94 -8.24
N THR A 288 -14.01 -26.16 -7.77
CA THR A 288 -13.15 -27.30 -8.07
C THR A 288 -13.16 -27.62 -9.56
N ARG A 289 -14.33 -27.53 -10.19
CA ARG A 289 -14.47 -27.75 -11.62
C ARG A 289 -13.65 -26.74 -12.41
N MET A 290 -13.76 -25.45 -12.04
CA MET A 290 -12.99 -24.39 -12.71
C MET A 290 -11.49 -24.62 -12.59
N VAL A 291 -11.01 -24.94 -11.38
CA VAL A 291 -9.59 -25.22 -11.13
C VAL A 291 -9.10 -26.39 -11.98
N LEU A 292 -9.88 -27.49 -12.02
CA LEU A 292 -9.51 -28.64 -12.83
C LEU A 292 -9.52 -28.32 -14.32
N VAL A 293 -10.45 -27.48 -14.77
CA VAL A 293 -10.47 -27.02 -16.17
C VAL A 293 -9.20 -26.24 -16.50
N VAL A 294 -8.77 -25.37 -15.58
CA VAL A 294 -7.55 -24.57 -15.78
C VAL A 294 -6.33 -25.47 -15.91
N VAL A 295 -6.15 -26.39 -14.95
CA VAL A 295 -5.03 -27.33 -14.96
C VAL A 295 -5.04 -28.20 -16.22
N ALA A 296 -6.22 -28.72 -16.58
CA ALA A 296 -6.35 -29.58 -17.75
C ALA A 296 -6.05 -28.84 -19.05
N VAL A 297 -6.54 -27.60 -19.19
CA VAL A 297 -6.27 -26.81 -20.39
C VAL A 297 -4.77 -26.51 -20.52
N PHE A 298 -4.12 -26.17 -19.40
CA PHE A 298 -2.68 -25.90 -19.43
C PHE A 298 -1.88 -27.14 -19.85
N ILE A 299 -2.19 -28.30 -19.25
CA ILE A 299 -1.45 -29.53 -19.55
C ILE A 299 -1.71 -29.99 -20.98
N VAL A 300 -2.99 -30.04 -21.39
CA VAL A 300 -3.38 -30.53 -22.72
C VAL A 300 -2.83 -29.63 -23.82
N CYS A 301 -2.75 -28.31 -23.56
CA CYS A 301 -2.19 -27.44 -24.58
C CYS A 301 -0.66 -27.53 -24.65
N TRP A 302 0.04 -27.39 -23.52
CA TRP A 302 1.50 -27.29 -23.62
C TRP A 302 2.22 -28.62 -23.78
N THR A 303 1.67 -29.73 -23.27
CA THR A 303 2.37 -31.01 -23.27
C THR A 303 2.74 -31.58 -24.66
N PRO A 304 1.86 -31.63 -25.68
CA PRO A 304 2.24 -32.31 -26.94
C PRO A 304 3.36 -31.63 -27.71
N ILE A 305 3.39 -30.30 -27.77
CA ILE A 305 4.43 -29.61 -28.54
C ILE A 305 5.81 -29.87 -27.93
N HIS A 306 5.92 -29.84 -26.60
CA HIS A 306 7.20 -30.09 -25.95
C HIS A 306 7.65 -31.54 -26.10
N ILE A 307 6.73 -32.49 -25.88
CA ILE A 307 7.10 -33.90 -26.02
C ILE A 307 7.42 -34.24 -27.48
N TYR A 308 6.69 -33.66 -28.43
CA TYR A 308 6.93 -33.92 -29.84
C TYR A 308 8.24 -33.31 -30.32
N VAL A 309 8.62 -32.13 -29.79
CA VAL A 309 9.95 -31.58 -30.06
C VAL A 309 11.05 -32.49 -29.50
N ILE A 310 10.86 -33.02 -28.30
CA ILE A 310 11.84 -33.94 -27.70
C ILE A 310 11.97 -35.22 -28.53
N ILE A 311 10.85 -35.77 -28.99
CA ILE A 311 10.86 -36.97 -29.82
C ILE A 311 11.54 -36.71 -31.17
N LYS A 312 11.26 -35.55 -31.78
CA LYS A 312 11.90 -35.17 -33.03
C LYS A 312 13.41 -35.03 -32.87
N ALA A 313 13.85 -34.35 -31.80
CA ALA A 313 15.28 -34.17 -31.57
C ALA A 313 15.99 -35.48 -31.27
N LEU A 314 15.39 -36.34 -30.44
CA LEU A 314 16.04 -37.60 -30.09
C LEU A 314 16.07 -38.58 -31.25
N VAL A 315 14.95 -38.72 -31.97
CA VAL A 315 14.81 -39.74 -33.02
C VAL A 315 14.44 -39.05 -34.32
N THR A 316 15.27 -39.21 -35.34
CA THR A 316 14.97 -38.71 -36.67
C THR A 316 13.84 -39.53 -37.30
N ILE A 317 12.85 -38.85 -37.85
CA ILE A 317 11.69 -39.49 -38.47
C ILE A 317 11.57 -39.02 -39.91
N PRO A 318 11.25 -39.91 -40.86
CA PRO A 318 11.12 -39.50 -42.26
C PRO A 318 9.95 -38.56 -42.49
N GLU A 319 10.18 -37.56 -43.35
CA GLU A 319 9.19 -36.52 -43.63
C GLU A 319 7.98 -37.09 -44.34
N THR A 320 6.80 -36.77 -43.81
CA THR A 320 5.51 -37.17 -44.37
C THR A 320 4.54 -36.01 -44.23
N THR A 321 3.43 -36.09 -44.97
CA THR A 321 2.37 -35.09 -44.85
C THR A 321 1.76 -35.09 -43.46
N PHE A 322 1.56 -36.29 -42.90
CA PHE A 322 1.00 -36.43 -41.54
C PHE A 322 1.91 -35.81 -40.49
N GLN A 323 3.23 -35.91 -40.68
CA GLN A 323 4.18 -35.25 -39.78
C GLN A 323 4.04 -33.74 -39.82
N THR A 324 3.88 -33.17 -41.02
CA THR A 324 3.67 -31.73 -41.18
C THR A 324 2.38 -31.28 -40.50
N VAL A 325 1.28 -32.01 -40.75
CA VAL A 325 -0.01 -31.71 -40.12
C VAL A 325 0.09 -31.80 -38.60
N SER A 326 0.77 -32.84 -38.09
CA SER A 326 0.93 -33.00 -36.64
C SER A 326 1.79 -31.90 -36.03
N TRP A 327 2.86 -31.50 -36.72
CA TRP A 327 3.75 -30.45 -36.22
C TRP A 327 3.04 -29.11 -36.13
N HIS A 328 2.33 -28.72 -37.21
CA HIS A 328 1.61 -27.46 -37.17
C HIS A 328 0.40 -27.51 -36.24
N PHE A 329 -0.25 -28.68 -36.11
CA PHE A 329 -1.33 -28.82 -35.14
C PHE A 329 -0.83 -28.70 -33.71
N CYS A 330 0.36 -29.23 -33.43
CA CYS A 330 0.97 -29.06 -32.10
C CYS A 330 1.33 -27.60 -31.83
N ILE A 331 1.83 -26.89 -32.85
CA ILE A 331 2.12 -25.46 -32.70
C ILE A 331 0.84 -24.68 -32.39
N ALA A 332 -0.22 -24.96 -33.16
CA ALA A 332 -1.51 -24.31 -32.94
C ALA A 332 -2.11 -24.66 -31.58
N LEU A 333 -1.94 -25.91 -31.14
CA LEU A 333 -2.38 -26.31 -29.81
C LEU A 333 -1.57 -25.63 -28.71
N GLY A 334 -0.29 -25.37 -28.96
CA GLY A 334 0.50 -24.59 -28.01
C GLY A 334 0.02 -23.16 -27.89
N TYR A 335 -0.31 -22.52 -29.03
CA TYR A 335 -0.87 -21.18 -28.99
C TYR A 335 -2.34 -21.15 -28.57
N THR A 336 -3.01 -22.31 -28.54
CA THR A 336 -4.41 -22.38 -28.12
C THR A 336 -4.59 -22.01 -26.65
N ASN A 337 -3.62 -22.32 -25.79
CA ASN A 337 -3.69 -21.86 -24.40
C ASN A 337 -3.61 -20.34 -24.31
N SER A 338 -2.71 -19.73 -25.10
CA SER A 338 -2.62 -18.28 -25.18
C SER A 338 -3.90 -17.66 -25.72
N CYS A 339 -4.57 -18.37 -26.63
CA CYS A 339 -5.83 -17.90 -27.19
C CYS A 339 -6.97 -18.03 -26.17
N LEU A 340 -6.99 -19.12 -25.40
CA LEU A 340 -8.08 -19.43 -24.47
C LEU A 340 -7.85 -18.88 -23.07
N ASN A 341 -6.72 -18.21 -22.81
CA ASN A 341 -6.52 -17.58 -21.50
C ASN A 341 -7.52 -16.49 -21.13
N PRO A 342 -7.97 -15.54 -22.06
CA PRO A 342 -8.99 -14.56 -21.64
C PRO A 342 -10.30 -15.18 -21.15
N VAL A 343 -10.91 -16.04 -21.98
CA VAL A 343 -12.17 -16.71 -21.62
C VAL A 343 -12.03 -17.50 -20.32
N LEU A 344 -10.89 -18.18 -20.14
CA LEU A 344 -10.68 -19.00 -18.94
C LEU A 344 -10.51 -18.15 -17.68
N TYR A 345 -9.71 -17.08 -17.75
CA TYR A 345 -9.41 -16.28 -16.55
C TYR A 345 -10.32 -15.06 -16.39
N ALA A 346 -10.30 -14.14 -17.35
CA ALA A 346 -10.97 -12.86 -17.18
C ALA A 346 -12.49 -13.01 -17.21
N PHE A 347 -13.02 -13.73 -18.20
CA PHE A 347 -14.47 -13.81 -18.38
C PHE A 347 -15.13 -14.63 -17.27
N LEU A 348 -14.50 -15.74 -16.88
CA LEU A 348 -15.04 -16.56 -15.79
C LEU A 348 -14.94 -15.85 -14.44
N ASP A 349 -14.01 -14.91 -14.30
CA ASP A 349 -13.89 -14.10 -13.09
C ASP A 349 -15.18 -13.32 -12.84
N GLU A 350 -15.66 -13.36 -11.59
CA GLU A 350 -16.94 -12.77 -11.24
C GLU A 350 -16.91 -11.25 -11.27
N ASN A 351 -15.78 -10.64 -10.94
CA ASN A 351 -15.67 -9.18 -10.94
C ASN A 351 -15.83 -8.62 -12.34
N PHE A 352 -15.12 -9.19 -13.31
CA PHE A 352 -15.26 -8.78 -14.70
C PHE A 352 -16.63 -9.15 -15.25
N LYS A 353 -17.21 -10.27 -14.77
CA LYS A 353 -18.58 -10.62 -15.12
C LYS A 353 -19.57 -9.55 -14.67
N ARG A 354 -19.41 -9.05 -13.44
CA ARG A 354 -20.26 -7.96 -12.94
C ARG A 354 -20.05 -6.68 -13.75
N CYS A 355 -18.79 -6.37 -14.08
CA CYS A 355 -18.50 -5.18 -14.88
C CYS A 355 -19.12 -5.29 -16.28
N PHE A 356 -19.10 -6.49 -16.87
CA PHE A 356 -19.75 -6.70 -18.16
C PHE A 356 -21.27 -6.60 -18.05
N ARG A 357 -21.85 -7.10 -16.94
CA ARG A 357 -23.29 -7.03 -16.74
C ARG A 357 -23.75 -5.58 -16.58
N GLU A 358 -23.04 -4.79 -15.77
CA GLU A 358 -23.41 -3.40 -15.54
C GLU A 358 -23.29 -2.56 -16.80
N PHE A 359 -22.24 -2.79 -17.59
CA PHE A 359 -22.03 -2.01 -18.81
C PHE A 359 -22.18 -2.89 -20.05
N TYR B 1 5.91 -22.09 -31.03
CA TYR B 1 7.24 -22.44 -30.54
C TYR B 1 8.06 -23.18 -31.59
N GLY B 2 7.43 -24.09 -32.31
CA GLY B 2 8.12 -24.89 -33.31
C GLY B 2 8.07 -24.35 -34.72
N GLY B 3 7.51 -23.16 -34.93
CA GLY B 3 7.42 -22.62 -36.28
C GLY B 3 8.78 -22.32 -36.88
N PHE B 4 9.72 -21.88 -36.06
CA PHE B 4 11.04 -21.46 -36.51
C PHE B 4 12.10 -22.55 -36.41
N MET B 5 11.71 -23.76 -36.04
CA MET B 5 12.61 -24.91 -36.09
C MET B 5 12.99 -25.22 -37.53
N THR B 6 14.27 -25.56 -37.74
CA THR B 6 14.78 -25.84 -39.08
C THR B 6 14.13 -27.08 -39.70
N SER B 7 13.27 -26.85 -40.68
CA SER B 7 12.55 -27.90 -41.39
C SER B 7 12.41 -27.51 -42.84
N GLU B 8 13.02 -28.29 -43.74
CA GLU B 8 12.91 -28.07 -45.18
C GLU B 8 11.46 -28.16 -45.65
N LYS B 9 10.90 -27.03 -46.09
CA LYS B 9 9.51 -26.95 -46.49
C LYS B 9 9.40 -26.53 -47.95
N SER B 10 8.63 -27.28 -48.72
CA SER B 10 8.37 -26.97 -50.12
C SER B 10 7.27 -25.92 -50.23
N GLN B 11 7.19 -25.30 -51.40
CA GLN B 11 6.17 -24.29 -51.64
C GLN B 11 4.83 -24.97 -51.91
N THR B 12 3.75 -24.35 -51.43
CA THR B 12 2.42 -24.93 -51.59
C THR B 12 1.79 -24.46 -52.90
N PRO B 13 0.87 -25.25 -53.47
CA PRO B 13 0.14 -24.80 -54.67
C PRO B 13 -0.77 -23.60 -54.42
N LEU B 14 -1.24 -23.40 -53.19
CA LEU B 14 -2.12 -22.28 -52.87
C LEU B 14 -1.42 -20.93 -53.09
N VAL B 15 -0.12 -20.86 -52.80
CA VAL B 15 0.65 -19.64 -53.05
C VAL B 15 0.79 -19.40 -54.55
N THR B 16 0.95 -20.48 -55.33
CA THR B 16 0.99 -20.37 -56.79
C THR B 16 -0.35 -19.87 -57.33
N LEU B 17 -1.46 -20.37 -56.78
CA LEU B 17 -2.79 -19.88 -57.16
C LEU B 17 -2.98 -18.42 -56.78
N PHE B 18 -2.44 -18.00 -55.63
CA PHE B 18 -2.50 -16.60 -55.23
C PHE B 18 -1.71 -15.71 -56.19
N LYS B 19 -0.50 -16.14 -56.54
CA LYS B 19 0.33 -15.40 -57.49
C LYS B 19 -0.32 -15.31 -58.87
N ASN B 20 -0.97 -16.39 -59.31
CA ASN B 20 -1.72 -16.37 -60.56
C ASN B 20 -2.88 -15.38 -60.49
N ALA B 21 -3.70 -15.47 -59.46
CA ALA B 21 -4.83 -14.57 -59.30
C ALA B 21 -4.45 -13.35 -58.49
N THR C 4 7.10 28.27 -13.33
CA THR C 4 5.80 28.90 -13.13
C THR C 4 5.52 29.09 -11.63
N LEU C 5 5.46 27.97 -10.91
CA LEU C 5 5.18 28.00 -9.48
C LEU C 5 6.33 28.63 -8.71
N SER C 6 5.99 29.39 -7.67
CA SER C 6 6.98 30.02 -6.81
C SER C 6 7.64 28.97 -5.91
N ALA C 7 8.74 29.39 -5.28
CA ALA C 7 9.51 28.51 -4.40
C ALA C 7 8.69 28.05 -3.20
N GLU C 8 7.90 28.96 -2.61
CA GLU C 8 7.03 28.59 -1.50
C GLU C 8 5.94 27.61 -1.95
N ASP C 9 5.43 27.79 -3.17
CA ASP C 9 4.46 26.83 -3.72
C ASP C 9 5.08 25.46 -3.93
N LYS C 10 6.32 25.41 -4.41
CA LYS C 10 7.03 24.15 -4.59
C LYS C 10 7.30 23.46 -3.25
N ALA C 11 7.66 24.25 -2.22
CA ALA C 11 7.83 23.70 -0.88
C ALA C 11 6.51 23.17 -0.32
N ALA C 12 5.40 23.86 -0.61
CA ALA C 12 4.08 23.38 -0.21
C ALA C 12 3.72 22.08 -0.91
N VAL C 13 4.07 21.95 -2.19
CA VAL C 13 3.86 20.70 -2.92
C VAL C 13 4.69 19.56 -2.31
N GLU C 14 5.93 19.87 -1.92
CA GLU C 14 6.79 18.87 -1.27
C GLU C 14 6.21 18.44 0.09
N ARG C 15 5.68 19.40 0.85
CA ARG C 15 5.00 19.10 2.10
C ARG C 15 3.77 18.23 1.88
N SER C 16 3.01 18.51 0.82
CA SER C 16 1.85 17.71 0.47
C SER C 16 2.24 16.28 0.09
N LYS C 17 3.37 16.13 -0.63
CA LYS C 17 3.86 14.78 -0.97
C LYS C 17 4.29 14.01 0.28
N MET C 18 4.96 14.68 1.23
CA MET C 18 5.33 14.02 2.47
C MET C 18 4.10 13.60 3.28
N ILE C 19 3.08 14.46 3.31
CA ILE C 19 1.81 14.12 3.97
C ILE C 19 1.14 12.95 3.28
N ASP C 20 1.21 12.91 1.94
CA ASP C 20 0.65 11.79 1.18
C ASP C 20 1.35 10.47 1.51
N ARG C 21 2.68 10.51 1.65
CA ARG C 21 3.43 9.31 2.03
C ARG C 21 3.05 8.83 3.43
N ASN C 22 2.92 9.77 4.38
CA ASN C 22 2.51 9.41 5.74
C ASN C 22 1.09 8.84 5.78
N LEU C 23 0.17 9.43 5.01
CA LEU C 23 -1.20 8.93 4.94
C LEU C 23 -1.26 7.55 4.28
N ARG C 24 -0.43 7.32 3.26
CA ARG C 24 -0.38 6.01 2.62
C ARG C 24 0.13 4.94 3.58
N GLU C 25 1.16 5.26 4.36
CA GLU C 25 1.67 4.32 5.36
C GLU C 25 0.63 4.02 6.44
N ASP C 26 -0.06 5.07 6.91
CA ASP C 26 -1.13 4.88 7.90
C ASP C 26 -2.29 4.08 7.33
N GLY C 27 -2.61 4.29 6.05
CA GLY C 27 -3.66 3.52 5.41
C GLY C 27 -3.32 2.05 5.28
N GLU C 28 -2.06 1.74 4.95
CA GLU C 28 -1.63 0.34 4.89
C GLU C 28 -1.68 -0.32 6.27
N LYS C 29 -1.21 0.39 7.30
CA LYS C 29 -1.24 -0.13 8.66
C LYS C 29 -2.67 -0.34 9.15
N ALA C 30 -3.58 0.57 8.81
CA ALA C 30 -4.99 0.37 9.14
C ALA C 30 -5.60 -0.78 8.35
N ALA C 31 -5.17 -0.96 7.10
CA ALA C 31 -5.68 -2.04 6.26
C ALA C 31 -5.32 -3.41 6.82
N ARG C 32 -4.12 -3.53 7.39
CA ARG C 32 -3.71 -4.81 7.99
C ARG C 32 -4.58 -5.17 9.20
N GLU C 33 -4.96 -4.18 10.01
CA GLU C 33 -5.72 -4.38 11.25
C GLU C 33 -7.09 -5.03 11.00
N VAL C 34 -7.38 -6.07 11.78
CA VAL C 34 -8.68 -6.74 11.75
C VAL C 34 -9.61 -6.12 12.78
N LYS C 35 -10.77 -5.65 12.33
CA LYS C 35 -11.75 -4.99 13.18
C LYS C 35 -12.88 -5.95 13.57
N LEU C 36 -13.17 -6.04 14.86
CA LEU C 36 -14.25 -6.86 15.40
C LEU C 36 -15.21 -5.97 16.19
N LEU C 37 -16.50 -6.06 15.88
CA LEU C 37 -17.53 -5.30 16.59
C LEU C 37 -18.16 -6.17 17.67
N LEU C 38 -18.19 -5.69 18.91
CA LEU C 38 -18.69 -6.47 20.04
C LEU C 38 -20.07 -5.98 20.44
N LEU C 39 -21.02 -6.91 20.57
CA LEU C 39 -22.40 -6.61 20.91
C LEU C 39 -22.91 -7.60 21.94
N GLY C 40 -24.01 -7.23 22.58
CA GLY C 40 -24.65 -8.09 23.56
C GLY C 40 -25.29 -7.26 24.66
N ALA C 41 -25.85 -7.97 25.63
CA ALA C 41 -26.48 -7.32 26.77
C ALA C 41 -25.43 -6.93 27.81
N GLY C 42 -25.89 -6.16 28.81
CA GLY C 42 -25.00 -5.74 29.89
C GLY C 42 -24.55 -6.89 30.77
N GLU C 43 -25.43 -7.87 31.00
CA GLU C 43 -25.15 -9.00 31.87
C GLU C 43 -24.48 -10.16 31.15
N SER C 44 -24.12 -9.97 29.88
CA SER C 44 -23.51 -11.04 29.09
C SER C 44 -22.15 -11.46 29.63
N GLY C 45 -21.37 -10.51 30.14
CA GLY C 45 -20.03 -10.86 30.57
C GLY C 45 -18.96 -10.29 29.67
N LYS C 46 -19.26 -9.14 29.05
CA LYS C 46 -18.35 -8.49 28.10
C LYS C 46 -17.00 -8.17 28.74
N SER C 47 -17.02 -7.61 29.96
CA SER C 47 -15.78 -7.24 30.64
C SER C 47 -14.92 -8.46 30.94
N THR C 48 -15.55 -9.56 31.37
CA THR C 48 -14.83 -10.79 31.70
C THR C 48 -14.15 -11.38 30.47
N ILE C 49 -14.90 -11.53 29.38
CA ILE C 49 -14.34 -12.12 28.16
C ILE C 49 -13.29 -11.19 27.52
N VAL C 50 -13.45 -9.87 27.63
CA VAL C 50 -12.44 -8.96 27.11
C VAL C 50 -11.15 -9.04 27.94
N LYS C 51 -11.28 -9.17 29.26
CA LYS C 51 -10.11 -9.39 30.11
C LYS C 51 -9.44 -10.73 29.81
N GLN C 52 -10.22 -11.77 29.52
CA GLN C 52 -9.65 -13.07 29.15
C GLN C 52 -8.91 -13.00 27.83
N MET C 53 -9.50 -12.35 26.81
CA MET C 53 -8.85 -12.25 25.51
C MET C 53 -7.61 -11.37 25.54
N LYS C 54 -7.65 -10.28 26.32
CA LYS C 54 -6.53 -9.35 26.40
C LYS C 54 -5.31 -10.00 27.04
N ILE C 55 -5.50 -10.76 28.12
CA ILE C 55 -4.42 -11.47 28.77
C ILE C 55 -3.92 -12.62 27.91
N THR C 182 -15.44 6.60 28.21
CA THR C 182 -16.85 6.43 27.90
C THR C 182 -17.04 6.23 26.39
N GLY C 183 -18.27 5.93 26.00
CA GLY C 183 -18.58 5.68 24.59
C GLY C 183 -17.93 4.40 24.09
N ILE C 184 -17.21 4.52 22.97
CA ILE C 184 -16.57 3.37 22.36
C ILE C 184 -15.41 2.91 23.23
N VAL C 185 -15.32 1.60 23.44
CA VAL C 185 -14.22 1.00 24.18
C VAL C 185 -13.39 0.18 23.20
N GLU C 186 -12.16 0.59 22.97
CA GLU C 186 -11.29 -0.05 21.99
C GLU C 186 -10.33 -0.99 22.71
N THR C 187 -10.33 -2.26 22.32
CA THR C 187 -9.39 -3.25 22.85
C THR C 187 -8.49 -3.71 21.71
N HIS C 188 -7.18 -3.61 21.92
CA HIS C 188 -6.20 -3.97 20.90
C HIS C 188 -5.36 -5.13 21.39
N PHE C 189 -5.36 -6.24 20.65
CA PHE C 189 -4.55 -7.38 21.03
C PHE C 189 -4.03 -8.09 19.78
N THR C 190 -2.90 -8.76 19.92
CA THR C 190 -2.23 -9.41 18.81
C THR C 190 -2.20 -10.91 19.05
N PHE C 191 -2.77 -11.67 18.13
CA PHE C 191 -2.74 -13.13 18.22
C PHE C 191 -2.24 -13.70 16.90
N LYS C 192 -1.21 -14.55 17.00
CA LYS C 192 -0.54 -15.22 15.87
C LYS C 192 -0.13 -14.24 14.77
N ASP C 193 0.49 -13.13 15.20
CA ASP C 193 0.91 -12.01 14.35
C ASP C 193 -0.27 -11.41 13.57
N LEU C 194 -1.44 -11.38 14.21
CA LEU C 194 -2.63 -10.78 13.61
C LEU C 194 -3.23 -9.79 14.59
N HIS C 195 -3.37 -8.54 14.14
CA HIS C 195 -3.86 -7.46 14.97
C HIS C 195 -5.39 -7.45 15.02
N PHE C 196 -5.95 -7.44 16.23
CA PHE C 196 -7.38 -7.34 16.44
C PHE C 196 -7.69 -6.07 17.22
N LYS C 197 -8.62 -5.28 16.69
CA LYS C 197 -9.22 -4.15 17.40
C LYS C 197 -10.69 -4.45 17.60
N MET C 198 -11.12 -4.50 18.86
CA MET C 198 -12.48 -4.86 19.23
C MET C 198 -13.17 -3.61 19.78
N PHE C 199 -14.32 -3.28 19.19
CA PHE C 199 -15.06 -2.08 19.53
C PHE C 199 -16.28 -2.47 20.36
N ASP C 200 -16.26 -2.08 21.64
CA ASP C 200 -17.38 -2.28 22.56
C ASP C 200 -18.24 -1.02 22.55
N VAL C 201 -19.45 -1.13 22.02
CA VAL C 201 -20.37 0.00 21.89
C VAL C 201 -21.48 -0.04 22.95
N GLY C 202 -21.34 -0.90 23.97
CA GLY C 202 -22.39 -1.09 24.95
C GLY C 202 -22.73 0.12 25.79
N ALA C 203 -21.75 1.02 26.00
CA ALA C 203 -21.93 2.17 26.88
C ALA C 203 -22.98 3.14 26.33
N GLN C 204 -23.05 3.31 25.01
CA GLN C 204 -23.96 4.26 24.39
C GLN C 204 -25.43 3.85 24.58
N ARG C 205 -26.25 4.83 24.96
CA ARG C 205 -27.68 4.62 25.16
C ARG C 205 -28.50 5.18 24.00
N SER C 206 -27.85 5.76 22.99
CA SER C 206 -28.53 6.38 21.87
C SER C 206 -29.14 5.33 20.94
N GLU C 207 -30.04 5.79 20.07
CA GLU C 207 -30.70 4.93 19.10
C GLU C 207 -29.69 4.34 18.12
N ARG C 208 -29.70 3.01 18.00
CA ARG C 208 -28.65 2.28 17.30
C ARG C 208 -28.74 2.48 15.79
N LYS C 209 -29.93 2.79 15.26
CA LYS C 209 -30.17 2.87 13.83
C LYS C 209 -29.33 3.96 13.16
N LYS C 210 -29.15 5.09 13.84
CA LYS C 210 -28.42 6.21 13.23
C LYS C 210 -26.92 5.95 13.15
N TRP C 211 -26.32 5.35 14.18
CA TRP C 211 -24.87 5.17 14.18
C TRP C 211 -24.43 3.76 13.81
N ILE C 212 -25.37 2.87 13.46
CA ILE C 212 -25.00 1.50 13.13
C ILE C 212 -24.29 1.43 11.77
N HIS C 213 -24.57 2.38 10.87
CA HIS C 213 -24.02 2.34 9.51
C HIS C 213 -22.53 2.59 9.46
N CYS C 214 -21.97 3.27 10.47
CA CYS C 214 -20.53 3.48 10.58
C CYS C 214 -19.75 2.17 10.57
N PHE C 215 -20.29 1.14 11.22
CA PHE C 215 -19.60 -0.14 11.40
C PHE C 215 -19.79 -1.09 10.23
N GLU C 216 -20.08 -0.58 9.03
CA GLU C 216 -20.31 -1.44 7.87
C GLU C 216 -19.05 -2.21 7.49
N GLY C 217 -17.90 -1.55 7.50
CA GLY C 217 -16.65 -2.21 7.17
C GLY C 217 -16.02 -2.95 8.33
N VAL C 218 -16.67 -4.02 8.79
CA VAL C 218 -16.20 -4.80 9.93
C VAL C 218 -16.03 -6.24 9.48
N THR C 219 -14.97 -6.89 9.97
CA THR C 219 -14.72 -8.28 9.60
C THR C 219 -15.77 -9.20 10.22
N ALA C 220 -16.02 -9.07 11.51
CA ALA C 220 -16.98 -9.93 12.18
C ALA C 220 -17.61 -9.20 13.36
N ILE C 221 -18.79 -9.69 13.75
CA ILE C 221 -19.51 -9.19 14.90
C ILE C 221 -19.56 -10.31 15.93
N ILE C 222 -19.03 -10.05 17.12
CA ILE C 222 -19.05 -11.01 18.21
C ILE C 222 -20.21 -10.62 19.11
N PHE C 223 -21.21 -11.50 19.20
CA PHE C 223 -22.43 -11.23 19.94
C PHE C 223 -22.47 -12.18 21.13
N CYS C 224 -22.49 -11.62 22.34
CA CYS C 224 -22.41 -12.38 23.57
C CYS C 224 -23.74 -12.32 24.31
N VAL C 225 -24.26 -13.48 24.68
CA VAL C 225 -25.44 -13.58 25.55
C VAL C 225 -25.17 -14.64 26.59
N ALA C 226 -25.97 -14.61 27.67
CA ALA C 226 -25.82 -15.51 28.79
C ALA C 226 -26.94 -16.54 28.76
N LEU C 227 -26.58 -17.82 28.91
CA LEU C 227 -27.56 -18.90 28.91
C LEU C 227 -28.51 -18.82 30.10
N SER C 228 -28.04 -18.33 31.25
CA SER C 228 -28.83 -18.24 32.47
C SER C 228 -29.81 -17.07 32.48
N ASP C 229 -29.95 -16.34 31.37
CA ASP C 229 -30.83 -15.17 31.33
C ASP C 229 -32.32 -15.52 31.40
N TYR C 230 -32.70 -16.75 31.03
CA TYR C 230 -34.12 -17.09 30.89
C TYR C 230 -34.84 -17.06 32.24
N ASP C 231 -34.17 -17.49 33.32
CA ASP C 231 -34.77 -17.42 34.65
C ASP C 231 -34.88 -15.99 35.13
N LEU C 232 -33.88 -15.16 34.82
CA LEU C 232 -33.89 -13.76 35.23
C LEU C 232 -34.95 -12.98 34.48
N VAL C 233 -35.70 -12.16 35.21
CA VAL C 233 -36.83 -11.41 34.69
C VAL C 233 -36.69 -9.97 35.14
N LEU C 234 -36.68 -9.03 34.18
CA LEU C 234 -36.59 -7.61 34.48
C LEU C 234 -37.74 -7.14 35.37
N ALA C 235 -37.43 -6.16 36.23
CA ALA C 235 -38.39 -5.64 37.20
C ALA C 235 -39.32 -4.65 36.49
N GLU C 236 -40.32 -5.22 35.81
CA GLU C 236 -41.30 -4.44 35.07
C GLU C 236 -42.69 -4.95 35.46
N ASP C 237 -43.71 -4.13 35.19
CA ASP C 237 -45.09 -4.51 35.47
C ASP C 237 -45.52 -5.73 34.65
N GLU C 238 -45.10 -5.79 33.38
CA GLU C 238 -45.35 -6.94 32.52
C GLU C 238 -44.06 -7.76 32.52
N GLU C 239 -44.09 -8.87 33.28
CA GLU C 239 -42.94 -9.76 33.42
C GLU C 239 -42.55 -10.35 32.07
N MET C 240 -41.31 -10.06 31.63
CA MET C 240 -40.83 -10.47 30.32
C MET C 240 -39.54 -11.26 30.47
N ASN C 241 -39.31 -12.17 29.53
CA ASN C 241 -38.13 -13.02 29.53
C ASN C 241 -36.98 -12.29 28.84
N ARG C 242 -35.88 -12.08 29.59
CA ARG C 242 -34.68 -11.43 29.07
C ARG C 242 -34.06 -12.21 27.91
N MET C 243 -34.20 -13.54 27.92
CA MET C 243 -33.74 -14.38 26.80
C MET C 243 -34.45 -14.03 25.50
N HIS C 244 -35.77 -13.82 25.55
CA HIS C 244 -36.51 -13.38 24.36
C HIS C 244 -36.10 -11.98 23.93
N GLU C 245 -35.72 -11.11 24.87
CA GLU C 245 -35.18 -9.81 24.51
C GLU C 245 -33.85 -9.95 23.77
N SER C 246 -33.01 -10.88 24.22
CA SER C 246 -31.77 -11.19 23.50
C SER C 246 -32.06 -11.78 22.12
N MET C 247 -33.11 -12.59 22.01
CA MET C 247 -33.53 -13.12 20.70
C MET C 247 -33.95 -12.01 19.76
N LYS C 248 -34.73 -11.05 20.25
CA LYS C 248 -35.15 -9.90 19.44
C LYS C 248 -33.96 -9.03 19.05
N LEU C 249 -33.01 -8.87 19.97
CA LEU C 249 -31.79 -8.12 19.68
C LEU C 249 -30.96 -8.79 18.59
N PHE C 250 -30.80 -10.11 18.67
CA PHE C 250 -30.06 -10.86 17.65
C PHE C 250 -30.78 -10.84 16.31
N ASP C 251 -32.12 -10.90 16.33
CA ASP C 251 -32.90 -10.83 15.10
C ASP C 251 -32.78 -9.45 14.45
N SER C 252 -32.76 -8.39 15.26
CA SER C 252 -32.60 -7.04 14.73
C SER C 252 -31.21 -6.82 14.15
N ILE C 253 -30.17 -7.32 14.84
CA ILE C 253 -28.80 -7.14 14.35
C ILE C 253 -28.55 -7.98 13.10
N CYS C 254 -29.04 -9.23 13.08
CA CYS C 254 -28.78 -10.14 11.98
C CYS C 254 -29.49 -9.71 10.69
N ASN C 255 -30.72 -9.21 10.81
CA ASN C 255 -31.51 -8.84 9.65
C ASN C 255 -31.25 -7.40 9.19
N ASN C 256 -30.25 -6.74 9.78
CA ASN C 256 -29.89 -5.38 9.38
C ASN C 256 -29.36 -5.36 7.95
N LYS C 257 -29.78 -4.34 7.19
CA LYS C 257 -29.37 -4.22 5.79
C LYS C 257 -27.88 -3.94 5.65
N TRP C 258 -27.27 -3.26 6.62
CA TRP C 258 -25.84 -2.99 6.57
C TRP C 258 -25.00 -4.25 6.78
N PHE C 259 -25.55 -5.27 7.45
CA PHE C 259 -24.83 -6.48 7.77
C PHE C 259 -25.54 -7.65 7.09
N THR C 260 -25.21 -7.87 5.82
CA THR C 260 -25.70 -9.03 5.08
C THR C 260 -24.62 -10.08 4.86
N ASP C 261 -23.38 -9.66 4.63
CA ASP C 261 -22.27 -10.58 4.43
C ASP C 261 -21.35 -10.65 5.64
N THR C 262 -21.71 -10.03 6.76
CA THR C 262 -20.86 -9.96 7.93
C THR C 262 -21.13 -11.16 8.83
N SER C 263 -20.08 -11.92 9.15
CA SER C 263 -20.23 -13.08 9.98
C SER C 263 -20.49 -12.70 11.43
N ILE C 264 -21.21 -13.56 12.14
CA ILE C 264 -21.53 -13.38 13.54
C ILE C 264 -20.92 -14.53 14.33
N ILE C 265 -20.13 -14.20 15.33
CA ILE C 265 -19.57 -15.16 16.27
C ILE C 265 -20.43 -15.09 17.52
N LEU C 266 -21.20 -16.14 17.78
CA LEU C 266 -22.15 -16.14 18.88
C LEU C 266 -21.56 -16.84 20.09
N PHE C 267 -21.56 -16.15 21.23
CA PHE C 267 -21.02 -16.68 22.46
C PHE C 267 -22.13 -16.84 23.49
N LEU C 268 -22.20 -18.04 24.07
CA LEU C 268 -23.16 -18.39 25.10
C LEU C 268 -22.40 -18.49 26.41
N ASN C 269 -22.86 -17.77 27.42
CA ASN C 269 -22.09 -17.59 28.64
C ASN C 269 -22.74 -18.33 29.81
N LYS C 270 -21.94 -18.48 30.87
CA LYS C 270 -22.34 -19.10 32.15
C LYS C 270 -22.86 -20.53 31.95
N LYS C 271 -21.99 -21.36 31.36
CA LYS C 271 -22.39 -22.73 31.02
C LYS C 271 -22.59 -23.60 32.26
N ASP C 272 -21.72 -23.46 33.27
CA ASP C 272 -21.87 -24.25 34.50
C ASP C 272 -23.11 -23.85 35.29
N LEU C 273 -23.36 -22.55 35.40
CA LEU C 273 -24.58 -22.07 36.06
C LEU C 273 -25.83 -22.48 35.28
N PHE C 274 -25.74 -22.50 33.94
CA PHE C 274 -26.85 -23.00 33.12
C PHE C 274 -27.10 -24.47 33.35
N GLU C 275 -26.03 -25.26 33.50
CA GLU C 275 -26.17 -26.70 33.78
C GLU C 275 -26.81 -26.94 35.14
N GLU C 276 -26.35 -26.21 36.16
CA GLU C 276 -26.95 -26.31 37.49
C GLU C 276 -28.41 -25.86 37.49
N LYS C 277 -28.72 -24.81 36.75
CA LYS C 277 -30.08 -24.29 36.70
C LYS C 277 -31.02 -25.23 35.96
N ILE C 278 -30.60 -25.75 34.80
CA ILE C 278 -31.41 -26.70 34.05
C ILE C 278 -31.58 -28.01 34.84
N LYS C 279 -30.59 -28.38 35.67
CA LYS C 279 -30.78 -29.51 36.57
C LYS C 279 -31.83 -29.20 37.64
N LYS C 280 -31.74 -28.00 38.24
CA LYS C 280 -32.70 -27.64 39.29
C LYS C 280 -34.07 -27.30 38.72
N SER C 281 -34.12 -26.49 37.66
CA SER C 281 -35.37 -25.96 37.15
C SER C 281 -35.54 -26.31 35.67
N PRO C 282 -36.70 -26.80 35.26
CA PRO C 282 -36.92 -27.12 33.83
C PRO C 282 -37.08 -25.86 32.99
N LEU C 283 -36.84 -26.03 31.69
CA LEU C 283 -36.97 -24.95 30.72
C LEU C 283 -38.40 -24.80 30.20
N THR C 284 -39.32 -25.66 30.65
CA THR C 284 -40.71 -25.58 30.21
C THR C 284 -41.41 -24.33 30.71
N ILE C 285 -40.99 -23.78 31.85
CA ILE C 285 -41.71 -22.68 32.50
C ILE C 285 -41.63 -21.39 31.68
N CYS C 286 -40.46 -21.08 31.10
CA CYS C 286 -40.33 -19.85 30.33
C CYS C 286 -41.08 -19.92 29.00
N TYR C 287 -40.67 -20.83 28.12
CA TYR C 287 -41.45 -21.04 26.90
C TYR C 287 -41.91 -22.49 26.82
N PRO C 288 -43.21 -22.73 26.57
CA PRO C 288 -43.74 -24.11 26.61
C PRO C 288 -43.27 -25.01 25.47
N GLU C 289 -42.71 -24.46 24.39
CA GLU C 289 -42.38 -25.23 23.19
C GLU C 289 -41.37 -26.34 23.47
N TYR C 290 -40.39 -26.10 24.32
CA TYR C 290 -39.44 -27.14 24.68
C TYR C 290 -40.12 -28.18 25.57
N ALA C 291 -40.05 -29.44 25.15
CA ALA C 291 -40.63 -30.54 25.89
C ALA C 291 -39.63 -31.63 26.23
N GLY C 292 -38.35 -31.44 25.92
CA GLY C 292 -37.35 -32.44 26.22
C GLY C 292 -37.06 -32.54 27.71
N SER C 293 -36.54 -33.71 28.10
CA SER C 293 -36.14 -33.94 29.48
C SER C 293 -34.95 -33.05 29.86
N ASN C 294 -34.85 -32.75 31.15
CA ASN C 294 -33.80 -31.87 31.65
C ASN C 294 -32.40 -32.44 31.44
N THR C 295 -31.60 -31.71 30.66
CA THR C 295 -30.25 -32.08 30.25
C THR C 295 -29.60 -30.85 29.64
N TYR C 296 -28.42 -30.46 30.17
CA TYR C 296 -27.67 -29.31 29.64
C TYR C 296 -27.36 -29.46 28.16
N GLU C 297 -27.06 -30.68 27.70
CA GLU C 297 -26.74 -30.94 26.30
C GLU C 297 -27.92 -30.62 25.38
N GLU C 298 -29.05 -31.31 25.59
CA GLU C 298 -30.24 -31.13 24.76
C GLU C 298 -30.76 -29.68 24.80
N ALA C 299 -30.85 -29.10 26.00
CA ALA C 299 -31.36 -27.73 26.14
C ALA C 299 -30.43 -26.71 25.50
N ALA C 300 -29.11 -26.86 25.69
CA ALA C 300 -28.14 -25.96 25.08
C ALA C 300 -28.15 -26.10 23.55
N ALA C 301 -28.28 -27.32 23.04
CA ALA C 301 -28.37 -27.53 21.60
C ALA C 301 -29.67 -26.95 21.04
N TYR C 302 -30.76 -26.99 21.81
CA TYR C 302 -32.02 -26.41 21.35
C TYR C 302 -31.93 -24.88 21.31
N ILE C 303 -31.30 -24.27 22.32
CA ILE C 303 -31.09 -22.83 22.31
C ILE C 303 -30.19 -22.41 21.13
N GLN C 304 -29.15 -23.22 20.88
CA GLN C 304 -28.24 -22.98 19.75
C GLN C 304 -28.96 -23.08 18.41
N CYS C 305 -29.81 -24.10 18.23
CA CYS C 305 -30.49 -24.25 16.94
C CYS C 305 -31.58 -23.20 16.75
N GLN C 306 -32.24 -22.76 17.84
CA GLN C 306 -33.16 -21.62 17.74
C GLN C 306 -32.43 -20.34 17.33
N PHE C 307 -31.26 -20.09 17.94
CA PHE C 307 -30.46 -18.92 17.55
C PHE C 307 -29.99 -19.00 16.10
N GLU C 308 -29.64 -20.20 15.63
CA GLU C 308 -29.31 -20.36 14.21
C GLU C 308 -30.52 -20.17 13.31
N ASP C 309 -31.70 -20.62 13.76
CA ASP C 309 -32.94 -20.44 13.01
C ASP C 309 -33.38 -18.98 12.94
N LEU C 310 -32.94 -18.14 13.89
CA LEU C 310 -33.22 -16.70 13.82
C LEU C 310 -32.63 -16.05 12.57
N ASN C 311 -31.53 -16.60 12.04
CA ASN C 311 -30.94 -16.12 10.79
C ASN C 311 -31.92 -16.33 9.63
N LYS C 312 -32.11 -15.28 8.83
CA LYS C 312 -32.99 -15.36 7.67
C LYS C 312 -32.24 -15.44 6.34
N ARG C 313 -30.91 -15.26 6.35
CA ARG C 313 -30.09 -15.36 5.14
C ARG C 313 -28.91 -16.28 5.47
N LYS C 314 -29.14 -17.59 5.36
CA LYS C 314 -28.12 -18.57 5.73
C LYS C 314 -26.97 -18.61 4.74
N ASP C 315 -27.24 -18.37 3.46
CA ASP C 315 -26.23 -18.53 2.41
C ASP C 315 -25.12 -17.49 2.52
N THR C 316 -25.44 -16.26 2.94
CA THR C 316 -24.48 -15.17 2.93
C THR C 316 -24.00 -14.82 4.34
N LYS C 317 -24.29 -15.65 5.33
CA LYS C 317 -23.91 -15.33 6.71
C LYS C 317 -23.76 -16.62 7.51
N GLU C 318 -22.52 -16.96 7.83
CA GLU C 318 -22.24 -18.06 8.76
C GLU C 318 -22.30 -17.56 10.19
N ILE C 319 -22.79 -18.41 11.09
CA ILE C 319 -22.90 -18.10 12.51
C ILE C 319 -22.10 -19.12 13.29
N TYR C 320 -21.11 -18.64 14.04
CA TYR C 320 -20.20 -19.49 14.83
C TYR C 320 -20.64 -19.45 16.29
N THR C 321 -21.16 -20.57 16.78
CA THR C 321 -21.66 -20.69 18.15
C THR C 321 -20.68 -21.50 18.98
N HIS C 322 -20.10 -20.88 20.00
CA HIS C 322 -19.15 -21.52 20.90
C HIS C 322 -19.51 -21.22 22.35
N PHE C 323 -19.65 -22.26 23.16
CA PHE C 323 -19.95 -22.09 24.57
C PHE C 323 -18.74 -21.51 25.30
N THR C 324 -18.94 -20.39 25.98
CA THR C 324 -17.87 -19.72 26.71
C THR C 324 -17.36 -20.58 27.86
N CYS C 325 -16.04 -20.65 27.98
CA CYS C 325 -15.37 -21.40 29.03
C CYS C 325 -14.22 -20.56 29.55
N SER C 326 -13.77 -20.88 30.76
CA SER C 326 -12.70 -20.12 31.41
C SER C 326 -11.32 -20.62 30.99
N THR C 327 -11.08 -20.56 29.67
CA THR C 327 -9.79 -20.92 29.10
C THR C 327 -9.43 -19.87 28.06
N ASP C 328 -8.25 -19.26 28.21
CA ASP C 328 -7.80 -18.23 27.28
C ASP C 328 -7.56 -18.80 25.88
N THR C 329 -6.94 -19.99 25.81
CA THR C 329 -6.62 -20.60 24.51
C THR C 329 -7.89 -21.00 23.74
N LYS C 330 -8.87 -21.58 24.42
CA LYS C 330 -10.07 -22.11 23.73
C LYS C 330 -10.90 -21.01 23.05
N ASN C 331 -11.02 -19.84 23.66
CA ASN C 331 -11.84 -18.78 23.09
C ASN C 331 -11.13 -18.07 21.93
N VAL C 332 -9.99 -17.44 22.23
CA VAL C 332 -9.18 -16.69 21.27
C VAL C 332 -8.87 -17.48 20.00
N GLN C 333 -8.61 -18.79 20.13
CA GLN C 333 -8.39 -19.63 18.95
C GLN C 333 -9.65 -19.77 18.11
N PHE C 334 -10.82 -19.88 18.75
CA PHE C 334 -12.07 -19.98 18.00
C PHE C 334 -12.37 -18.68 17.26
N VAL C 335 -12.08 -17.54 17.90
CA VAL C 335 -12.25 -16.24 17.26
C VAL C 335 -11.27 -16.11 16.08
N PHE C 336 -10.03 -16.54 16.28
CA PHE C 336 -9.03 -16.55 15.22
C PHE C 336 -9.44 -17.44 14.05
N ASP C 337 -10.06 -18.58 14.34
CA ASP C 337 -10.52 -19.50 13.28
C ASP C 337 -11.66 -18.87 12.49
N ALA C 338 -12.62 -18.22 13.17
CA ALA C 338 -13.71 -17.57 12.45
C ALA C 338 -13.21 -16.39 11.62
N VAL C 339 -12.28 -15.60 12.16
CA VAL C 339 -11.68 -14.50 11.42
C VAL C 339 -10.87 -15.03 10.23
N THR C 340 -10.19 -16.18 10.42
CA THR C 340 -9.45 -16.83 9.35
C THR C 340 -10.38 -17.27 8.22
N ASP C 341 -11.54 -17.83 8.57
CA ASP C 341 -12.53 -18.20 7.55
C ASP C 341 -13.07 -16.98 6.82
N VAL C 342 -13.28 -15.87 7.53
CA VAL C 342 -13.74 -14.64 6.89
C VAL C 342 -12.67 -14.08 5.94
N ILE C 343 -11.40 -14.14 6.34
CA ILE C 343 -10.31 -13.70 5.47
C ILE C 343 -10.19 -14.60 4.24
N ILE C 344 -10.41 -15.91 4.41
CA ILE C 344 -10.45 -16.84 3.27
C ILE C 344 -11.57 -16.46 2.31
N LYS C 345 -12.76 -16.17 2.84
CA LYS C 345 -13.90 -15.79 2.01
C LYS C 345 -13.65 -14.47 1.28
N ASN C 346 -13.04 -13.50 1.96
CA ASN C 346 -12.71 -12.22 1.34
C ASN C 346 -11.65 -12.37 0.26
N ASN C 347 -10.64 -13.22 0.49
CA ASN C 347 -9.62 -13.45 -0.52
C ASN C 347 -10.18 -14.19 -1.73
N LEU C 348 -11.10 -15.13 -1.51
CA LEU C 348 -11.75 -15.81 -2.63
C LEU C 348 -12.64 -14.88 -3.43
N LYS C 349 -13.35 -13.97 -2.74
CA LYS C 349 -14.12 -12.94 -3.45
C LYS C 349 -13.21 -11.98 -4.20
N ASP C 350 -12.05 -11.65 -3.64
CA ASP C 350 -11.10 -10.77 -4.30
C ASP C 350 -10.53 -11.41 -5.54
N CYS C 351 -10.16 -12.70 -5.45
CA CYS C 351 -9.72 -13.44 -6.61
C CYS C 351 -10.86 -13.64 -7.61
N GLY C 352 -12.08 -13.82 -7.10
CA GLY C 352 -13.25 -13.90 -7.95
C GLY C 352 -13.89 -15.27 -8.11
N LEU C 353 -13.52 -16.26 -7.30
CA LEU C 353 -14.12 -17.58 -7.41
C LEU C 353 -15.61 -17.55 -7.05
N PHE C 354 -15.96 -16.97 -5.89
CA PHE C 354 -17.36 -16.78 -5.50
C PHE C 354 -18.20 -16.02 -6.52
N GLN D 19 -56.08 14.97 31.65
CA GLN D 19 -56.44 16.36 31.81
C GLN D 19 -55.36 17.26 31.20
N LEU D 20 -54.12 17.09 31.67
CA LEU D 20 -52.99 17.85 31.15
C LEU D 20 -52.74 17.51 29.67
N ARG D 21 -52.84 16.23 29.32
CA ARG D 21 -52.68 15.79 27.93
C ARG D 21 -53.75 16.40 27.04
N GLN D 22 -55.00 16.45 27.53
CA GLN D 22 -56.09 17.08 26.79
C GLN D 22 -55.83 18.57 26.60
N GLU D 23 -55.28 19.24 27.61
CA GLU D 23 -54.93 20.65 27.51
C GLU D 23 -53.84 20.86 26.46
N ALA D 24 -52.85 19.96 26.42
CA ALA D 24 -51.79 20.04 25.40
C ALA D 24 -52.35 19.84 24.00
N GLU D 25 -53.27 18.88 23.85
CA GLU D 25 -53.94 18.65 22.56
C GLU D 25 -54.74 19.87 22.13
N GLN D 26 -55.44 20.50 23.08
CA GLN D 26 -56.20 21.71 22.81
C GLN D 26 -55.30 22.85 22.35
N LEU D 27 -54.23 23.12 23.11
CA LEU D 27 -53.28 24.18 22.75
C LEU D 27 -52.64 23.95 21.38
N LYS D 28 -52.21 22.71 21.09
CA LYS D 28 -51.62 22.45 19.77
C LYS D 28 -52.66 22.57 18.65
N ASN D 29 -53.91 22.21 18.93
CA ASN D 29 -54.98 22.40 17.95
C ASN D 29 -55.22 23.89 17.70
N GLN D 30 -55.15 24.71 18.75
CA GLN D 30 -55.27 26.16 18.59
C GLN D 30 -54.12 26.74 17.78
N ILE D 31 -52.91 26.24 18.00
CA ILE D 31 -51.74 26.67 17.22
C ILE D 31 -51.89 26.27 15.75
N ARG D 32 -52.39 25.05 15.50
CA ARG D 32 -52.64 24.59 14.14
C ARG D 32 -53.71 25.43 13.45
N ASP D 33 -54.78 25.78 14.18
CA ASP D 33 -55.83 26.64 13.64
C ASP D 33 -55.30 28.04 13.34
N ALA D 34 -54.43 28.57 14.20
CA ALA D 34 -53.81 29.87 13.97
C ALA D 34 -52.92 29.85 12.73
N ARG D 35 -52.16 28.76 12.54
CA ARG D 35 -51.35 28.59 11.34
C ARG D 35 -52.22 28.51 10.09
N LYS D 36 -53.31 27.75 10.14
CA LYS D 36 -54.27 27.65 9.04
C LYS D 36 -54.86 29.01 8.67
N ALA D 37 -55.41 29.71 9.67
CA ALA D 37 -56.04 31.01 9.43
C ALA D 37 -55.04 32.07 8.96
N CYS D 38 -53.81 32.02 9.48
CA CYS D 38 -52.79 32.99 9.10
C CYS D 38 -52.41 32.89 7.63
N ALA D 39 -52.27 31.67 7.12
CA ALA D 39 -51.93 31.46 5.71
C ALA D 39 -53.08 31.89 4.81
N ASP D 40 -52.78 32.71 3.81
CA ASP D 40 -53.76 33.18 2.85
C ASP D 40 -53.42 32.80 1.41
N ALA D 41 -52.18 33.02 0.98
CA ALA D 41 -51.76 32.74 -0.39
C ALA D 41 -50.53 31.84 -0.36
N THR D 42 -50.56 30.79 -1.19
CA THR D 42 -49.44 29.86 -1.29
C THR D 42 -48.23 30.54 -1.91
N LEU D 43 -47.04 30.22 -1.37
CA LEU D 43 -45.79 30.75 -1.92
C LEU D 43 -45.57 30.32 -3.36
N SER D 44 -45.94 29.08 -3.70
CA SER D 44 -45.81 28.59 -5.06
C SER D 44 -46.69 29.37 -6.04
N GLN D 45 -47.89 29.74 -5.62
CA GLN D 45 -48.78 30.54 -6.45
C GLN D 45 -48.22 31.94 -6.70
N ILE D 46 -47.66 32.56 -5.67
CA ILE D 46 -47.09 33.89 -5.81
C ILE D 46 -45.85 33.86 -6.68
N THR D 47 -44.97 32.87 -6.47
CA THR D 47 -43.72 32.77 -7.20
C THR D 47 -43.84 32.03 -8.53
N ASN D 48 -45.06 31.62 -8.91
CA ASN D 48 -45.27 30.96 -10.20
C ASN D 48 -44.96 31.90 -11.36
N ASN D 49 -45.25 33.19 -11.19
CA ASN D 49 -45.11 34.17 -12.27
C ASN D 49 -43.65 34.35 -12.73
N ILE D 50 -42.69 34.29 -11.79
CA ILE D 50 -41.29 34.51 -12.15
C ILE D 50 -40.78 33.37 -13.03
N ASP D 51 -39.91 33.71 -13.97
CA ASP D 51 -39.36 32.73 -14.90
C ASP D 51 -38.44 31.73 -14.19
N PRO D 52 -38.44 30.46 -14.62
CA PRO D 52 -37.53 29.48 -14.02
C PRO D 52 -36.08 29.76 -14.40
N VAL D 53 -35.17 29.31 -13.54
CA VAL D 53 -33.74 29.51 -13.76
C VAL D 53 -33.24 28.76 -14.99
N GLY D 54 -33.82 27.60 -15.28
CA GLY D 54 -33.40 26.84 -16.44
C GLY D 54 -32.54 25.63 -16.09
N ARG D 55 -31.45 25.44 -16.82
CA ARG D 55 -30.55 24.32 -16.62
C ARG D 55 -29.23 24.84 -16.10
N ILE D 56 -28.82 24.35 -14.92
CA ILE D 56 -27.58 24.76 -14.28
C ILE D 56 -26.64 23.56 -14.30
N GLN D 57 -25.61 23.64 -15.13
CA GLN D 57 -24.61 22.57 -15.27
C GLN D 57 -23.30 23.04 -14.65
N MET D 58 -22.79 22.24 -13.72
CA MET D 58 -21.57 22.57 -12.98
C MET D 58 -20.51 21.52 -13.30
N ARG D 59 -19.39 21.98 -13.87
CA ARG D 59 -18.28 21.08 -14.15
C ARG D 59 -17.40 20.88 -12.94
N THR D 60 -16.73 19.72 -12.90
CA THR D 60 -15.73 19.44 -11.88
C THR D 60 -14.48 20.28 -12.13
N ARG D 61 -13.95 20.89 -11.07
CA ARG D 61 -12.72 21.67 -11.12
C ARG D 61 -11.55 20.95 -10.44
N ARG D 62 -11.73 20.45 -9.22
CA ARG D 62 -10.67 19.80 -8.47
C ARG D 62 -11.16 18.48 -7.90
N THR D 63 -10.26 17.51 -7.84
CA THR D 63 -10.52 16.22 -7.19
C THR D 63 -9.47 16.01 -6.11
N LEU D 64 -9.92 15.75 -4.88
CA LEU D 64 -9.06 15.64 -3.73
C LEU D 64 -8.96 14.18 -3.31
N ARG D 65 -7.74 13.66 -3.19
CA ARG D 65 -7.51 12.25 -2.88
C ARG D 65 -6.56 12.12 -1.70
N GLY D 66 -6.54 10.93 -1.10
CA GLY D 66 -5.67 10.67 0.03
C GLY D 66 -6.35 10.31 1.35
N HIS D 67 -7.67 10.09 1.32
CA HIS D 67 -8.38 9.78 2.55
C HIS D 67 -8.30 8.30 2.91
N LEU D 68 -8.55 7.43 1.92
CA LEU D 68 -8.46 5.96 2.03
C LEU D 68 -9.50 5.39 3.02
N ALA D 69 -10.60 6.12 3.21
CA ALA D 69 -11.71 5.75 4.06
C ALA D 69 -12.85 6.71 3.73
N LYS D 70 -14.03 6.43 4.28
CA LYS D 70 -15.20 7.21 3.93
C LYS D 70 -15.19 8.55 4.66
N ILE D 71 -15.62 9.59 3.96
CA ILE D 71 -15.65 10.96 4.46
C ILE D 71 -17.01 11.22 5.09
N TYR D 72 -17.03 11.88 6.25
CA TYR D 72 -18.31 12.23 6.87
C TYR D 72 -18.61 13.72 6.93
N ALA D 73 -17.62 14.59 7.08
CA ALA D 73 -17.91 15.98 7.33
C ALA D 73 -16.88 16.89 6.67
N MET D 74 -17.36 17.94 6.00
CA MET D 74 -16.51 19.01 5.50
C MET D 74 -17.11 20.35 5.90
N HIS D 75 -16.22 21.32 6.15
CA HIS D 75 -16.65 22.68 6.47
C HIS D 75 -15.74 23.67 5.76
N TRP D 76 -16.34 24.64 5.05
CA TRP D 76 -15.57 25.69 4.39
C TRP D 76 -15.12 26.74 5.38
N GLY D 77 -13.95 27.32 5.11
CA GLY D 77 -13.50 28.49 5.83
C GLY D 77 -14.13 29.77 5.30
N THR D 78 -13.93 30.85 6.05
CA THR D 78 -14.45 32.15 5.64
C THR D 78 -13.54 32.85 4.64
N ASP D 79 -12.32 32.34 4.42
CA ASP D 79 -11.45 32.86 3.38
C ASP D 79 -11.73 32.24 2.01
N SER D 80 -12.67 31.29 1.95
CA SER D 80 -13.16 30.60 0.75
C SER D 80 -12.12 29.76 0.04
N ARG D 81 -10.99 29.48 0.69
CA ARG D 81 -9.91 28.73 0.06
C ARG D 81 -9.54 27.46 0.81
N LEU D 82 -9.45 27.51 2.13
CA LEU D 82 -9.15 26.33 2.92
C LEU D 82 -10.42 25.59 3.29
N LEU D 83 -10.34 24.27 3.39
CA LEU D 83 -11.47 23.50 3.88
C LEU D 83 -10.99 22.29 4.67
N VAL D 84 -11.74 21.93 5.70
CA VAL D 84 -11.41 20.79 6.55
C VAL D 84 -12.26 19.60 6.11
N SER D 85 -11.73 18.40 6.32
CA SER D 85 -12.43 17.17 5.96
C SER D 85 -12.14 16.09 6.99
N ALA D 86 -13.15 15.28 7.30
CA ALA D 86 -13.06 14.27 8.35
C ALA D 86 -13.25 12.88 7.74
N SER D 87 -12.31 11.98 8.02
CA SER D 87 -12.35 10.64 7.45
C SER D 87 -12.32 9.59 8.56
N GLN D 88 -12.63 8.35 8.18
CA GLN D 88 -12.71 7.24 9.12
C GLN D 88 -11.41 6.48 9.31
N ASP D 89 -10.30 7.01 8.82
CA ASP D 89 -9.00 6.48 9.20
C ASP D 89 -8.44 7.16 10.43
N GLY D 90 -9.16 8.12 10.99
CA GLY D 90 -8.68 8.89 12.11
C GLY D 90 -7.99 10.16 11.72
N LYS D 91 -8.32 10.73 10.56
CA LYS D 91 -7.65 11.92 10.05
C LYS D 91 -8.62 13.06 9.82
N LEU D 92 -8.19 14.26 10.24
CA LEU D 92 -8.73 15.51 9.74
C LEU D 92 -7.71 16.08 8.76
N ILE D 93 -8.14 16.36 7.54
CA ILE D 93 -7.24 16.92 6.54
C ILE D 93 -7.73 18.32 6.19
N ILE D 94 -6.83 19.28 6.29
CA ILE D 94 -7.11 20.67 5.93
C ILE D 94 -6.45 20.92 4.57
N TRP D 95 -7.27 21.34 3.62
CA TRP D 95 -6.98 21.34 2.20
C TRP D 95 -6.90 22.77 1.68
N ASP D 96 -5.93 23.01 0.80
CA ASP D 96 -5.90 24.17 -0.07
C ASP D 96 -6.67 23.77 -1.34
N SER D 97 -7.82 24.41 -1.56
CA SER D 97 -8.69 24.00 -2.66
C SER D 97 -8.19 24.49 -4.02
N TYR D 98 -7.42 25.58 -4.04
CA TYR D 98 -6.99 26.13 -5.33
C TYR D 98 -5.82 25.34 -5.92
N THR D 99 -4.90 24.91 -5.07
CA THR D 99 -3.65 24.30 -5.53
C THR D 99 -3.62 22.78 -5.43
N THR D 100 -4.63 22.18 -4.78
CA THR D 100 -4.89 20.74 -4.54
C THR D 100 -3.97 20.22 -3.43
N ASN D 101 -3.04 21.05 -2.93
CA ASN D 101 -2.10 20.64 -1.89
C ASN D 101 -2.80 20.47 -0.55
N LYS D 102 -2.28 19.56 0.26
CA LYS D 102 -2.74 19.38 1.63
C LYS D 102 -1.98 20.33 2.54
N VAL D 103 -2.73 21.04 3.38
CA VAL D 103 -2.12 21.99 4.31
C VAL D 103 -1.87 21.34 5.67
N HIS D 104 -2.84 20.62 6.21
CA HIS D 104 -2.67 19.97 7.50
C HIS D 104 -3.23 18.55 7.47
N ALA D 105 -2.63 17.69 8.30
CA ALA D 105 -3.08 16.31 8.48
C ALA D 105 -3.02 16.00 9.98
N ILE D 106 -4.18 16.00 10.63
CA ILE D 106 -4.30 15.87 12.08
C ILE D 106 -4.70 14.42 12.38
N PRO D 107 -3.83 13.62 13.00
CA PRO D 107 -4.27 12.32 13.49
C PRO D 107 -5.16 12.46 14.71
N LEU D 108 -6.24 11.69 14.74
CA LEU D 108 -7.24 11.78 15.79
C LEU D 108 -7.11 10.62 16.77
N ARG D 109 -7.48 10.88 18.02
CA ARG D 109 -7.45 9.83 19.04
C ARG D 109 -8.50 8.76 18.77
N SER D 110 -9.69 9.18 18.37
CA SER D 110 -10.79 8.27 18.07
C SER D 110 -11.00 8.21 16.56
N SER D 111 -10.99 6.99 16.02
CA SER D 111 -11.19 6.81 14.58
C SER D 111 -12.59 7.20 14.14
N TRP D 112 -13.60 6.85 14.93
CA TRP D 112 -14.98 7.12 14.57
C TRP D 112 -15.28 8.61 14.73
N VAL D 113 -15.65 9.27 13.62
CA VAL D 113 -15.87 10.71 13.57
C VAL D 113 -17.17 10.94 12.82
N MET D 114 -17.97 11.92 13.27
CA MET D 114 -19.21 12.25 12.59
C MET D 114 -19.40 13.74 12.31
N THR D 115 -18.52 14.62 12.81
CA THR D 115 -18.64 16.04 12.53
C THR D 115 -17.29 16.73 12.72
N CYS D 116 -17.10 17.83 11.99
CA CYS D 116 -15.90 18.66 12.11
C CYS D 116 -16.23 20.09 11.72
N ALA D 117 -15.87 21.03 12.58
CA ALA D 117 -16.15 22.44 12.40
C ALA D 117 -14.86 23.23 12.17
N TYR D 118 -14.91 24.15 11.21
CA TYR D 118 -13.79 25.05 10.95
C TYR D 118 -14.17 26.42 11.46
N ALA D 119 -13.30 27.01 12.29
CA ALA D 119 -13.58 28.30 12.93
C ALA D 119 -13.61 29.42 11.89
N PRO D 120 -14.40 30.48 12.16
CA PRO D 120 -14.41 31.62 11.22
C PRO D 120 -13.07 32.34 11.12
N SER D 121 -12.37 32.51 12.24
CA SER D 121 -11.02 33.06 12.19
C SER D 121 -10.04 32.10 11.52
N GLY D 122 -10.25 30.79 11.68
CA GLY D 122 -9.33 29.79 11.20
C GLY D 122 -8.31 29.35 12.21
N ASN D 123 -8.38 29.85 13.45
CA ASN D 123 -7.43 29.45 14.48
C ASN D 123 -7.65 28.01 14.94
N TYR D 124 -8.90 27.56 15.00
CA TYR D 124 -9.23 26.30 15.64
C TYR D 124 -10.04 25.40 14.70
N VAL D 125 -9.96 24.10 14.95
CA VAL D 125 -10.76 23.10 14.25
C VAL D 125 -11.36 22.16 15.30
N ALA D 126 -12.66 21.95 15.23
CA ALA D 126 -13.35 21.04 16.13
C ALA D 126 -13.68 19.75 15.41
N CYS D 127 -13.82 18.67 16.18
CA CYS D 127 -14.23 17.40 15.63
C CYS D 127 -14.94 16.59 16.71
N GLY D 128 -15.74 15.63 16.26
CA GLY D 128 -16.45 14.77 17.18
C GLY D 128 -17.12 13.62 16.48
N GLY D 129 -17.51 12.62 17.27
CA GLY D 129 -18.15 11.44 16.75
C GLY D 129 -18.67 10.52 17.84
N LEU D 130 -18.40 9.23 17.70
CA LEU D 130 -18.90 8.21 18.62
C LEU D 130 -18.16 8.15 19.95
N ASP D 131 -17.11 8.94 20.12
CA ASP D 131 -16.34 8.95 21.37
C ASP D 131 -16.93 9.85 22.45
N ASN D 132 -18.01 10.57 22.12
CA ASN D 132 -18.76 11.47 23.00
C ASN D 132 -17.95 12.70 23.39
N ILE D 133 -16.90 13.00 22.63
CA ILE D 133 -15.95 14.06 22.94
C ILE D 133 -15.92 15.04 21.77
N CYS D 134 -15.89 16.34 22.07
CA CYS D 134 -15.64 17.38 21.09
C CYS D 134 -14.21 17.89 21.30
N SER D 135 -13.38 17.72 20.28
CA SER D 135 -11.97 18.06 20.37
C SER D 135 -11.70 19.35 19.61
N ILE D 136 -11.04 20.30 20.28
CA ILE D 136 -10.66 21.59 19.72
C ILE D 136 -9.16 21.56 19.50
N TYR D 137 -8.75 21.82 18.26
CA TYR D 137 -7.35 21.80 17.83
C TYR D 137 -6.91 23.20 17.43
N ASN D 138 -5.83 23.68 18.05
CA ASN D 138 -5.25 24.97 17.68
C ASN D 138 -4.34 24.80 16.47
N LEU D 139 -4.48 25.71 15.50
CA LEU D 139 -3.69 25.65 14.27
C LEU D 139 -2.58 26.67 14.20
N LYS D 140 -2.55 27.65 15.10
CA LYS D 140 -1.58 28.74 15.04
C LYS D 140 -0.50 28.62 16.12
N THR D 141 -0.24 27.40 16.59
CA THR D 141 0.77 27.18 17.61
C THR D 141 2.18 27.53 17.10
N ARG D 142 3.00 28.03 18.01
CA ARG D 142 4.37 28.40 17.67
C ARG D 142 5.22 27.18 17.37
N GLU D 143 4.97 26.06 18.07
CA GLU D 143 5.73 24.84 17.86
C GLU D 143 5.53 24.27 16.45
N GLY D 144 4.34 24.43 15.88
CA GLY D 144 4.08 24.01 14.52
C GLY D 144 3.44 22.64 14.37
N ASN D 145 3.16 21.95 15.47
CA ASN D 145 2.43 20.69 15.45
C ASN D 145 1.04 20.88 16.02
N VAL D 146 0.03 20.49 15.25
CA VAL D 146 -1.36 20.67 15.67
C VAL D 146 -1.66 19.65 16.77
N ARG D 147 -1.78 20.14 18.00
CA ARG D 147 -2.02 19.32 19.17
C ARG D 147 -3.40 19.59 19.74
N VAL D 148 -3.88 18.66 20.57
CA VAL D 148 -5.18 18.78 21.22
C VAL D 148 -5.16 19.97 22.16
N SER D 149 -5.96 20.99 21.87
CA SER D 149 -6.04 22.15 22.75
C SER D 149 -7.09 21.94 23.84
N ARG D 150 -8.33 21.65 23.43
CA ARG D 150 -9.42 21.52 24.39
C ARG D 150 -10.18 20.22 24.18
N GLU D 151 -10.54 19.57 25.28
CA GLU D 151 -11.37 18.37 25.27
C GLU D 151 -12.68 18.69 25.99
N LEU D 152 -13.80 18.61 25.25
CA LEU D 152 -15.11 18.97 25.80
C LEU D 152 -15.89 17.70 26.14
N ALA D 153 -15.51 17.05 27.22
CA ALA D 153 -16.21 15.87 27.70
C ALA D 153 -17.46 16.27 28.48
N GLY D 154 -18.49 15.44 28.40
CA GLY D 154 -19.71 15.71 29.15
C GLY D 154 -21.00 15.29 28.47
N HIS D 155 -20.99 15.10 27.16
CA HIS D 155 -22.16 14.57 26.48
C HIS D 155 -22.36 13.09 26.79
N THR D 156 -23.63 12.68 26.84
CA THR D 156 -23.98 11.30 27.14
C THR D 156 -24.18 10.48 25.86
N GLY D 157 -24.54 11.13 24.75
CA GLY D 157 -24.71 10.48 23.48
C GLY D 157 -23.66 10.93 22.47
N TYR D 158 -23.73 10.33 21.29
CA TYR D 158 -22.74 10.60 20.24
C TYR D 158 -22.88 12.01 19.70
N LEU D 159 -21.74 12.64 19.42
CA LEU D 159 -21.74 13.99 18.87
C LEU D 159 -22.14 13.94 17.40
N SER D 160 -23.14 14.74 17.03
CA SER D 160 -23.65 14.72 15.67
C SER D 160 -23.29 15.94 14.85
N CYS D 161 -23.27 17.13 15.46
CA CYS D 161 -22.86 18.33 14.75
C CYS D 161 -22.27 19.32 15.74
N CYS D 162 -21.35 20.16 15.24
CA CYS D 162 -20.74 21.20 16.02
C CYS D 162 -20.41 22.36 15.09
N ARG D 163 -20.60 23.58 15.57
CA ARG D 163 -20.32 24.79 14.79
C ARG D 163 -19.77 25.88 15.71
N PHE D 164 -18.63 26.46 15.32
CA PHE D 164 -18.09 27.61 16.06
C PHE D 164 -18.95 28.85 15.84
N LEU D 165 -19.16 29.60 16.92
CA LEU D 165 -19.66 30.97 16.83
C LEU D 165 -18.49 31.95 16.83
N ASP D 166 -17.67 31.89 17.87
CA ASP D 166 -16.44 32.67 17.98
C ASP D 166 -15.29 31.70 18.25
N ASP D 167 -14.12 32.24 18.60
CA ASP D 167 -13.00 31.39 18.99
C ASP D 167 -13.11 30.87 20.42
N ASN D 168 -14.17 31.22 21.15
CA ASN D 168 -14.29 30.81 22.55
C ASN D 168 -15.60 30.08 22.86
N GLN D 169 -16.58 30.08 21.96
CA GLN D 169 -17.90 29.52 22.23
C GLN D 169 -18.30 28.59 21.10
N ILE D 170 -18.89 27.45 21.44
CA ILE D 170 -19.26 26.46 20.44
C ILE D 170 -20.59 25.80 20.81
N VAL D 171 -21.45 25.59 19.82
CA VAL D 171 -22.71 24.87 19.99
C VAL D 171 -22.55 23.47 19.41
N THR D 172 -22.87 22.46 20.22
CA THR D 172 -22.78 21.06 19.83
C THR D 172 -24.14 20.39 20.02
N SER D 173 -24.45 19.44 19.14
CA SER D 173 -25.63 18.59 19.28
C SER D 173 -25.20 17.16 19.53
N SER D 174 -25.99 16.44 20.32
CA SER D 174 -25.55 15.12 20.76
C SER D 174 -26.67 14.11 20.67
N GLY D 175 -26.29 12.84 20.74
CA GLY D 175 -27.24 11.73 20.66
C GLY D 175 -27.90 11.36 21.97
N ASP D 176 -27.83 12.25 22.96
CA ASP D 176 -28.63 12.12 24.17
C ASP D 176 -29.85 13.02 24.13
N THR D 177 -30.22 13.49 22.93
CA THR D 177 -31.38 14.29 22.52
C THR D 177 -31.20 15.76 22.92
N THR D 178 -30.01 16.16 23.33
CA THR D 178 -29.76 17.50 23.83
C THR D 178 -28.79 18.26 22.93
N CYS D 179 -28.78 19.58 23.13
CA CYS D 179 -27.78 20.48 22.57
C CYS D 179 -27.07 21.20 23.71
N ALA D 180 -25.87 21.67 23.44
CA ALA D 180 -25.09 22.36 24.46
C ALA D 180 -24.33 23.54 23.87
N LEU D 181 -24.17 24.57 24.68
CA LEU D 181 -23.29 25.71 24.40
C LEU D 181 -22.13 25.65 25.39
N TRP D 182 -20.92 25.57 24.85
CA TRP D 182 -19.68 25.33 25.58
C TRP D 182 -18.78 26.55 25.47
N ASP D 183 -18.06 26.80 26.56
CA ASP D 183 -17.00 27.82 26.61
C ASP D 183 -15.66 27.09 26.50
N ILE D 184 -14.86 27.49 25.51
CA ILE D 184 -13.67 26.72 25.16
C ILE D 184 -12.57 26.90 26.22
N GLU D 185 -12.33 28.14 26.67
CA GLU D 185 -11.24 28.39 27.60
C GLU D 185 -11.53 27.80 28.98
N THR D 186 -12.77 27.89 29.45
CA THR D 186 -13.14 27.26 30.71
C THR D 186 -13.18 25.74 30.59
N GLY D 187 -13.85 25.24 29.55
CA GLY D 187 -14.01 23.82 29.35
C GLY D 187 -15.33 23.26 29.82
N GLN D 188 -16.15 24.07 30.49
CA GLN D 188 -17.45 23.66 30.98
C GLN D 188 -18.53 24.12 30.02
N GLN D 189 -19.65 23.41 30.03
CA GLN D 189 -20.80 23.80 29.23
C GLN D 189 -21.58 24.90 29.93
N THR D 190 -21.81 26.01 29.22
CA THR D 190 -22.48 27.15 29.80
C THR D 190 -23.99 27.11 29.63
N THR D 191 -24.50 26.40 28.62
CA THR D 191 -25.94 26.36 28.41
C THR D 191 -26.31 24.96 27.91
N THR D 192 -27.44 24.43 28.38
CA THR D 192 -27.93 23.13 27.96
C THR D 192 -29.34 23.31 27.40
N PHE D 193 -29.60 22.71 26.23
CA PHE D 193 -30.90 22.77 25.58
C PHE D 193 -31.49 21.37 25.59
N THR D 194 -32.63 21.23 26.25
CA THR D 194 -33.38 19.98 26.37
C THR D 194 -34.77 20.19 25.78
N GLY D 195 -35.40 19.11 25.34
CA GLY D 195 -36.73 19.22 24.75
C GLY D 195 -37.03 18.19 23.68
N HIS D 196 -36.08 17.96 22.77
CA HIS D 196 -36.27 16.96 21.72
C HIS D 196 -36.40 15.57 22.31
N THR D 197 -37.32 14.78 21.76
CA THR D 197 -37.44 13.37 22.15
C THR D 197 -36.52 12.48 21.34
N GLY D 198 -36.14 12.89 20.14
CA GLY D 198 -35.28 12.11 19.27
C GLY D 198 -33.88 12.70 19.18
N ASP D 199 -32.93 11.87 18.71
CA ASP D 199 -31.54 12.28 18.53
C ASP D 199 -31.42 13.49 17.60
N VAL D 200 -30.87 14.59 18.12
CA VAL D 200 -30.67 15.79 17.32
C VAL D 200 -29.56 15.53 16.32
N MET D 201 -29.89 15.56 15.03
CA MET D 201 -28.95 15.10 14.01
C MET D 201 -28.14 16.21 13.37
N SER D 202 -28.60 17.46 13.43
CA SER D 202 -27.89 18.55 12.75
C SER D 202 -28.28 19.87 13.38
N LEU D 203 -27.48 20.89 13.09
CA LEU D 203 -27.76 22.25 13.53
C LEU D 203 -27.17 23.22 12.52
N SER D 204 -27.73 24.43 12.49
CA SER D 204 -27.27 25.48 11.60
C SER D 204 -27.29 26.80 12.36
N LEU D 205 -26.27 27.62 12.13
CA LEU D 205 -26.16 28.92 12.75
C LEU D 205 -26.63 30.02 11.81
N ALA D 206 -27.35 30.99 12.36
CA ALA D 206 -27.75 32.18 11.64
C ALA D 206 -26.55 33.13 11.52
N PRO D 207 -26.57 34.07 10.57
CA PRO D 207 -25.45 35.03 10.47
C PRO D 207 -25.27 35.94 11.68
N ASP D 208 -26.36 36.42 12.29
CA ASP D 208 -26.23 37.21 13.51
C ASP D 208 -25.76 36.38 14.70
N THR D 209 -26.04 35.06 14.67
CA THR D 209 -25.61 34.01 15.60
C THR D 209 -26.34 34.05 16.93
N ARG D 210 -27.35 34.92 17.08
CA ARG D 210 -28.12 34.96 18.31
C ARG D 210 -29.07 33.78 18.45
N LEU D 211 -29.47 33.17 17.34
CA LEU D 211 -30.38 32.03 17.34
C LEU D 211 -29.84 30.93 16.43
N PHE D 212 -30.27 29.70 16.71
CA PHE D 212 -29.90 28.57 15.85
C PHE D 212 -31.01 27.54 15.86
N VAL D 213 -31.32 26.99 14.69
CA VAL D 213 -32.35 25.96 14.55
C VAL D 213 -31.67 24.59 14.46
N SER D 214 -32.30 23.58 15.05
CA SER D 214 -31.77 22.22 15.07
C SER D 214 -32.89 21.22 14.84
N GLY D 215 -32.61 20.19 14.04
CA GLY D 215 -33.58 19.16 13.72
C GLY D 215 -33.23 17.84 14.36
N ALA D 216 -34.25 17.06 14.73
CA ALA D 216 -34.02 15.83 15.48
C ALA D 216 -34.77 14.67 14.85
N CYS D 217 -34.68 13.50 15.50
CA CYS D 217 -35.31 12.27 15.04
C CYS D 217 -36.76 12.13 15.49
N ASP D 218 -37.38 13.23 15.91
CA ASP D 218 -38.82 13.28 16.19
C ASP D 218 -39.57 13.97 15.07
N ALA D 219 -38.91 14.16 13.91
CA ALA D 219 -39.41 14.81 12.70
C ALA D 219 -39.72 16.29 12.92
N SER D 220 -39.14 16.89 13.94
CA SER D 220 -39.33 18.31 14.22
C SER D 220 -37.98 19.02 14.33
N ALA D 221 -38.04 20.32 14.05
CA ALA D 221 -36.94 21.25 14.26
C ALA D 221 -37.35 22.28 15.31
N LYS D 222 -36.38 22.76 16.06
CA LYS D 222 -36.62 23.75 17.11
C LYS D 222 -35.62 24.88 17.00
N LEU D 223 -36.11 26.10 17.21
CA LEU D 223 -35.28 27.31 17.17
C LEU D 223 -34.91 27.69 18.59
N TRP D 224 -33.62 27.79 18.86
CA TRP D 224 -33.09 28.03 20.20
C TRP D 224 -32.40 29.38 20.23
N ASP D 225 -32.63 30.11 21.31
CA ASP D 225 -31.99 31.40 21.55
C ASP D 225 -30.72 31.16 22.36
N VAL D 226 -29.59 31.66 21.84
CA VAL D 226 -28.29 31.42 22.48
C VAL D 226 -28.21 32.15 23.82
N ARG D 227 -28.64 33.41 23.86
CA ARG D 227 -28.52 34.20 25.08
C ARG D 227 -29.50 33.75 26.15
N GLU D 228 -30.78 33.60 25.80
CA GLU D 228 -31.79 33.27 26.79
C GLU D 228 -31.72 31.80 27.19
N GLY D 229 -31.73 30.89 26.21
CA GLY D 229 -31.61 29.47 26.49
C GLY D 229 -32.88 28.66 26.35
N MET D 230 -33.94 29.21 25.76
CA MET D 230 -35.22 28.54 25.63
C MET D 230 -35.58 28.37 24.16
N CYS D 231 -36.61 27.56 23.92
CA CYS D 231 -37.08 27.28 22.56
C CYS D 231 -38.07 28.37 22.14
N ARG D 232 -37.76 29.06 21.05
CA ARG D 232 -38.62 30.12 20.56
C ARG D 232 -39.71 29.61 19.63
N GLN D 233 -39.38 28.64 18.77
CA GLN D 233 -40.31 28.16 17.75
C GLN D 233 -40.09 26.67 17.53
N THR D 234 -41.16 25.98 17.16
CA THR D 234 -41.14 24.55 16.90
C THR D 234 -41.81 24.27 15.57
N PHE D 235 -41.12 23.55 14.70
CA PHE D 235 -41.56 23.29 13.33
C PHE D 235 -41.73 21.79 13.14
N THR D 236 -42.97 21.38 12.85
CA THR D 236 -43.31 20.00 12.55
C THR D 236 -43.80 19.90 11.11
N GLY D 237 -43.89 18.67 10.60
CA GLY D 237 -44.38 18.46 9.25
C GLY D 237 -43.72 17.32 8.51
N HIS D 238 -42.55 16.89 8.98
CA HIS D 238 -41.87 15.76 8.37
C HIS D 238 -42.45 14.44 8.84
N GLU D 239 -42.25 13.41 8.02
CA GLU D 239 -42.75 12.06 8.29
C GLU D 239 -41.68 11.15 8.87
N SER D 240 -40.41 11.54 8.80
CA SER D 240 -39.31 10.67 9.22
C SER D 240 -38.22 11.54 9.84
N ASP D 241 -37.10 10.89 10.17
CA ASP D 241 -35.99 11.54 10.86
C ASP D 241 -35.34 12.62 9.99
N ILE D 242 -35.13 13.80 10.58
CA ILE D 242 -34.51 14.92 9.89
C ILE D 242 -33.00 14.77 10.01
N ASN D 243 -32.32 14.70 8.87
CA ASN D 243 -30.88 14.50 8.86
C ASN D 243 -30.08 15.78 8.67
N ALA D 244 -30.67 16.83 8.10
CA ALA D 244 -29.91 18.01 7.72
C ALA D 244 -30.77 19.26 7.84
N ILE D 245 -30.11 20.37 8.15
CA ILE D 245 -30.80 21.66 8.31
C ILE D 245 -29.80 22.77 7.96
N CYS D 246 -30.29 23.82 7.31
CA CYS D 246 -29.46 24.95 6.94
C CYS D 246 -30.30 26.20 6.80
N PHE D 247 -29.77 27.33 7.30
CA PHE D 247 -30.46 28.61 7.16
C PHE D 247 -30.39 29.17 5.75
N PHE D 248 -31.45 29.87 5.36
CA PHE D 248 -31.41 30.76 4.21
C PHE D 248 -30.46 31.92 4.53
N PRO D 249 -29.76 32.47 3.52
CA PRO D 249 -28.79 33.54 3.79
C PRO D 249 -29.34 34.82 4.44
N ASN D 250 -30.65 35.05 4.46
CA ASN D 250 -31.16 36.24 5.15
C ASN D 250 -31.42 36.01 6.63
N GLY D 251 -31.32 34.77 7.10
CA GLY D 251 -31.57 34.46 8.50
C GLY D 251 -33.02 34.37 8.90
N ASN D 252 -33.95 34.49 7.95
CA ASN D 252 -35.38 34.45 8.24
C ASN D 252 -36.05 33.13 7.84
N ALA D 253 -35.32 32.20 7.24
CA ALA D 253 -35.90 30.96 6.79
C ALA D 253 -34.84 29.87 6.82
N PHE D 254 -35.28 28.61 6.76
CA PHE D 254 -34.35 27.49 6.78
C PHE D 254 -34.97 26.29 6.07
N ALA D 255 -34.13 25.52 5.39
CA ALA D 255 -34.54 24.30 4.72
C ALA D 255 -34.13 23.08 5.53
N THR D 256 -34.99 22.07 5.53
CA THR D 256 -34.77 20.82 6.23
C THR D 256 -34.82 19.66 5.25
N GLY D 257 -33.94 18.69 5.46
CA GLY D 257 -33.96 17.45 4.70
C GLY D 257 -34.13 16.27 5.64
N SER D 258 -34.94 15.30 5.22
CA SER D 258 -35.32 14.20 6.08
C SER D 258 -35.25 12.89 5.32
N ASP D 259 -35.40 11.78 6.05
CA ASP D 259 -35.31 10.45 5.47
C ASP D 259 -36.58 10.03 4.72
N ASP D 260 -37.60 10.89 4.65
CA ASP D 260 -38.84 10.59 3.94
C ASP D 260 -38.80 11.01 2.48
N ALA D 261 -37.60 11.28 1.94
CA ALA D 261 -37.36 11.66 0.54
C ALA D 261 -38.04 12.98 0.17
N THR D 262 -38.16 13.90 1.13
CA THR D 262 -38.70 15.23 0.87
C THR D 262 -37.81 16.27 1.54
N CYS D 263 -37.89 17.50 1.03
CA CYS D 263 -37.24 18.64 1.64
C CYS D 263 -38.29 19.70 1.88
N ARG D 264 -38.09 20.51 2.93
CA ARG D 264 -39.09 21.50 3.29
C ARG D 264 -38.42 22.83 3.58
N LEU D 265 -39.19 23.91 3.41
CA LEU D 265 -38.73 25.26 3.70
C LEU D 265 -39.65 25.87 4.74
N PHE D 266 -39.07 26.32 5.86
CA PHE D 266 -39.81 26.89 6.96
C PHE D 266 -39.35 28.31 7.21
N ASP D 267 -40.31 29.23 7.35
CA ASP D 267 -40.03 30.63 7.62
C ASP D 267 -40.23 30.89 9.12
N LEU D 268 -39.28 31.59 9.72
CA LEU D 268 -39.31 31.83 11.16
C LEU D 268 -40.47 32.74 11.55
N ARG D 269 -40.65 33.84 10.82
CA ARG D 269 -41.73 34.77 11.13
C ARG D 269 -43.10 34.20 10.79
N ALA D 270 -43.22 33.54 9.64
CA ALA D 270 -44.49 32.94 9.23
C ALA D 270 -44.85 31.75 10.13
N ASP D 271 -43.84 30.99 10.56
CA ASP D 271 -43.97 29.82 11.44
C ASP D 271 -44.85 28.73 10.80
N GLN D 272 -44.59 28.46 9.53
CA GLN D 272 -45.35 27.45 8.79
C GLN D 272 -44.53 26.96 7.60
N GLU D 273 -44.97 25.84 7.03
CA GLU D 273 -44.29 25.18 5.92
C GLU D 273 -44.53 25.96 4.63
N LEU D 274 -43.49 26.67 4.16
CA LEU D 274 -43.62 27.46 2.94
C LEU D 274 -43.74 26.58 1.71
N MET D 275 -42.83 25.62 1.53
CA MET D 275 -42.77 24.87 0.29
C MET D 275 -42.13 23.51 0.56
N THR D 276 -42.47 22.53 -0.28
CA THR D 276 -41.94 21.17 -0.20
C THR D 276 -41.33 20.79 -1.54
N TYR D 277 -40.11 20.27 -1.50
CA TYR D 277 -39.36 19.85 -2.68
C TYR D 277 -39.29 18.33 -2.67
N SER D 278 -39.89 17.71 -3.69
CA SER D 278 -39.90 16.25 -3.81
C SER D 278 -40.20 15.87 -5.25
N HIS D 279 -39.73 14.68 -5.64
CA HIS D 279 -40.04 14.11 -6.94
C HIS D 279 -40.34 12.63 -6.75
N ASP D 280 -41.20 12.09 -7.63
CA ASP D 280 -41.76 10.75 -7.44
C ASP D 280 -40.69 9.65 -7.54
N ASN D 281 -39.71 9.81 -8.44
CA ASN D 281 -38.76 8.73 -8.69
C ASN D 281 -37.82 8.47 -7.52
N ILE D 282 -37.44 9.51 -6.79
CA ILE D 282 -36.44 9.38 -5.72
C ILE D 282 -37.16 9.09 -4.40
N ILE D 283 -36.88 7.91 -3.84
CA ILE D 283 -37.43 7.49 -2.56
C ILE D 283 -36.38 7.46 -1.46
N CYS D 284 -35.12 7.70 -1.79
CA CYS D 284 -34.05 7.66 -0.80
C CYS D 284 -33.96 8.98 -0.03
N GLY D 285 -33.27 8.92 1.11
CA GLY D 285 -33.18 10.06 2.01
C GLY D 285 -32.21 11.13 1.56
N ILE D 286 -32.22 12.24 2.33
CA ILE D 286 -31.41 13.41 2.06
C ILE D 286 -30.32 13.50 3.13
N THR D 287 -29.05 13.38 2.69
CA THR D 287 -27.96 13.41 3.67
C THR D 287 -27.62 14.82 4.13
N SER D 288 -27.52 15.76 3.18
CA SER D 288 -27.09 17.11 3.53
C SER D 288 -27.78 18.11 2.62
N VAL D 289 -27.78 19.38 3.04
CA VAL D 289 -28.40 20.49 2.32
C VAL D 289 -27.53 21.72 2.49
N SER D 290 -27.57 22.61 1.49
CA SER D 290 -26.90 23.89 1.57
C SER D 290 -27.53 24.84 0.56
N PHE D 291 -27.49 26.14 0.88
CA PHE D 291 -27.97 27.18 0.01
C PHE D 291 -26.83 27.85 -0.75
N SER D 292 -27.18 28.45 -1.87
CA SER D 292 -26.27 29.32 -2.61
C SER D 292 -26.18 30.69 -1.92
N LYS D 293 -25.28 31.53 -2.44
CA LYS D 293 -25.08 32.86 -1.88
C LYS D 293 -26.32 33.74 -2.04
N SER D 294 -27.02 33.62 -3.17
CA SER D 294 -28.28 34.32 -3.34
C SER D 294 -29.45 33.60 -2.70
N GLY D 295 -29.32 32.30 -2.43
CA GLY D 295 -30.41 31.50 -1.92
C GLY D 295 -31.39 31.02 -2.98
N ARG D 296 -31.17 31.37 -4.25
CA ARG D 296 -32.07 30.93 -5.31
C ARG D 296 -31.95 29.43 -5.56
N LEU D 297 -30.74 28.88 -5.40
CA LEU D 297 -30.50 27.46 -5.61
C LEU D 297 -30.31 26.77 -4.27
N LEU D 298 -30.94 25.60 -4.12
CA LEU D 298 -30.79 24.75 -2.94
C LEU D 298 -30.15 23.45 -3.38
N LEU D 299 -28.95 23.18 -2.88
CA LEU D 299 -28.23 21.96 -3.26
C LEU D 299 -28.39 20.93 -2.16
N ALA D 300 -28.71 19.69 -2.54
CA ALA D 300 -28.89 18.63 -1.56
C ALA D 300 -28.38 17.31 -2.12
N GLY D 301 -27.56 16.62 -1.35
CA GLY D 301 -27.08 15.31 -1.74
C GLY D 301 -27.98 14.21 -1.19
N TYR D 302 -28.23 13.20 -2.03
CA TYR D 302 -29.17 12.15 -1.71
C TYR D 302 -28.43 10.82 -1.67
N ASP D 303 -29.13 9.76 -1.24
CA ASP D 303 -28.58 8.41 -1.26
C ASP D 303 -28.62 7.76 -2.64
N ASP D 304 -29.03 8.47 -3.69
CA ASP D 304 -29.07 7.93 -5.05
C ASP D 304 -27.76 8.15 -5.80
N PHE D 305 -26.68 8.45 -5.08
CA PHE D 305 -25.32 8.72 -5.56
C PHE D 305 -25.21 10.05 -6.28
N ASN D 306 -26.18 10.94 -6.08
CA ASN D 306 -26.26 12.20 -6.82
C ASN D 306 -26.55 13.36 -5.87
N CYS D 307 -26.21 14.55 -6.34
CA CYS D 307 -26.53 15.80 -5.64
C CYS D 307 -27.45 16.62 -6.55
N ASN D 308 -28.67 16.88 -6.09
CA ASN D 308 -29.62 17.63 -6.91
C ASN D 308 -29.65 19.09 -6.51
N VAL D 309 -29.65 19.96 -7.52
CA VAL D 309 -29.79 21.40 -7.36
C VAL D 309 -31.22 21.76 -7.71
N TRP D 310 -31.97 22.23 -6.72
CA TRP D 310 -33.37 22.60 -6.86
C TRP D 310 -33.48 24.12 -6.94
N ASP D 311 -34.39 24.59 -7.79
CA ASP D 311 -34.78 25.99 -7.76
C ASP D 311 -35.68 26.22 -6.55
N ALA D 312 -35.25 27.10 -5.64
CA ALA D 312 -35.95 27.32 -4.38
C ALA D 312 -37.32 27.95 -4.58
N LEU D 313 -37.46 28.83 -5.56
CA LEU D 313 -38.71 29.58 -5.74
C LEU D 313 -39.68 28.92 -6.71
N LYS D 314 -39.26 27.90 -7.45
CA LYS D 314 -40.15 27.24 -8.41
C LYS D 314 -40.46 25.79 -8.06
N ALA D 315 -39.81 25.22 -7.03
CA ALA D 315 -39.99 23.84 -6.57
C ALA D 315 -39.76 22.83 -7.69
N ASP D 316 -38.74 23.08 -8.51
CA ASP D 316 -38.39 22.23 -9.64
C ASP D 316 -36.89 21.98 -9.64
N ARG D 317 -36.50 20.90 -10.30
CA ARG D 317 -35.09 20.53 -10.36
C ARG D 317 -34.36 21.41 -11.37
N ALA D 318 -33.24 21.98 -10.95
CA ALA D 318 -32.44 22.82 -11.82
C ALA D 318 -31.17 22.14 -12.32
N GLY D 319 -30.66 21.14 -11.60
CA GLY D 319 -29.47 20.47 -12.07
C GLY D 319 -29.17 19.21 -11.30
N VAL D 320 -28.24 18.42 -11.85
CA VAL D 320 -27.84 17.13 -11.29
C VAL D 320 -26.31 17.08 -11.28
N LEU D 321 -25.75 16.75 -10.13
CA LEU D 321 -24.32 16.55 -9.94
C LEU D 321 -24.10 15.05 -9.73
N ALA D 322 -23.70 14.37 -10.80
CA ALA D 322 -23.37 12.95 -10.79
C ALA D 322 -21.86 12.78 -10.95
N GLY D 323 -21.33 11.70 -10.35
CA GLY D 323 -19.90 11.48 -10.39
C GLY D 323 -19.33 10.80 -9.17
N HIS D 324 -20.10 10.74 -8.08
CA HIS D 324 -19.68 9.99 -6.91
C HIS D 324 -20.11 8.53 -7.04
N ASP D 325 -19.23 7.64 -6.60
CA ASP D 325 -19.44 6.20 -6.77
C ASP D 325 -19.97 5.52 -5.51
N ASN D 326 -20.12 6.27 -4.41
CA ASN D 326 -20.70 5.74 -3.19
C ASN D 326 -21.59 6.84 -2.60
N ARG D 327 -22.25 6.52 -1.49
CA ARG D 327 -23.22 7.40 -0.83
C ARG D 327 -22.62 8.76 -0.46
N VAL D 328 -23.19 9.82 -1.04
CA VAL D 328 -22.73 11.17 -0.79
C VAL D 328 -23.09 11.56 0.64
N SER D 329 -22.08 11.96 1.42
CA SER D 329 -22.26 12.18 2.84
C SER D 329 -22.29 13.64 3.25
N CYS D 330 -21.61 14.53 2.53
CA CYS D 330 -21.50 15.91 2.98
C CYS D 330 -21.39 16.84 1.78
N LEU D 331 -21.86 18.07 1.96
CA LEU D 331 -21.97 19.04 0.88
C LEU D 331 -21.87 20.44 1.48
N GLY D 332 -21.06 21.30 0.86
CA GLY D 332 -20.92 22.66 1.35
C GLY D 332 -20.68 23.69 0.26
N VAL D 333 -21.46 24.77 0.31
CA VAL D 333 -21.25 25.93 -0.55
C VAL D 333 -20.35 26.90 0.19
N THR D 334 -19.33 27.41 -0.50
CA THR D 334 -18.36 28.30 0.11
C THR D 334 -18.97 29.68 0.35
N ASP D 335 -18.23 30.50 1.11
CA ASP D 335 -18.75 31.77 1.64
C ASP D 335 -19.04 32.78 0.53
N ASP D 336 -18.18 32.88 -0.48
CA ASP D 336 -18.44 33.77 -1.59
C ASP D 336 -19.22 33.11 -2.73
N GLY D 337 -19.57 31.83 -2.58
CA GLY D 337 -20.42 31.18 -3.55
C GLY D 337 -19.75 30.76 -4.84
N MET D 338 -18.42 30.74 -4.88
CA MET D 338 -17.71 30.49 -6.13
C MET D 338 -17.60 29.01 -6.46
N ALA D 339 -17.83 28.12 -5.50
CA ALA D 339 -17.69 26.69 -5.73
C ALA D 339 -18.49 25.92 -4.69
N VAL D 340 -18.80 24.67 -5.02
CA VAL D 340 -19.48 23.77 -4.09
C VAL D 340 -18.62 22.52 -3.95
N ALA D 341 -18.35 22.10 -2.71
CA ALA D 341 -17.56 20.90 -2.49
C ALA D 341 -18.43 19.81 -1.88
N THR D 342 -18.32 18.61 -2.46
CA THR D 342 -19.10 17.45 -2.05
C THR D 342 -18.15 16.32 -1.66
N GLY D 343 -18.40 15.70 -0.52
CA GLY D 343 -17.69 14.51 -0.10
C GLY D 343 -18.62 13.33 0.07
N SER D 344 -18.08 12.14 -0.16
CA SER D 344 -18.85 10.92 -0.28
C SER D 344 -18.04 9.78 0.33
N TRP D 345 -18.70 8.61 0.42
CA TRP D 345 -18.07 7.43 1.00
C TRP D 345 -17.08 6.75 0.06
N ASP D 346 -16.88 7.26 -1.15
CA ASP D 346 -15.92 6.69 -2.08
C ASP D 346 -14.50 7.17 -1.84
N SER D 347 -14.29 8.00 -0.80
CA SER D 347 -13.03 8.59 -0.27
C SER D 347 -12.58 9.79 -1.10
N PHE D 348 -13.41 10.32 -1.98
CA PHE D 348 -13.03 11.45 -2.82
C PHE D 348 -13.82 12.70 -2.42
N LEU D 349 -13.14 13.83 -2.42
CA LEU D 349 -13.76 15.14 -2.35
C LEU D 349 -13.74 15.76 -3.74
N LYS D 350 -14.88 16.31 -4.17
CA LYS D 350 -14.96 16.93 -5.48
C LYS D 350 -15.47 18.35 -5.36
N ILE D 351 -14.97 19.21 -6.25
CA ILE D 351 -15.36 20.62 -6.29
C ILE D 351 -16.05 20.89 -7.61
N TRP D 352 -17.25 21.46 -7.53
CA TRP D 352 -18.12 21.72 -8.66
C TRP D 352 -18.25 23.23 -8.84
N ASN D 353 -18.42 23.64 -10.10
CA ASN D 353 -18.47 25.06 -10.46
C ASN D 353 -19.01 25.21 -11.88
N ALA E 10 -44.91 17.73 36.60
CA ALA E 10 -43.71 18.54 36.53
C ALA E 10 -43.30 18.80 35.08
N GLN E 11 -43.01 17.71 34.36
CA GLN E 11 -42.64 17.82 32.95
C GLN E 11 -43.79 18.36 32.11
N ALA E 12 -45.01 17.88 32.38
CA ALA E 12 -46.19 18.31 31.62
C ALA E 12 -46.46 19.80 31.80
N ARG E 13 -46.27 20.31 33.02
CA ARG E 13 -46.45 21.74 33.31
C ARG E 13 -45.51 22.60 32.47
N LYS E 14 -44.20 22.30 32.55
CA LYS E 14 -43.19 23.01 31.77
C LYS E 14 -43.45 22.91 30.26
N LEU E 15 -43.87 21.74 29.78
CA LEU E 15 -44.19 21.59 28.36
C LEU E 15 -45.40 22.43 27.96
N VAL E 16 -46.43 22.49 28.81
CA VAL E 16 -47.60 23.33 28.52
C VAL E 16 -47.22 24.81 28.51
N GLU E 17 -46.37 25.23 29.46
CA GLU E 17 -45.90 26.62 29.49
C GLU E 17 -45.05 26.96 28.26
N GLN E 18 -44.20 26.02 27.84
CA GLN E 18 -43.40 26.19 26.62
C GLN E 18 -44.28 26.30 25.38
N LEU E 19 -45.31 25.46 25.30
CA LEU E 19 -46.24 25.50 24.16
C LEU E 19 -47.04 26.81 24.15
N LYS E 20 -47.42 27.30 25.33
CA LYS E 20 -48.10 28.60 25.42
C LYS E 20 -47.19 29.74 25.00
N MET E 21 -45.91 29.69 25.39
CA MET E 21 -44.94 30.69 24.93
C MET E 21 -44.75 30.63 23.42
N GLU E 22 -44.77 29.41 22.85
CA GLU E 22 -44.74 29.25 21.39
C GLU E 22 -45.97 29.87 20.73
N ALA E 23 -47.14 29.69 21.34
CA ALA E 23 -48.38 30.22 20.79
C ALA E 23 -48.41 31.75 20.79
N ASN E 24 -47.89 32.37 21.85
CA ASN E 24 -47.94 33.83 22.00
C ASN E 24 -46.80 34.48 21.22
N ILE E 25 -46.96 34.49 19.90
CA ILE E 25 -45.99 35.08 18.98
C ILE E 25 -46.74 35.96 17.97
N ASP E 26 -46.13 37.08 17.61
CA ASP E 26 -46.72 38.04 16.66
C ASP E 26 -46.40 37.61 15.24
N ARG E 27 -47.12 36.58 14.79
CA ARG E 27 -46.96 36.05 13.44
C ARG E 27 -47.36 37.08 12.38
N ILE E 28 -46.41 37.46 11.53
CA ILE E 28 -46.70 38.36 10.42
C ILE E 28 -47.35 37.59 9.28
N LYS E 29 -47.94 38.34 8.35
CA LYS E 29 -48.53 37.75 7.16
C LYS E 29 -47.47 37.09 6.29
N VAL E 30 -47.81 35.90 5.75
CA VAL E 30 -46.89 35.14 4.91
C VAL E 30 -46.58 35.87 3.60
N SER E 31 -47.52 36.70 3.11
CA SER E 31 -47.29 37.46 1.88
C SER E 31 -46.15 38.46 2.02
N LYS E 32 -46.04 39.12 3.17
CA LYS E 32 -44.94 40.04 3.42
C LYS E 32 -43.60 39.32 3.47
N ALA E 33 -43.55 38.16 4.11
CA ALA E 33 -42.35 37.34 4.13
C ALA E 33 -41.97 36.85 2.75
N ALA E 34 -42.96 36.49 1.94
CA ALA E 34 -42.72 36.07 0.56
C ALA E 34 -42.16 37.22 -0.27
N ALA E 35 -42.71 38.43 -0.12
CA ALA E 35 -42.21 39.60 -0.80
C ALA E 35 -40.77 39.92 -0.40
N ASP E 36 -40.47 39.83 0.90
CA ASP E 36 -39.10 40.05 1.39
C ASP E 36 -38.14 38.99 0.83
N LEU E 37 -38.60 37.73 0.76
CA LEU E 37 -37.78 36.64 0.24
C LEU E 37 -37.46 36.84 -1.24
N MET E 38 -38.48 37.22 -2.02
CA MET E 38 -38.27 37.49 -3.45
C MET E 38 -37.37 38.70 -3.65
N ALA E 39 -37.55 39.75 -2.85
CA ALA E 39 -36.71 40.94 -2.94
C ALA E 39 -35.25 40.61 -2.62
N TYR E 40 -35.02 39.78 -1.60
CA TYR E 40 -33.67 39.37 -1.23
C TYR E 40 -33.02 38.54 -2.34
N CYS E 41 -33.77 37.59 -2.90
CA CYS E 41 -33.27 36.77 -4.01
C CYS E 41 -32.94 37.62 -5.23
N GLU E 42 -33.83 38.53 -5.62
CA GLU E 42 -33.59 39.40 -6.77
C GLU E 42 -32.41 40.34 -6.53
N ALA E 43 -32.28 40.86 -5.31
CA ALA E 43 -31.17 41.77 -5.00
C ALA E 43 -29.82 41.06 -5.04
N HIS E 44 -29.75 39.83 -4.50
CA HIS E 44 -28.49 39.11 -4.47
C HIS E 44 -28.29 38.17 -5.64
N ALA E 45 -29.19 38.17 -6.63
CA ALA E 45 -29.09 37.27 -7.78
C ALA E 45 -27.85 37.55 -8.62
N LYS E 46 -27.52 38.83 -8.84
CA LYS E 46 -26.35 39.20 -9.64
C LYS E 46 -25.05 38.79 -8.97
N GLU E 47 -24.98 38.92 -7.64
CA GLU E 47 -23.74 38.64 -6.91
C GLU E 47 -23.36 37.16 -6.94
N ASP E 48 -24.34 36.26 -6.99
CA ASP E 48 -24.13 34.82 -6.88
C ASP E 48 -23.32 34.26 -8.05
N PRO E 49 -22.18 33.62 -7.79
CA PRO E 49 -21.44 32.98 -8.90
C PRO E 49 -22.11 31.73 -9.42
N LEU E 50 -22.80 30.97 -8.55
CA LEU E 50 -23.47 29.75 -9.00
C LEU E 50 -24.61 30.04 -9.96
N LEU E 51 -25.41 31.07 -9.66
CA LEU E 51 -26.58 31.39 -10.48
C LEU E 51 -26.19 31.93 -11.85
N THR E 52 -25.20 32.80 -11.90
CA THR E 52 -24.76 33.43 -13.16
C THR E 52 -23.30 33.12 -13.39
N PRO E 53 -22.93 32.52 -14.54
CA PRO E 53 -21.55 32.10 -14.76
C PRO E 53 -20.55 33.25 -14.81
N VAL E 54 -19.36 32.98 -14.31
CA VAL E 54 -18.27 33.96 -14.18
C VAL E 54 -17.18 33.58 -15.17
N PRO E 55 -16.64 34.55 -15.96
CA PRO E 55 -15.47 34.30 -16.84
C PRO E 55 -14.32 33.51 -16.22
N ALA E 56 -13.64 32.72 -17.07
CA ALA E 56 -12.57 31.83 -16.64
C ALA E 56 -11.40 32.58 -16.01
N SER E 57 -11.03 33.74 -16.58
CA SER E 57 -9.95 34.54 -16.02
C SER E 57 -10.30 35.07 -14.63
N GLU E 58 -11.54 35.54 -14.45
CA GLU E 58 -11.98 35.98 -13.14
C GLU E 58 -12.10 34.81 -12.16
N ASN E 59 -12.50 33.64 -12.67
CA ASN E 59 -12.69 32.45 -11.86
C ASN E 59 -11.36 32.01 -11.24
N PRO E 60 -11.29 31.81 -9.91
CA PRO E 60 -10.05 31.27 -9.34
C PRO E 60 -9.74 29.84 -9.76
N PHE E 61 -10.76 29.00 -9.95
CA PHE E 61 -10.54 27.63 -10.39
C PHE E 61 -10.40 27.61 -11.91
N ARG E 62 -9.27 27.09 -12.39
CA ARG E 62 -8.99 27.03 -13.81
C ARG E 62 -8.36 25.69 -14.16
N GLU E 63 -8.45 25.33 -15.44
CA GLU E 63 -7.84 24.11 -15.93
C GLU E 63 -6.32 24.19 -15.86
N LYS E 64 -5.69 23.10 -15.43
CA LYS E 64 -4.24 23.03 -15.28
C LYS E 64 -3.69 22.00 -16.26
N LYS E 65 -2.69 22.41 -17.03
CA LYS E 65 -2.05 21.53 -18.00
C LYS E 65 -1.13 20.53 -17.32
N VAL F 2 10.39 27.05 21.97
CA VAL F 2 11.20 27.18 20.76
C VAL F 2 12.54 27.80 21.10
N GLN F 3 13.63 27.08 20.80
CA GLN F 3 14.97 27.56 21.08
C GLN F 3 15.95 26.93 20.10
N LEU F 4 16.93 27.72 19.68
CA LEU F 4 17.99 27.29 18.77
C LEU F 4 19.32 27.80 19.34
N VAL F 5 20.28 26.90 19.54
CA VAL F 5 21.61 27.31 20.00
C VAL F 5 22.68 26.64 19.14
N GLU F 6 23.67 27.43 18.74
CA GLU F 6 24.72 27.00 17.83
C GLU F 6 26.04 26.81 18.57
N SER F 7 26.80 25.82 18.13
CA SER F 7 28.11 25.53 18.69
C SER F 7 29.09 25.20 17.56
N GLY F 8 30.37 25.33 17.89
CA GLY F 8 31.45 25.10 16.94
C GLY F 8 32.25 26.34 16.57
N GLY F 9 32.09 27.45 17.28
CA GLY F 9 32.78 28.68 16.97
C GLY F 9 34.27 28.71 17.29
N GLY F 10 34.83 29.91 17.36
CA GLY F 10 36.25 30.09 17.63
C GLY F 10 37.02 30.44 16.37
N LEU F 11 38.33 30.57 16.54
CA LEU F 11 39.20 30.95 15.43
C LEU F 11 39.58 29.74 14.59
N VAL F 12 39.65 29.95 13.28
CA VAL F 12 40.00 28.91 12.32
C VAL F 12 41.11 29.46 11.43
N GLN F 13 42.08 28.60 11.07
CA GLN F 13 43.12 29.00 10.13
C GLN F 13 42.58 28.87 8.70
N PRO F 14 42.99 29.76 7.79
CA PRO F 14 42.55 29.64 6.38
C PRO F 14 43.06 28.36 5.74
N GLY F 15 42.19 27.76 4.91
CA GLY F 15 42.44 26.46 4.32
C GLY F 15 42.06 25.30 5.20
N GLY F 16 41.64 25.53 6.44
CA GLY F 16 41.20 24.48 7.33
C GLY F 16 39.77 24.04 7.06
N SER F 17 39.19 23.39 8.07
CA SER F 17 37.83 22.87 7.98
C SER F 17 37.18 22.98 9.35
N ARG F 18 35.86 23.18 9.35
CA ARG F 18 35.13 23.37 10.60
C ARG F 18 33.70 22.86 10.43
N LYS F 19 33.17 22.21 11.47
CA LYS F 19 31.79 21.76 11.48
C LYS F 19 31.04 22.50 12.57
N LEU F 20 29.98 23.22 12.17
CA LEU F 20 29.06 23.85 13.11
C LEU F 20 27.85 22.94 13.33
N SER F 21 27.28 23.04 14.53
CA SER F 21 26.06 22.29 14.83
C SER F 21 25.11 23.17 15.62
N CYS F 22 23.84 23.14 15.21
CA CYS F 22 22.79 23.90 15.87
C CYS F 22 21.77 22.91 16.44
N SER F 23 21.55 23.00 17.75
CA SER F 23 20.61 22.14 18.44
C SER F 23 19.32 22.90 18.71
N ALA F 24 18.20 22.24 18.42
CA ALA F 24 16.86 22.79 18.49
C ALA F 24 16.10 22.14 19.64
N SER F 25 15.35 22.94 20.39
CA SER F 25 14.57 22.43 21.50
C SER F 25 13.21 23.08 21.55
N GLY F 26 12.20 22.29 21.94
CA GLY F 26 10.86 22.80 22.18
C GLY F 26 10.01 23.09 20.97
N PHE F 27 10.28 22.44 19.84
CA PHE F 27 9.38 22.46 18.69
C PHE F 27 9.66 21.25 17.81
N ALA F 28 8.75 20.99 16.88
CA ALA F 28 8.84 19.88 15.95
C ALA F 28 9.88 20.14 14.86
N PHE F 29 11.14 19.79 15.14
CA PHE F 29 12.26 20.05 14.24
C PHE F 29 12.09 19.40 12.86
N SER F 30 11.46 18.23 12.80
CA SER F 30 11.35 17.48 11.55
C SER F 30 10.46 18.15 10.51
N SER F 31 9.58 19.07 10.92
CA SER F 31 8.65 19.70 9.99
C SER F 31 9.09 21.06 9.48
N PHE F 32 10.20 21.60 9.99
CA PHE F 32 10.69 22.91 9.56
C PHE F 32 11.88 22.76 8.61
N GLY F 33 11.85 23.52 7.53
CA GLY F 33 13.07 23.77 6.78
C GLY F 33 13.99 24.71 7.52
N MET F 34 15.27 24.69 7.14
CA MET F 34 16.29 25.39 7.90
C MET F 34 17.18 26.20 6.97
N HIS F 35 17.60 27.37 7.47
CA HIS F 35 18.44 28.31 6.76
C HIS F 35 19.69 28.61 7.57
N TRP F 36 20.80 28.83 6.86
CA TRP F 36 21.98 29.49 7.41
C TRP F 36 22.13 30.84 6.73
N VAL F 37 22.28 31.88 7.55
CA VAL F 37 22.40 33.27 7.11
C VAL F 37 23.62 33.88 7.76
N ARG F 38 24.52 34.47 6.95
CA ARG F 38 25.73 35.05 7.51
C ARG F 38 25.61 36.57 7.63
N GLN F 39 26.39 37.12 8.57
CA GLN F 39 26.46 38.55 8.82
C GLN F 39 27.91 38.96 8.93
N ALA F 40 28.34 39.83 8.03
CA ALA F 40 29.65 40.47 8.13
C ALA F 40 29.68 41.39 9.35
N PRO F 41 30.86 41.57 9.98
CA PRO F 41 30.96 42.40 11.22
C PRO F 41 30.35 43.80 11.15
N GLU F 42 30.73 44.63 10.18
CA GLU F 42 30.15 45.95 10.04
C GLU F 42 29.47 46.13 8.68
N LYS F 43 28.81 45.07 8.20
CA LYS F 43 28.02 45.12 6.98
C LYS F 43 26.73 44.34 7.18
N GLY F 44 25.87 44.38 6.16
CA GLY F 44 24.58 43.74 6.20
C GLY F 44 24.62 42.21 6.27
N LEU F 45 23.42 41.63 6.31
CA LEU F 45 23.24 40.19 6.36
C LEU F 45 23.39 39.59 4.97
N GLU F 46 23.67 38.27 4.93
CA GLU F 46 23.75 37.56 3.67
C GLU F 46 23.30 36.12 3.86
N TRP F 47 22.51 35.62 2.93
CA TRP F 47 21.99 34.25 2.98
C TRP F 47 23.04 33.25 2.50
N VAL F 48 23.21 32.16 3.24
CA VAL F 48 24.17 31.13 2.87
C VAL F 48 23.47 29.91 2.26
N ALA F 49 22.54 29.29 3.00
CA ALA F 49 22.08 27.97 2.57
C ALA F 49 20.69 27.66 3.12
N TYR F 50 20.04 26.67 2.48
CA TYR F 50 18.73 26.17 2.86
C TYR F 50 18.63 24.67 2.67
N ILE F 51 17.99 24.00 3.63
CA ILE F 51 17.64 22.58 3.50
C ILE F 51 16.15 22.44 3.84
N SER F 52 15.43 21.72 2.99
CA SER F 52 14.02 21.45 3.24
C SER F 52 13.84 20.44 4.37
N SER F 53 12.61 20.37 4.88
CA SER F 53 12.23 19.29 5.78
C SER F 53 12.22 17.98 5.02
N GLY F 54 12.81 16.95 5.61
CA GLY F 54 12.98 15.67 4.94
C GLY F 54 14.12 15.62 3.94
N SER F 55 14.90 16.70 3.81
CA SER F 55 16.12 16.78 3.00
C SER F 55 15.86 16.55 1.51
N GLY F 56 14.65 16.87 1.05
CA GLY F 56 14.29 16.59 -0.33
C GLY F 56 14.89 17.55 -1.34
N THR F 57 15.05 18.82 -0.97
CA THR F 57 15.72 19.79 -1.81
C THR F 57 16.68 20.62 -0.96
N ILE F 58 17.81 20.99 -1.56
CA ILE F 58 18.89 21.70 -0.89
C ILE F 58 19.34 22.84 -1.79
N TYR F 59 19.48 24.04 -1.24
CA TYR F 59 19.93 25.19 -1.99
C TYR F 59 21.13 25.86 -1.32
N TYR F 60 22.02 26.39 -2.15
CA TYR F 60 23.23 27.06 -1.71
C TYR F 60 23.39 28.36 -2.49
N ALA F 61 24.04 29.34 -1.85
CA ALA F 61 24.55 30.49 -2.59
C ALA F 61 25.68 30.07 -3.51
N ASP F 62 25.87 30.84 -4.59
CA ASP F 62 26.88 30.48 -5.59
C ASP F 62 28.29 30.72 -5.08
N THR F 63 28.49 31.69 -4.19
CA THR F 63 29.80 31.94 -3.62
C THR F 63 30.25 30.81 -2.69
N VAL F 64 29.30 30.08 -2.12
CA VAL F 64 29.60 28.98 -1.22
C VAL F 64 29.26 27.62 -1.84
N LYS F 65 28.90 27.60 -3.11
CA LYS F 65 28.58 26.35 -3.81
C LYS F 65 29.79 25.44 -3.89
N GLY F 66 29.60 24.18 -3.46
CA GLY F 66 30.64 23.17 -3.50
C GLY F 66 31.55 23.14 -2.28
N ARG F 67 31.72 24.28 -1.60
CA ARG F 67 32.58 24.31 -0.42
C ARG F 67 31.85 23.90 0.85
N PHE F 68 30.58 24.23 0.98
CA PHE F 68 29.83 24.00 2.21
C PHE F 68 28.83 22.87 2.00
N THR F 69 28.66 22.03 3.02
CA THR F 69 27.73 20.90 2.99
C THR F 69 26.80 20.99 4.18
N ILE F 70 25.50 21.06 3.91
CA ILE F 70 24.49 21.14 4.95
C ILE F 70 23.86 19.76 5.13
N SER F 71 23.51 19.43 6.37
CA SER F 71 22.84 18.17 6.67
C SER F 71 22.02 18.34 7.94
N ARG F 72 21.10 17.41 8.17
CA ARG F 72 20.27 17.44 9.37
C ARG F 72 20.06 16.04 9.90
N ASP F 73 19.99 15.94 11.23
CA ASP F 73 19.65 14.70 11.93
C ASP F 73 18.42 14.96 12.77
N ASP F 74 17.28 14.44 12.31
CA ASP F 74 15.98 14.59 12.95
C ASP F 74 15.79 13.86 14.29
N PRO F 75 16.28 12.63 14.53
CA PRO F 75 16.11 12.05 15.88
C PRO F 75 16.91 12.77 16.97
N LYS F 76 17.98 13.48 16.63
CA LYS F 76 18.71 14.26 17.62
C LYS F 76 18.40 15.75 17.54
N ASN F 77 17.53 16.15 16.58
CA ASN F 77 17.07 17.53 16.38
C ASN F 77 18.23 18.49 16.17
N THR F 78 19.14 18.12 15.27
CA THR F 78 20.38 18.85 15.11
C THR F 78 20.63 19.17 13.64
N LEU F 79 21.11 20.37 13.37
CA LEU F 79 21.50 20.80 12.02
C LEU F 79 23.02 20.90 11.98
N PHE F 80 23.63 20.35 10.93
CA PHE F 80 25.08 20.34 10.79
C PHE F 80 25.49 21.10 9.54
N LEU F 81 26.58 21.86 9.65
CA LEU F 81 27.18 22.55 8.52
C LEU F 81 28.67 22.22 8.49
N GLN F 82 29.10 21.47 7.47
CA GLN F 82 30.51 21.18 7.26
C GLN F 82 31.10 22.19 6.29
N MET F 83 32.21 22.81 6.69
CA MET F 83 32.83 23.88 5.91
C MET F 83 34.26 23.46 5.61
N THR F 84 34.58 23.39 4.32
CA THR F 84 35.89 22.98 3.84
C THR F 84 36.49 24.11 3.00
N SER F 85 37.79 24.36 3.20
CA SER F 85 38.58 25.36 2.47
C SER F 85 38.03 26.76 2.66
N LEU F 86 37.99 27.18 3.92
CA LEU F 86 37.51 28.51 4.29
C LEU F 86 38.44 29.60 3.76
N ARG F 87 37.86 30.75 3.45
CA ARG F 87 38.56 31.90 2.90
C ARG F 87 38.38 33.10 3.81
N SER F 88 39.15 34.15 3.53
CA SER F 88 39.20 35.36 4.36
C SER F 88 37.89 36.15 4.38
N GLU F 89 36.93 35.84 3.51
CA GLU F 89 35.63 36.48 3.53
C GLU F 89 34.63 35.78 4.43
N ASP F 90 35.00 34.66 5.05
CA ASP F 90 34.08 33.87 5.86
C ASP F 90 34.13 34.23 7.34
N THR F 91 34.82 35.31 7.71
CA THR F 91 34.85 35.77 9.10
C THR F 91 33.53 36.49 9.40
N ALA F 92 32.53 35.71 9.80
CA ALA F 92 31.17 36.23 9.90
C ALA F 92 30.45 35.55 11.06
N MET F 93 29.31 36.14 11.44
CA MET F 93 28.41 35.53 12.42
C MET F 93 27.32 34.79 11.68
N TYR F 94 27.14 33.51 12.00
CA TYR F 94 26.19 32.65 11.29
C TYR F 94 24.95 32.41 12.16
N TYR F 95 23.78 32.68 11.59
CA TYR F 95 22.50 32.45 12.23
C TYR F 95 21.79 31.26 11.58
N CYS F 96 21.07 30.50 12.40
CA CYS F 96 20.18 29.44 11.94
C CYS F 96 18.73 29.93 12.02
N VAL F 97 17.95 29.60 10.99
CA VAL F 97 16.58 30.09 10.85
C VAL F 97 15.67 28.89 10.60
N ARG F 98 14.56 28.81 11.35
CA ARG F 98 13.52 27.84 11.04
C ARG F 98 12.46 28.50 10.17
N SER F 99 11.93 27.72 9.21
CA SER F 99 10.92 28.24 8.30
C SER F 99 10.00 27.10 7.86
N ILE F 100 8.69 27.34 7.94
CA ILE F 100 7.68 26.39 7.47
C ILE F 100 6.91 27.03 6.33
N TYR F 101 6.59 26.24 5.31
CA TYR F 101 6.00 26.75 4.08
C TYR F 101 4.68 26.05 3.81
N TYR F 102 3.59 26.80 3.94
CA TYR F 102 2.25 26.39 3.53
C TYR F 102 1.42 27.66 3.39
N TYR F 103 0.16 27.50 2.97
CA TYR F 103 -0.74 28.63 2.81
C TYR F 103 -1.06 29.27 4.16
N GLY F 104 -0.60 30.50 4.36
CA GLY F 104 -0.81 31.21 5.60
C GLY F 104 0.32 31.09 6.59
N SER F 105 1.39 30.38 6.25
CA SER F 105 2.52 30.22 7.15
C SER F 105 3.33 31.51 7.25
N SER F 106 4.11 31.60 8.33
CA SER F 106 5.05 32.71 8.54
C SER F 106 6.47 32.16 8.57
N PRO F 107 7.13 32.03 7.43
CA PRO F 107 8.53 31.59 7.44
C PRO F 107 9.45 32.74 7.83
N PHE F 108 10.67 32.36 8.23
CA PHE F 108 11.71 33.25 8.75
C PHE F 108 11.26 33.96 10.03
N ASP F 109 10.35 33.33 10.78
CA ASP F 109 9.79 33.95 11.98
C ASP F 109 10.77 33.92 13.15
N PHE F 110 11.50 32.82 13.33
CA PHE F 110 12.37 32.65 14.49
C PHE F 110 13.81 32.54 14.03
N TRP F 111 14.69 33.28 14.68
CA TRP F 111 16.10 33.38 14.35
C TRP F 111 16.94 32.80 15.48
N GLY F 112 18.07 32.20 15.11
CA GLY F 112 19.02 31.72 16.09
C GLY F 112 19.78 32.86 16.76
N GLN F 113 20.80 32.46 17.52
CA GLN F 113 21.55 33.40 18.33
C GLN F 113 22.84 33.85 17.67
N GLY F 114 23.43 33.01 16.82
CA GLY F 114 24.58 33.42 16.05
C GLY F 114 25.90 32.90 16.60
N THR F 115 26.68 32.23 15.76
CA THR F 115 28.02 31.79 16.10
C THR F 115 29.03 32.56 15.26
N THR F 116 29.92 33.28 15.92
CA THR F 116 30.94 34.06 15.21
C THR F 116 32.12 33.18 14.86
N LEU F 117 32.58 33.28 13.60
CA LEU F 117 33.76 32.56 13.14
C LEU F 117 34.71 33.56 12.51
N THR F 118 35.97 33.53 12.97
CA THR F 118 36.98 34.49 12.56
C THR F 118 38.16 33.74 11.95
N VAL F 119 38.54 34.12 10.73
CA VAL F 119 39.68 33.53 10.04
C VAL F 119 40.83 34.50 9.85
N SER F 120 40.63 35.78 10.11
CA SER F 120 41.68 36.79 9.96
C SER F 120 41.31 38.01 10.79
N ALA F 121 42.17 38.38 11.72
CA ALA F 121 41.91 39.51 12.61
C ALA F 121 42.93 40.62 12.40
N SER F 136 18.56 32.38 -13.91
CA SER F 136 17.75 33.57 -13.68
C SER F 136 18.61 34.73 -13.19
N ALA F 137 18.21 35.95 -13.57
CA ALA F 137 18.93 37.15 -13.16
C ALA F 137 18.84 37.36 -11.65
N ASP F 138 19.98 37.70 -11.06
CA ASP F 138 20.07 37.93 -9.61
C ASP F 138 19.32 39.21 -9.26
N ILE F 139 18.25 39.07 -8.48
CA ILE F 139 17.44 40.22 -8.06
C ILE F 139 18.25 41.05 -7.06
N VAL F 140 18.54 42.29 -7.43
CA VAL F 140 19.35 43.19 -6.62
C VAL F 140 18.41 44.04 -5.78
N MET F 141 18.46 43.88 -4.47
CA MET F 141 17.64 44.66 -3.55
C MET F 141 18.43 45.90 -3.13
N THR F 142 17.83 47.08 -3.29
CA THR F 142 18.54 48.34 -3.14
C THR F 142 17.91 49.17 -2.03
N GLN F 143 18.58 49.24 -0.89
CA GLN F 143 18.29 50.24 0.15
C GLN F 143 18.98 51.55 -0.23
N ALA F 144 18.19 52.53 -0.65
CA ALA F 144 18.76 53.78 -1.16
C ALA F 144 19.40 54.60 -0.06
N THR F 145 18.75 54.68 1.11
CA THR F 145 19.31 55.39 2.24
C THR F 145 20.11 54.44 3.13
N SER F 146 20.88 55.01 4.06
CA SER F 146 21.72 54.22 4.93
C SER F 146 21.46 54.54 6.41
N SER F 147 21.15 55.80 6.70
CA SER F 147 20.83 56.20 8.07
C SER F 147 19.87 57.38 8.04
N VAL F 148 18.93 57.38 8.98
CA VAL F 148 17.95 58.45 9.13
C VAL F 148 17.86 58.79 10.61
N PRO F 149 18.15 60.03 11.01
CA PRO F 149 17.99 60.40 12.43
C PRO F 149 16.55 60.75 12.74
N VAL F 150 16.00 60.08 13.76
CA VAL F 150 14.57 60.17 14.07
C VAL F 150 14.41 60.52 15.55
N THR F 151 13.24 61.09 15.86
CA THR F 151 12.81 61.40 17.22
C THR F 151 11.61 60.53 17.60
N PRO F 152 11.53 60.08 18.87
CA PRO F 152 10.38 59.26 19.30
C PRO F 152 9.03 59.97 19.20
N GLY F 153 8.17 59.47 18.32
CA GLY F 153 6.81 59.98 18.21
C GLY F 153 6.37 60.19 16.78
N GLU F 154 7.30 60.59 15.91
CA GLU F 154 6.99 60.83 14.52
C GLU F 154 6.87 59.53 13.75
N SER F 155 6.06 59.56 12.69
CA SER F 155 5.95 58.43 11.78
C SER F 155 7.11 58.44 10.81
N VAL F 156 7.73 57.28 10.60
CA VAL F 156 8.98 57.17 9.84
C VAL F 156 8.73 56.28 8.63
N SER F 157 9.23 56.69 7.47
CA SER F 157 9.08 55.94 6.25
C SER F 157 10.44 55.43 5.77
N ILE F 158 10.48 54.16 5.37
CA ILE F 158 11.68 53.52 4.85
C ILE F 158 11.33 52.94 3.48
N SER F 159 12.19 53.18 2.48
CA SER F 159 11.92 52.77 1.11
C SER F 159 12.88 51.66 0.69
N CYS F 160 12.32 50.67 -0.02
CA CYS F 160 13.09 49.60 -0.61
C CYS F 160 12.70 49.44 -2.08
N ARG F 161 13.64 48.95 -2.88
CA ARG F 161 13.43 48.78 -4.31
C ARG F 161 14.01 47.44 -4.75
N SER F 162 13.50 46.93 -5.86
CA SER F 162 13.89 45.64 -6.41
C SER F 162 14.39 45.81 -7.84
N SER F 163 15.13 44.81 -8.30
CA SER F 163 15.54 44.75 -9.69
C SER F 163 14.56 43.98 -10.56
N LYS F 164 13.64 43.24 -9.95
CA LYS F 164 12.65 42.44 -10.67
C LYS F 164 11.33 42.56 -9.94
N SER F 165 10.23 42.59 -10.71
CA SER F 165 8.89 42.64 -10.14
C SER F 165 8.60 41.40 -9.30
N LEU F 166 8.33 41.60 -8.02
CA LEU F 166 8.08 40.52 -7.08
C LEU F 166 6.62 40.09 -7.04
N LEU F 167 5.74 40.79 -7.76
CA LEU F 167 4.34 40.37 -7.87
C LEU F 167 4.25 39.11 -8.74
N HIS F 168 3.94 37.99 -8.10
CA HIS F 168 3.79 36.72 -8.80
C HIS F 168 2.36 36.60 -9.32
N SER F 169 2.14 35.64 -10.22
CA SER F 169 0.84 35.48 -10.85
C SER F 169 -0.23 34.94 -9.91
N ASN F 170 0.15 34.36 -8.77
CA ASN F 170 -0.83 33.92 -7.79
C ASN F 170 -1.34 35.06 -6.91
N GLY F 171 -0.75 36.24 -7.00
CA GLY F 171 -1.18 37.40 -6.25
C GLY F 171 -0.32 37.76 -5.06
N ASN F 172 0.60 36.89 -4.65
CA ASN F 172 1.48 37.19 -3.54
C ASN F 172 2.70 37.98 -4.01
N THR F 173 3.13 38.93 -3.19
CA THR F 173 4.35 39.69 -3.42
C THR F 173 5.34 39.30 -2.32
N TYR F 174 6.43 38.65 -2.71
CA TYR F 174 7.33 37.99 -1.76
C TYR F 174 8.39 38.98 -1.29
N LEU F 175 7.99 39.87 -0.39
CA LEU F 175 8.89 40.79 0.28
C LEU F 175 8.70 40.65 1.78
N TYR F 176 9.80 40.45 2.51
CA TYR F 176 9.76 40.29 3.95
C TYR F 176 10.57 41.41 4.59
N TRP F 177 10.06 41.96 5.69
CA TRP F 177 10.70 43.02 6.44
C TRP F 177 11.18 42.49 7.78
N PHE F 178 12.49 42.69 8.05
CA PHE F 178 13.18 42.22 9.23
C PHE F 178 13.74 43.40 10.01
N LEU F 179 13.80 43.26 11.34
CA LEU F 179 14.43 44.24 12.22
C LEU F 179 15.48 43.55 13.08
N GLN F 180 16.72 44.04 13.00
CA GLN F 180 17.81 43.59 13.85
C GLN F 180 18.10 44.68 14.87
N ARG F 181 17.83 44.40 16.15
CA ARG F 181 18.21 45.32 17.21
C ARG F 181 19.72 45.23 17.44
N PRO F 182 20.35 46.33 17.89
CA PRO F 182 21.79 46.29 18.21
C PRO F 182 22.09 45.34 19.36
N GLY F 183 22.96 44.36 19.07
CA GLY F 183 23.37 43.39 20.07
C GLY F 183 22.39 42.27 20.34
N GLN F 184 21.36 42.12 19.50
CA GLN F 184 20.37 41.07 19.66
C GLN F 184 20.13 40.39 18.31
N SER F 185 19.49 39.23 18.37
CA SER F 185 19.11 38.51 17.17
C SER F 185 18.04 39.29 16.40
N PRO F 186 18.08 39.25 15.07
CA PRO F 186 17.02 39.91 14.29
C PRO F 186 15.71 39.17 14.39
N GLN F 187 14.62 39.94 14.32
CA GLN F 187 13.28 39.37 14.35
C GLN F 187 12.53 39.74 13.07
N LEU F 188 11.64 38.83 12.66
CA LEU F 188 10.74 39.12 11.55
C LEU F 188 9.69 40.15 11.96
N LEU F 189 9.45 41.12 11.09
CA LEU F 189 8.36 42.07 11.31
C LEU F 189 7.19 41.81 10.39
N ILE F 190 7.43 41.69 9.08
CA ILE F 190 6.34 41.62 8.10
C ILE F 190 6.66 40.55 7.08
N TYR F 191 5.70 39.64 6.84
CA TYR F 191 5.82 38.63 5.81
C TYR F 191 4.78 38.89 4.72
N ARG F 192 5.25 38.88 3.47
CA ARG F 192 4.45 39.00 2.24
C ARG F 192 3.87 40.40 2.05
N MET F 193 4.50 41.40 2.66
CA MET F 193 4.32 42.87 2.59
C MET F 193 2.99 43.35 3.13
N SER F 194 2.12 42.49 3.62
CA SER F 194 0.86 42.94 4.18
C SER F 194 0.62 42.43 5.60
N ASN F 195 0.95 41.18 5.88
CA ASN F 195 0.63 40.57 7.16
C ASN F 195 1.73 40.80 8.18
N LEU F 196 1.33 41.17 9.39
CA LEU F 196 2.27 41.31 10.50
C LEU F 196 2.60 39.95 11.10
N ALA F 197 3.88 39.76 11.43
CA ALA F 197 4.30 38.53 12.10
C ALA F 197 3.71 38.45 13.50
N SER F 198 3.48 37.21 13.96
CA SER F 198 2.91 36.97 15.28
C SER F 198 3.86 37.43 16.38
N GLY F 199 3.39 38.39 17.18
CA GLY F 199 4.20 38.99 18.22
C GLY F 199 4.73 40.37 17.90
N VAL F 200 4.38 40.93 16.76
CA VAL F 200 4.80 42.27 16.35
C VAL F 200 3.65 43.23 16.65
N PRO F 201 3.91 44.37 17.30
CA PRO F 201 2.87 45.38 17.48
C PRO F 201 2.41 45.98 16.16
N ASP F 202 1.23 46.61 16.20
CA ASP F 202 0.58 47.18 15.03
C ASP F 202 1.15 48.55 14.64
N ARG F 203 2.30 48.94 15.21
CA ARG F 203 2.95 50.19 14.83
C ARG F 203 3.51 50.13 13.41
N PHE F 204 3.91 48.94 12.96
CA PHE F 204 4.53 48.75 11.66
C PHE F 204 3.46 48.49 10.61
N SER F 205 3.63 49.09 9.43
CA SER F 205 2.77 48.73 8.30
C SER F 205 3.58 48.75 7.01
N GLY F 206 3.30 47.80 6.13
CA GLY F 206 3.98 47.68 4.85
C GLY F 206 3.04 48.01 3.71
N SER F 207 3.54 48.71 2.70
CA SER F 207 2.73 49.12 1.58
C SER F 207 3.63 49.30 0.36
N GLY F 208 3.00 49.51 -0.79
CA GLY F 208 3.74 49.76 -2.02
C GLY F 208 3.29 48.83 -3.11
N SER F 209 4.10 48.78 -4.16
CA SER F 209 3.84 47.93 -5.33
C SER F 209 5.17 47.43 -5.87
N GLY F 210 5.09 46.75 -7.01
CA GLY F 210 6.27 46.27 -7.74
C GLY F 210 7.29 47.36 -8.02
N THR F 211 8.51 47.11 -7.56
CA THR F 211 9.77 47.87 -7.67
C THR F 211 9.77 49.02 -6.63
N ALA F 212 8.70 49.23 -5.86
CA ALA F 212 8.72 50.35 -4.92
C ALA F 212 7.94 50.01 -3.66
N PHE F 213 8.64 49.88 -2.53
CA PHE F 213 8.05 49.36 -1.30
C PHE F 213 8.37 50.30 -0.15
N THR F 214 7.46 50.37 0.81
CA THR F 214 7.54 51.36 1.89
C THR F 214 7.12 50.71 3.20
N LEU F 215 7.92 50.94 4.24
CA LEU F 215 7.61 50.58 5.61
C LEU F 215 7.34 51.85 6.40
N THR F 216 6.14 51.94 6.97
CA THR F 216 5.72 53.11 7.74
C THR F 216 5.58 52.71 9.21
N ILE F 217 6.33 53.40 10.06
CA ILE F 217 6.28 53.23 11.51
C ILE F 217 5.57 54.44 12.11
N SER F 218 4.27 54.32 12.33
CA SER F 218 3.49 55.35 13.02
C SER F 218 3.59 55.15 14.52
N ARG F 219 3.66 56.25 15.26
CA ARG F 219 3.81 56.29 16.73
C ARG F 219 5.08 55.53 17.14
N LEU F 220 6.21 56.11 16.74
CA LEU F 220 7.52 55.57 17.07
C LEU F 220 7.72 55.45 18.58
N GLU F 221 8.15 54.27 19.02
CA GLU F 221 8.28 53.95 20.43
C GLU F 221 9.68 53.40 20.65
N ALA F 222 10.11 53.39 21.91
CA ALA F 222 11.43 52.88 22.28
C ALA F 222 11.53 51.38 22.01
N GLU F 223 12.78 50.92 21.84
CA GLU F 223 13.29 49.57 21.56
C GLU F 223 13.06 49.23 20.08
N ASP F 224 12.54 50.16 19.29
CA ASP F 224 12.38 49.97 17.85
C ASP F 224 13.60 50.41 17.06
N VAL F 225 14.60 50.98 17.73
CA VAL F 225 15.83 51.42 17.05
C VAL F 225 16.63 50.18 16.62
N GLY F 226 16.95 50.10 15.34
CA GLY F 226 17.70 48.98 14.84
C GLY F 226 18.02 49.16 13.37
N VAL F 227 18.26 48.03 12.70
CA VAL F 227 18.55 48.00 11.27
C VAL F 227 17.43 47.22 10.59
N TYR F 228 16.90 47.79 9.52
CA TYR F 228 15.74 47.26 8.81
C TYR F 228 16.18 46.65 7.48
N TYR F 229 15.78 45.41 7.23
CA TYR F 229 16.16 44.68 6.02
C TYR F 229 14.92 44.31 5.22
N CYS F 230 14.99 44.52 3.91
CA CYS F 230 13.98 44.03 2.98
C CYS F 230 14.55 42.84 2.21
N MET F 231 13.80 41.75 2.17
CA MET F 231 14.24 40.49 1.55
C MET F 231 13.25 40.07 0.48
N GLN F 232 13.75 39.68 -0.68
CA GLN F 232 12.92 39.02 -1.67
C GLN F 232 12.92 37.52 -1.43
N HIS F 233 11.79 36.88 -1.76
CA HIS F 233 11.66 35.44 -1.65
C HIS F 233 10.92 34.90 -2.87
N LEU F 234 11.25 35.41 -4.05
CA LEU F 234 10.63 34.95 -5.29
C LEU F 234 11.31 33.73 -5.86
N GLU F 235 12.65 33.72 -5.87
CA GLU F 235 13.41 32.61 -6.45
C GLU F 235 14.78 32.56 -5.79
N TYR F 236 15.36 31.37 -5.80
CA TYR F 236 16.69 31.18 -5.24
C TYR F 236 17.76 31.64 -6.24
N PRO F 237 18.90 32.15 -5.76
CA PRO F 237 19.33 32.43 -4.39
C PRO F 237 18.70 33.67 -3.77
N LEU F 238 18.45 33.62 -2.46
CA LEU F 238 17.88 34.76 -1.75
C LEU F 238 18.91 35.88 -1.65
N THR F 239 18.49 37.09 -1.97
CA THR F 239 19.35 38.27 -1.94
C THR F 239 18.72 39.30 -1.00
N PHE F 240 19.54 39.85 -0.10
CA PHE F 240 19.05 40.76 0.93
C PHE F 240 19.25 42.21 0.49
N GLY F 241 18.78 43.13 1.32
CA GLY F 241 19.04 44.54 1.14
C GLY F 241 20.27 45.01 1.90
N ALA F 242 20.61 46.28 1.69
CA ALA F 242 21.77 46.86 2.37
C ALA F 242 21.53 47.01 3.87
N GLY F 243 20.36 47.55 4.24
CA GLY F 243 20.01 47.71 5.64
C GLY F 243 19.95 49.14 6.10
N THR F 244 18.74 49.66 6.29
CA THR F 244 18.54 51.02 6.77
C THR F 244 18.59 51.04 8.30
N LYS F 245 19.52 51.82 8.84
CA LYS F 245 19.68 51.96 10.29
C LYS F 245 18.97 53.23 10.76
N LEU F 246 18.30 53.13 11.91
CA LEU F 246 17.77 54.29 12.60
C LEU F 246 18.59 54.58 13.85
N GLU F 247 18.53 55.83 14.29
CA GLU F 247 19.31 56.27 15.44
C GLU F 247 18.59 57.44 16.10
N LEU F 248 19.10 57.84 17.26
CA LEU F 248 18.46 58.88 18.06
C LEU F 248 19.43 60.05 18.30
N SER G 73 29.74 -27.50 27.56
CA SER G 73 29.88 -26.19 26.96
C SER G 73 31.23 -26.02 26.28
N MET G 74 32.29 -26.09 27.10
CA MET G 74 33.65 -25.97 26.58
C MET G 74 34.01 -27.11 25.64
N ILE G 75 33.61 -28.34 25.99
CA ILE G 75 33.89 -29.52 25.17
C ILE G 75 33.24 -29.40 23.79
N THR G 76 32.01 -28.89 23.75
CA THR G 76 31.28 -28.71 22.49
C THR G 76 31.97 -27.68 21.60
N ALA G 77 32.27 -26.50 22.16
CA ALA G 77 32.95 -25.45 21.41
C ALA G 77 34.33 -25.89 20.91
N ILE G 78 35.07 -26.65 21.74
CA ILE G 78 36.37 -27.18 21.32
C ILE G 78 36.21 -28.16 20.17
N THR G 79 35.19 -29.03 20.22
CA THR G 79 34.94 -29.99 19.16
C THR G 79 34.58 -29.30 17.86
N ILE G 80 33.69 -28.30 17.93
CA ILE G 80 33.26 -27.56 16.74
C ILE G 80 34.41 -26.77 16.13
N MET G 81 35.19 -26.07 16.98
CA MET G 81 36.32 -25.28 16.51
C MET G 81 37.40 -26.16 15.90
N ALA G 82 37.69 -27.31 16.52
CA ALA G 82 38.67 -28.24 15.98
C ALA G 82 38.21 -28.84 14.66
N LEU G 83 36.91 -29.15 14.53
CA LEU G 83 36.39 -29.70 13.29
C LEU G 83 36.49 -28.70 12.14
N TYR G 84 36.09 -27.44 12.39
CA TYR G 84 36.22 -26.39 11.37
C TYR G 84 37.69 -26.13 11.02
N SER G 85 38.57 -26.13 12.02
CA SER G 85 39.98 -25.86 11.77
C SER G 85 40.63 -26.98 10.93
N ILE G 86 40.34 -28.24 11.25
CA ILE G 86 40.91 -29.36 10.49
C ILE G 86 40.37 -29.38 9.07
N VAL G 87 39.07 -29.09 8.89
CA VAL G 87 38.47 -29.09 7.56
C VAL G 87 39.04 -27.95 6.71
N CYS G 88 39.22 -26.77 7.32
CA CYS G 88 39.79 -25.63 6.60
C CYS G 88 41.24 -25.86 6.21
N VAL G 89 42.05 -26.39 7.14
CA VAL G 89 43.48 -26.61 6.85
C VAL G 89 43.66 -27.66 5.76
N VAL G 90 42.92 -28.78 5.86
CA VAL G 90 43.02 -29.84 4.84
C VAL G 90 42.55 -29.33 3.48
N GLY G 91 41.45 -28.57 3.45
CA GLY G 91 40.95 -28.05 2.18
C GLY G 91 41.88 -27.05 1.52
N LEU G 92 42.41 -26.10 2.30
CA LEU G 92 43.34 -25.13 1.74
C LEU G 92 44.64 -25.78 1.27
N PHE G 93 45.18 -26.72 2.05
CA PHE G 93 46.41 -27.40 1.67
C PHE G 93 46.22 -28.22 0.39
N GLY G 94 45.10 -28.95 0.30
CA GLY G 94 44.83 -29.73 -0.90
C GLY G 94 44.58 -28.88 -2.13
N ASN G 95 43.81 -27.80 -1.99
CA ASN G 95 43.50 -26.93 -3.12
C ASN G 95 44.75 -26.22 -3.64
N PHE G 96 45.54 -25.63 -2.74
CA PHE G 96 46.76 -24.94 -3.19
C PHE G 96 47.80 -25.92 -3.73
N LEU G 97 47.89 -27.13 -3.16
CA LEU G 97 48.80 -28.14 -3.69
C LEU G 97 48.41 -28.56 -5.11
N VAL G 98 47.11 -28.82 -5.34
CA VAL G 98 46.63 -29.20 -6.66
C VAL G 98 46.84 -28.09 -7.68
N MET G 99 46.53 -26.84 -7.29
CA MET G 99 46.76 -25.69 -8.18
C MET G 99 48.24 -25.52 -8.51
N TYR G 100 49.13 -25.65 -7.51
CA TYR G 100 50.57 -25.55 -7.76
C TYR G 100 51.08 -26.64 -8.69
N VAL G 101 50.58 -27.88 -8.52
CA VAL G 101 50.98 -28.98 -9.39
C VAL G 101 50.51 -28.75 -10.82
N ILE G 102 49.28 -28.25 -10.99
CA ILE G 102 48.74 -28.01 -12.33
C ILE G 102 49.49 -26.87 -13.02
N VAL G 103 49.71 -25.75 -12.32
CA VAL G 103 50.36 -24.59 -12.94
C VAL G 103 51.84 -24.84 -13.21
N ARG G 104 52.56 -25.44 -12.25
CA ARG G 104 54.01 -25.57 -12.38
C ARG G 104 54.43 -26.62 -13.41
N TYR G 105 53.64 -27.67 -13.61
CA TYR G 105 54.06 -28.75 -14.50
C TYR G 105 53.10 -29.00 -15.66
N THR G 106 51.81 -29.17 -15.37
CA THR G 106 50.84 -29.57 -16.40
C THR G 106 50.61 -28.47 -17.42
N LYS G 107 50.68 -27.20 -16.99
CA LYS G 107 50.58 -25.98 -17.81
C LYS G 107 49.24 -25.85 -18.54
N MET G 108 48.20 -26.53 -18.04
CA MET G 108 46.80 -26.42 -18.49
C MET G 108 46.63 -26.59 -20.00
N LYS G 109 47.29 -27.59 -20.55
CA LYS G 109 47.27 -27.83 -21.99
C LYS G 109 46.12 -28.74 -22.43
N THR G 110 45.33 -29.24 -21.50
CA THR G 110 44.24 -30.14 -21.81
C THR G 110 42.97 -29.61 -21.14
N ALA G 111 41.82 -29.91 -21.75
CA ALA G 111 40.53 -29.41 -21.24
C ALA G 111 40.22 -29.96 -19.85
N THR G 112 40.50 -31.24 -19.62
CA THR G 112 40.24 -31.88 -18.32
C THR G 112 41.04 -31.20 -17.21
N ASN G 113 42.30 -30.86 -17.48
CA ASN G 113 43.14 -30.16 -16.52
C ASN G 113 42.62 -28.76 -16.25
N ILE G 114 42.07 -28.09 -17.28
CA ILE G 114 41.40 -26.80 -17.09
C ILE G 114 40.23 -26.93 -16.12
N TYR G 115 39.37 -27.95 -16.33
CA TYR G 115 38.24 -28.18 -15.43
C TYR G 115 38.70 -28.47 -14.00
N ILE G 116 39.76 -29.27 -13.84
CA ILE G 116 40.29 -29.57 -12.51
C ILE G 116 40.85 -28.31 -11.84
N PHE G 117 41.53 -27.46 -12.62
CA PHE G 117 42.04 -26.19 -12.10
C PHE G 117 40.90 -25.27 -11.64
N ASN G 118 39.84 -25.16 -12.45
CA ASN G 118 38.69 -24.34 -12.05
C ASN G 118 38.00 -24.90 -10.80
N LEU G 119 37.90 -26.23 -10.71
CA LEU G 119 37.31 -26.87 -9.53
C LEU G 119 38.15 -26.62 -8.29
N ALA G 120 39.47 -26.70 -8.41
CA ALA G 120 40.37 -26.42 -7.29
C ALA G 120 40.29 -24.97 -6.85
N LEU G 121 40.21 -24.05 -7.82
CA LEU G 121 40.08 -22.62 -7.49
C LEU G 121 38.77 -22.33 -6.79
N ALA G 122 37.66 -22.93 -7.27
CA ALA G 122 36.36 -22.73 -6.64
C ALA G 122 36.32 -23.30 -5.23
N ASP G 123 36.88 -24.50 -5.04
CA ASP G 123 36.94 -25.09 -3.71
C ASP G 123 37.83 -24.30 -2.76
N ALA G 124 38.94 -23.74 -3.27
CA ALA G 124 39.82 -22.91 -2.46
C ALA G 124 39.11 -21.64 -1.99
N LEU G 125 38.42 -20.96 -2.92
CA LEU G 125 37.70 -19.75 -2.56
C LEU G 125 36.54 -20.04 -1.62
N ALA G 126 35.85 -21.17 -1.81
CA ALA G 126 34.77 -21.55 -0.90
C ALA G 126 35.30 -21.88 0.50
N THR G 127 36.43 -22.60 0.57
CA THR G 127 37.04 -22.95 1.85
C THR G 127 37.61 -21.72 2.56
N SER G 128 37.98 -20.68 1.80
CA SER G 128 38.58 -19.47 2.38
C SER G 128 37.64 -18.73 3.33
N THR G 129 36.33 -18.87 3.16
CA THR G 129 35.38 -18.16 4.02
C THR G 129 35.07 -18.90 5.32
N LEU G 130 35.62 -20.08 5.52
CA LEU G 130 35.38 -20.88 6.72
C LEU G 130 35.95 -20.31 8.03
N PRO G 131 37.19 -19.73 8.08
CA PRO G 131 37.61 -19.10 9.35
C PRO G 131 36.76 -17.92 9.80
N PHE G 132 36.18 -17.17 8.87
CA PHE G 132 35.25 -16.10 9.23
C PHE G 132 34.03 -16.66 9.94
N GLN G 133 33.51 -17.80 9.46
CA GLN G 133 32.41 -18.49 10.14
C GLN G 133 32.84 -19.02 11.50
N SER G 134 34.09 -19.49 11.62
CA SER G 134 34.60 -19.95 12.91
C SER G 134 34.68 -18.81 13.92
N VAL G 135 35.19 -17.65 13.49
CA VAL G 135 35.25 -16.47 14.36
C VAL G 135 33.85 -15.99 14.73
N ASN G 136 32.91 -16.06 13.77
CA ASN G 136 31.52 -15.71 14.05
C ASN G 136 30.90 -16.62 15.10
N TYR G 137 31.17 -17.93 15.01
CA TYR G 137 30.65 -18.87 16.01
C TYR G 137 31.30 -18.67 17.38
N LEU G 138 32.61 -18.46 17.41
CA LEU G 138 33.31 -18.31 18.69
C LEU G 138 32.93 -17.02 19.40
N MET G 139 33.03 -15.88 18.70
CA MET G 139 32.77 -14.60 19.35
C MET G 139 31.28 -14.31 19.53
N GLY G 140 30.41 -15.01 18.79
CA GLY G 140 28.99 -14.75 18.89
C GLY G 140 28.53 -13.47 18.24
N THR G 141 29.41 -12.78 17.53
CA THR G 141 29.09 -11.53 16.86
C THR G 141 30.03 -11.36 15.67
N TRP G 142 29.70 -10.40 14.81
CA TRP G 142 30.52 -10.12 13.63
C TRP G 142 31.30 -8.84 13.83
N PRO G 143 32.62 -8.89 14.06
CA PRO G 143 33.41 -7.65 14.24
C PRO G 143 34.13 -7.17 12.98
N PHE G 144 34.02 -7.89 11.86
CA PHE G 144 34.81 -7.57 10.68
C PHE G 144 34.32 -6.32 9.99
N GLY G 145 33.00 -6.11 9.92
CA GLY G 145 32.42 -4.97 9.24
C GLY G 145 31.49 -5.40 8.12
N THR G 146 30.74 -4.40 7.64
CA THR G 146 29.67 -4.63 6.66
C THR G 146 30.24 -5.06 5.30
N ILE G 147 31.28 -4.36 4.83
CA ILE G 147 31.87 -4.64 3.51
C ILE G 147 32.43 -6.05 3.44
N LEU G 148 33.23 -6.44 4.44
CA LEU G 148 33.80 -7.78 4.47
C LEU G 148 32.71 -8.84 4.67
N CYS G 149 31.62 -8.50 5.38
CA CYS G 149 30.47 -9.38 5.48
C CYS G 149 29.86 -9.66 4.12
N LYS G 150 29.68 -8.60 3.31
CA LYS G 150 29.16 -8.75 1.96
C LYS G 150 30.09 -9.61 1.10
N ILE G 151 31.40 -9.36 1.21
CA ILE G 151 32.39 -10.08 0.40
C ILE G 151 32.42 -11.57 0.77
N VAL G 152 32.40 -11.88 2.07
CA VAL G 152 32.49 -13.27 2.50
C VAL G 152 31.23 -14.06 2.13
N ILE G 153 30.03 -13.48 2.40
CA ILE G 153 28.79 -14.17 2.05
C ILE G 153 28.67 -14.36 0.53
N SER G 154 29.02 -13.32 -0.24
CA SER G 154 28.96 -13.40 -1.70
C SER G 154 29.92 -14.45 -2.25
N ILE G 155 31.14 -14.52 -1.71
CA ILE G 155 32.11 -15.53 -2.15
C ILE G 155 31.62 -16.94 -1.80
N ASP G 156 31.02 -17.12 -0.62
CA ASP G 156 30.54 -18.43 -0.20
C ASP G 156 29.41 -18.94 -1.11
N TYR G 157 28.38 -18.12 -1.31
CA TYR G 157 27.26 -18.50 -2.17
C TYR G 157 27.68 -18.63 -3.63
N TYR G 158 28.61 -17.80 -4.08
CA TYR G 158 29.10 -17.84 -5.44
C TYR G 158 29.88 -19.13 -5.72
N ASN G 159 30.84 -19.44 -4.85
CA ASN G 159 31.72 -20.59 -5.07
C ASN G 159 31.03 -21.92 -4.81
N MET G 160 29.99 -21.97 -3.96
CA MET G 160 29.24 -23.22 -3.80
C MET G 160 28.61 -23.65 -5.12
N PHE G 161 27.91 -22.72 -5.79
CA PHE G 161 27.35 -22.99 -7.10
C PHE G 161 28.44 -23.24 -8.14
N THR G 162 29.56 -22.51 -8.06
CA THR G 162 30.64 -22.69 -9.02
C THR G 162 31.22 -24.11 -8.94
N SER G 163 31.51 -24.57 -7.72
CA SER G 163 31.99 -25.93 -7.49
C SER G 163 31.01 -26.98 -8.00
N ILE G 164 29.74 -26.90 -7.56
CA ILE G 164 28.74 -27.92 -7.91
C ILE G 164 28.50 -27.97 -9.43
N TRP G 165 28.37 -26.81 -10.08
CA TRP G 165 28.18 -26.81 -11.53
C TRP G 165 29.45 -27.23 -12.28
N THR G 166 30.64 -26.99 -11.72
CA THR G 166 31.85 -27.53 -12.32
C THR G 166 31.87 -29.05 -12.25
N LEU G 167 31.38 -29.61 -11.14
CA LEU G 167 31.21 -31.06 -11.03
C LEU G 167 30.24 -31.60 -12.08
N CYS G 168 29.13 -30.87 -12.29
CA CYS G 168 28.15 -31.25 -13.31
C CYS G 168 28.75 -31.19 -14.71
N THR G 169 29.55 -30.16 -14.98
CA THR G 169 30.19 -30.00 -16.29
C THR G 169 31.19 -31.12 -16.56
N MET G 170 31.98 -31.51 -15.54
CA MET G 170 32.89 -32.63 -15.70
C MET G 170 32.14 -33.95 -15.92
N SER G 171 30.99 -34.12 -15.25
CA SER G 171 30.17 -35.31 -15.48
C SER G 171 29.63 -35.37 -16.91
N VAL G 172 29.15 -34.24 -17.42
CA VAL G 172 28.68 -34.15 -18.80
C VAL G 172 29.83 -34.39 -19.78
N ASP G 173 31.02 -33.88 -19.46
CA ASP G 173 32.20 -34.08 -20.30
C ASP G 173 32.58 -35.55 -20.39
N ARG G 174 32.58 -36.26 -19.26
CA ARG G 174 32.88 -37.69 -19.27
C ARG G 174 31.80 -38.49 -20.00
N TYR G 175 30.53 -38.07 -19.85
CA TYR G 175 29.43 -38.72 -20.57
C TYR G 175 29.59 -38.59 -22.08
N ILE G 176 29.91 -37.38 -22.56
CA ILE G 176 30.12 -37.16 -23.99
C ILE G 176 31.38 -37.89 -24.47
N ALA G 177 32.42 -37.92 -23.63
CA ALA G 177 33.66 -38.61 -23.97
C ALA G 177 33.46 -40.12 -24.16
N VAL G 178 32.58 -40.72 -23.35
CA VAL G 178 32.36 -42.15 -23.46
C VAL G 178 31.31 -42.50 -24.51
N CYS G 179 30.09 -41.98 -24.33
CA CYS G 179 28.96 -42.45 -25.14
C CYS G 179 29.02 -41.96 -26.59
N HIS G 180 29.47 -40.73 -26.83
CA HIS G 180 29.46 -40.14 -28.16
C HIS G 180 30.86 -39.71 -28.57
N PRO G 181 31.69 -40.65 -29.06
CA PRO G 181 33.08 -40.32 -29.43
C PRO G 181 33.24 -39.28 -30.53
N VAL G 182 32.54 -39.44 -31.65
CA VAL G 182 32.63 -38.53 -32.79
C VAL G 182 32.21 -37.12 -32.37
N LYS G 183 31.18 -37.02 -31.53
CA LYS G 183 30.77 -35.72 -31.01
C LYS G 183 31.76 -35.22 -29.96
N ALA G 184 32.39 -36.13 -29.20
CA ALA G 184 33.38 -35.72 -28.22
C ALA G 184 34.62 -35.12 -28.86
N LEU G 185 34.97 -35.56 -30.07
CA LEU G 185 36.11 -34.98 -30.80
C LEU G 185 35.91 -33.50 -31.05
N ASP G 186 34.70 -33.10 -31.44
CA ASP G 186 34.38 -31.67 -31.54
C ASP G 186 34.26 -31.04 -30.17
N PHE G 187 33.61 -31.73 -29.23
CA PHE G 187 33.30 -31.16 -27.91
C PHE G 187 34.54 -30.97 -27.05
N ARG G 188 35.45 -31.95 -27.03
CA ARG G 188 36.58 -31.89 -26.11
C ARG G 188 37.74 -31.19 -26.79
N THR G 189 37.90 -29.91 -26.47
CA THR G 189 38.94 -29.01 -26.96
C THR G 189 39.24 -28.04 -25.83
N PRO G 190 40.42 -27.39 -25.85
CA PRO G 190 40.65 -26.30 -24.88
C PRO G 190 39.66 -25.14 -24.97
N ARG G 191 39.45 -24.63 -26.20
CA ARG G 191 38.57 -23.47 -26.45
C ARG G 191 37.15 -23.68 -25.91
N ASN G 192 36.54 -24.82 -26.24
CA ASN G 192 35.17 -25.10 -25.81
C ASN G 192 35.07 -25.21 -24.29
N ALA G 193 36.07 -25.83 -23.66
CA ALA G 193 36.10 -25.94 -22.21
C ALA G 193 36.26 -24.56 -21.55
N LYS G 194 37.04 -23.69 -22.17
CA LYS G 194 37.17 -22.32 -21.67
C LYS G 194 35.86 -21.56 -21.77
N ILE G 195 35.14 -21.71 -22.89
CA ILE G 195 33.86 -21.05 -23.09
C ILE G 195 32.82 -21.56 -22.08
N ILE G 196 32.76 -22.88 -21.87
CA ILE G 196 31.79 -23.46 -20.94
C ILE G 196 32.12 -23.07 -19.51
N ASN G 197 33.41 -23.02 -19.14
CA ASN G 197 33.80 -22.58 -17.81
C ASN G 197 33.47 -21.11 -17.56
N VAL G 198 33.70 -20.24 -18.56
CA VAL G 198 33.32 -18.83 -18.43
C VAL G 198 31.80 -18.69 -18.28
N CYS G 199 31.04 -19.52 -19.01
CA CYS G 199 29.58 -19.54 -18.85
C CYS G 199 29.18 -20.00 -17.46
N ASN G 200 29.90 -20.98 -16.90
CA ASN G 200 29.63 -21.45 -15.54
C ASN G 200 29.87 -20.37 -14.50
N TRP G 201 30.99 -19.64 -14.63
CA TRP G 201 31.27 -18.54 -13.70
C TRP G 201 30.24 -17.41 -13.84
N ILE G 202 29.81 -17.08 -15.05
CA ILE G 202 28.76 -16.07 -15.26
C ILE G 202 27.43 -16.53 -14.64
N LEU G 203 27.09 -17.81 -14.79
CA LEU G 203 25.88 -18.34 -14.16
C LEU G 203 26.00 -18.28 -12.64
N SER G 204 27.20 -18.51 -12.10
CA SER G 204 27.40 -18.33 -10.68
C SER G 204 27.27 -16.85 -10.28
N SER G 205 27.68 -15.93 -11.17
CA SER G 205 27.54 -14.50 -10.90
C SER G 205 26.08 -14.09 -10.74
N ALA G 206 25.21 -14.73 -11.54
CA ALA G 206 23.75 -14.56 -11.43
C ALA G 206 23.24 -14.66 -9.99
N ILE G 207 23.58 -15.75 -9.30
CA ILE G 207 23.18 -15.90 -7.90
C ILE G 207 24.08 -15.05 -6.98
N GLY G 208 25.35 -14.85 -7.36
CA GLY G 208 26.29 -14.15 -6.50
C GLY G 208 25.97 -12.69 -6.23
N LEU G 209 25.53 -11.96 -7.27
CA LEU G 209 25.30 -10.51 -7.13
C LEU G 209 24.18 -10.13 -6.13
N PRO G 210 22.95 -10.72 -6.16
CA PRO G 210 21.95 -10.33 -5.13
C PRO G 210 22.39 -10.67 -3.72
N VAL G 211 23.10 -11.79 -3.57
CA VAL G 211 23.67 -12.18 -2.29
C VAL G 211 24.65 -11.11 -1.79
N MET G 212 25.46 -10.57 -2.71
CA MET G 212 26.38 -9.49 -2.38
C MET G 212 25.64 -8.22 -1.95
N PHE G 213 24.53 -7.91 -2.62
CA PHE G 213 23.78 -6.69 -2.28
C PHE G 213 23.03 -6.83 -0.96
N MET G 214 22.09 -7.79 -0.89
CA MET G 214 21.22 -8.01 0.27
C MET G 214 21.96 -8.14 1.60
N ALA G 215 23.14 -8.78 1.61
CA ALA G 215 23.85 -9.07 2.85
C ALA G 215 24.30 -7.78 3.54
N THR G 216 24.03 -7.69 4.84
CA THR G 216 24.40 -6.54 5.68
C THR G 216 24.69 -7.05 7.08
N THR G 217 24.82 -6.10 8.01
CA THR G 217 25.04 -6.36 9.42
C THR G 217 23.94 -5.68 10.22
N LYS G 218 23.32 -6.45 11.13
CA LYS G 218 22.19 -5.97 11.92
C LYS G 218 22.55 -6.05 13.40
N TYR G 219 22.13 -5.03 14.16
CA TYR G 219 22.40 -4.96 15.59
C TYR G 219 21.26 -5.64 16.33
N ARG G 220 21.54 -6.78 16.96
CA ARG G 220 20.53 -7.56 17.67
C ARG G 220 21.09 -7.97 19.03
N GLN G 221 20.41 -7.51 20.10
CA GLN G 221 20.71 -7.87 21.49
C GLN G 221 22.16 -7.54 21.88
N GLY G 222 22.66 -6.41 21.39
CA GLY G 222 24.03 -6.03 21.67
C GLY G 222 25.07 -6.72 20.83
N SER G 223 24.67 -7.49 19.82
CA SER G 223 25.60 -8.24 18.99
C SER G 223 25.36 -7.91 17.52
N ILE G 224 26.45 -7.61 16.81
CA ILE G 224 26.38 -7.43 15.37
C ILE G 224 26.24 -8.80 14.71
N ASP G 225 25.31 -8.92 13.78
CA ASP G 225 25.07 -10.18 13.07
C ASP G 225 25.24 -9.94 11.57
N CYS G 226 25.98 -10.83 10.93
CA CYS G 226 26.27 -10.77 9.49
C CYS G 226 25.27 -11.68 8.78
N THR G 227 24.32 -11.10 8.07
CA THR G 227 23.21 -11.89 7.55
C THR G 227 22.55 -11.20 6.36
N LEU G 228 21.62 -11.93 5.74
CA LEU G 228 20.87 -11.44 4.60
C LEU G 228 19.58 -10.76 5.07
N THR G 229 19.36 -9.53 4.61
CA THR G 229 18.12 -8.82 4.84
C THR G 229 17.28 -8.81 3.57
N PHE G 230 16.04 -9.26 3.68
CA PHE G 230 15.13 -9.40 2.55
C PHE G 230 14.08 -8.30 2.58
N SER G 231 13.75 -7.76 1.41
CA SER G 231 12.71 -6.75 1.28
C SER G 231 11.35 -7.36 1.61
N HIS G 232 10.45 -6.50 2.09
CA HIS G 232 9.11 -6.94 2.50
C HIS G 232 8.32 -7.46 1.30
N PRO G 233 7.66 -8.62 1.41
CA PRO G 233 7.64 -9.56 2.54
C PRO G 233 8.91 -10.42 2.67
N THR G 234 9.46 -10.47 3.89
CA THR G 234 10.72 -11.16 4.13
C THR G 234 10.59 -12.67 3.92
N TRP G 235 9.46 -13.24 4.37
CA TRP G 235 9.26 -14.69 4.31
C TRP G 235 9.22 -15.22 2.88
N TYR G 236 8.56 -14.48 1.97
CA TYR G 236 8.44 -14.91 0.58
C TYR G 236 9.79 -14.97 -0.11
N TRP G 237 10.55 -13.86 -0.07
CA TRP G 237 11.85 -13.82 -0.74
C TRP G 237 12.86 -14.75 -0.09
N GLU G 238 12.82 -14.86 1.26
CA GLU G 238 13.74 -15.75 1.96
C GLU G 238 13.51 -17.21 1.62
N ASN G 239 12.25 -17.67 1.68
CA ASN G 239 11.99 -19.06 1.33
C ASN G 239 12.11 -19.31 -0.17
N LEU G 240 11.86 -18.29 -1.01
CA LEU G 240 12.08 -18.44 -2.44
C LEU G 240 13.56 -18.63 -2.74
N LEU G 241 14.43 -17.88 -2.06
CA LEU G 241 15.87 -18.06 -2.19
C LEU G 241 16.30 -19.43 -1.71
N LYS G 242 15.75 -19.90 -0.57
CA LYS G 242 16.10 -21.23 -0.07
C LYS G 242 15.66 -22.34 -1.02
N ILE G 243 14.44 -22.24 -1.56
CA ILE G 243 13.93 -23.24 -2.51
C ILE G 243 14.76 -23.24 -3.79
N CYS G 244 15.07 -22.05 -4.34
CA CYS G 244 15.86 -21.97 -5.56
C CYS G 244 17.28 -22.51 -5.37
N VAL G 245 17.93 -22.17 -4.25
CA VAL G 245 19.26 -22.70 -3.96
C VAL G 245 19.20 -24.22 -3.79
N PHE G 246 18.15 -24.72 -3.11
CA PHE G 246 17.99 -26.15 -2.91
C PHE G 246 17.81 -26.89 -4.23
N ILE G 247 16.94 -26.38 -5.11
CA ILE G 247 16.66 -27.06 -6.37
C ILE G 247 17.87 -27.02 -7.29
N PHE G 248 18.41 -25.83 -7.54
CA PHE G 248 19.51 -25.68 -8.50
C PHE G 248 20.81 -26.30 -8.00
N ALA G 249 21.05 -26.33 -6.68
CA ALA G 249 22.30 -26.90 -6.18
C ALA G 249 22.18 -28.37 -5.79
N PHE G 250 20.96 -28.92 -5.64
CA PHE G 250 20.83 -30.30 -5.23
C PHE G 250 20.06 -31.17 -6.20
N ILE G 251 18.84 -30.76 -6.60
CA ILE G 251 17.93 -31.66 -7.32
C ILE G 251 18.46 -31.94 -8.73
N MET G 252 18.74 -30.89 -9.48
CA MET G 252 19.33 -31.03 -10.81
C MET G 252 20.76 -31.61 -10.80
N PRO G 253 21.70 -31.20 -9.91
CA PRO G 253 23.03 -31.86 -9.95
C PRO G 253 23.05 -33.34 -9.61
N VAL G 254 22.30 -33.79 -8.59
CA VAL G 254 22.26 -35.20 -8.24
C VAL G 254 21.71 -36.03 -9.40
N LEU G 255 20.62 -35.56 -10.01
CA LEU G 255 20.02 -36.27 -11.15
C LEU G 255 20.95 -36.29 -12.36
N ILE G 256 21.59 -35.15 -12.68
CA ILE G 256 22.48 -35.10 -13.85
C ILE G 256 23.68 -36.02 -13.65
N ILE G 257 24.33 -35.93 -12.48
CA ILE G 257 25.50 -36.75 -12.19
C ILE G 257 25.14 -38.24 -12.16
N THR G 258 24.02 -38.59 -11.51
CA THR G 258 23.61 -39.99 -11.38
C THR G 258 23.25 -40.61 -12.72
N VAL G 259 22.42 -39.90 -13.52
CA VAL G 259 22.01 -40.44 -14.82
C VAL G 259 23.19 -40.50 -15.79
N CYS G 260 24.02 -39.45 -15.84
CA CYS G 260 25.15 -39.43 -16.77
C CYS G 260 26.17 -40.51 -16.44
N TYR G 261 26.53 -40.66 -15.15
CA TYR G 261 27.47 -41.73 -14.80
C TYR G 261 26.86 -43.12 -14.92
N GLY G 262 25.56 -43.27 -14.66
CA GLY G 262 24.92 -44.57 -14.84
C GLY G 262 24.91 -45.02 -16.29
N LEU G 263 24.52 -44.11 -17.20
CA LEU G 263 24.60 -44.39 -18.63
C LEU G 263 26.04 -44.58 -19.09
N MET G 264 26.98 -43.89 -18.45
CA MET G 264 28.40 -44.07 -18.73
C MET G 264 28.85 -45.49 -18.39
N ILE G 265 28.46 -45.99 -17.21
CA ILE G 265 28.81 -47.35 -16.80
C ILE G 265 28.14 -48.38 -17.70
N LEU G 266 26.88 -48.15 -18.07
CA LEU G 266 26.18 -49.04 -18.99
C LEU G 266 26.84 -49.07 -20.37
N ARG G 267 27.37 -47.93 -20.82
CA ARG G 267 28.10 -47.92 -22.09
C ARG G 267 29.46 -48.62 -21.96
N LEU G 268 30.14 -48.44 -20.82
CA LEU G 268 31.45 -49.06 -20.61
C LEU G 268 31.35 -50.58 -20.51
N LYS G 269 30.24 -51.10 -19.96
CA LYS G 269 30.04 -52.55 -19.90
C LYS G 269 29.98 -53.17 -21.30
N SER G 270 29.40 -52.44 -22.26
CA SER G 270 29.31 -52.92 -23.64
C SER G 270 30.69 -52.99 -24.32
N VAL G 271 31.65 -52.16 -23.88
CA VAL G 271 32.94 -52.03 -24.54
C VAL G 271 33.71 -53.34 -24.52
N ARG G 272 34.21 -53.75 -25.69
CA ARG G 272 34.90 -55.02 -25.84
C ARG G 272 36.28 -55.00 -25.18
N MET G 273 36.96 -53.86 -25.19
CA MET G 273 38.30 -53.77 -24.61
C MET G 273 38.26 -53.85 -23.09
N LEU G 274 37.17 -53.44 -22.46
CA LEU G 274 37.05 -53.52 -21.01
C LEU G 274 36.78 -54.93 -20.54
N SER G 275 35.86 -55.64 -21.18
CA SER G 275 35.54 -57.00 -20.78
C SER G 275 36.48 -57.98 -21.49
N GLY G 276 36.22 -59.27 -21.35
CA GLY G 276 36.92 -60.30 -22.09
C GLY G 276 38.23 -60.80 -21.50
N SER G 277 38.63 -60.31 -20.32
CA SER G 277 39.88 -60.75 -19.70
C SER G 277 39.78 -60.50 -18.21
N LYS G 278 40.76 -61.05 -17.46
CA LYS G 278 40.76 -60.91 -16.01
C LYS G 278 41.22 -59.52 -15.57
N GLU G 279 42.41 -59.12 -16.01
CA GLU G 279 42.97 -57.81 -15.63
C GLU G 279 42.16 -56.67 -16.21
N LYS G 280 41.64 -56.84 -17.42
CA LYS G 280 40.77 -55.85 -18.03
C LYS G 280 39.48 -55.68 -17.23
N ASP G 281 38.90 -56.79 -16.76
CA ASP G 281 37.73 -56.71 -15.88
C ASP G 281 38.08 -56.05 -14.55
N ARG G 282 39.30 -56.28 -14.04
CA ARG G 282 39.76 -55.61 -12.83
C ARG G 282 39.84 -54.10 -13.03
N ASN G 283 40.34 -53.68 -14.19
CA ASN G 283 40.41 -52.25 -14.52
C ASN G 283 39.01 -51.64 -14.67
N LEU G 284 38.09 -52.39 -15.28
CA LEU G 284 36.70 -51.94 -15.37
C LEU G 284 36.06 -51.81 -13.99
N ARG G 285 36.35 -52.77 -13.10
CA ARG G 285 35.87 -52.71 -11.73
C ARG G 285 36.46 -51.51 -10.99
N ARG G 286 37.72 -51.18 -11.28
CA ARG G 286 38.37 -50.03 -10.66
C ARG G 286 37.69 -48.74 -11.10
N ILE G 287 37.41 -48.61 -12.40
CA ILE G 287 36.72 -47.42 -12.92
C ILE G 287 35.32 -47.31 -12.33
N THR G 288 34.59 -48.44 -12.24
CA THR G 288 33.25 -48.45 -11.67
C THR G 288 33.26 -48.06 -10.20
N ARG G 289 34.24 -48.58 -9.44
CA ARG G 289 34.38 -48.21 -8.02
C ARG G 289 34.71 -46.73 -7.86
N MET G 290 35.56 -46.19 -8.73
CA MET G 290 35.90 -44.76 -8.68
C MET G 290 34.67 -43.90 -8.93
N VAL G 291 33.86 -44.27 -9.92
CA VAL G 291 32.64 -43.54 -10.25
C VAL G 291 31.64 -43.59 -9.09
N LEU G 292 31.45 -44.79 -8.52
CA LEU G 292 30.54 -44.95 -7.39
C LEU G 292 31.01 -44.19 -6.16
N VAL G 293 32.32 -44.15 -5.92
CA VAL G 293 32.88 -43.39 -4.81
C VAL G 293 32.60 -41.89 -4.98
N VAL G 294 32.82 -41.37 -6.20
CA VAL G 294 32.57 -39.94 -6.48
C VAL G 294 31.10 -39.58 -6.26
N VAL G 295 30.19 -40.40 -6.82
CA VAL G 295 28.76 -40.14 -6.71
C VAL G 295 28.29 -40.27 -5.26
N ALA G 296 28.78 -41.29 -4.55
CA ALA G 296 28.42 -41.50 -3.15
C ALA G 296 28.91 -40.38 -2.25
N VAL G 297 30.15 -39.90 -2.47
CA VAL G 297 30.68 -38.79 -1.67
C VAL G 297 29.88 -37.53 -1.92
N PHE G 298 29.51 -37.26 -3.19
CA PHE G 298 28.70 -36.08 -3.52
C PHE G 298 27.33 -36.12 -2.84
N ILE G 299 26.62 -37.25 -2.95
CA ILE G 299 25.27 -37.36 -2.39
C ILE G 299 25.31 -37.34 -0.87
N VAL G 300 26.17 -38.18 -0.27
CA VAL G 300 26.24 -38.32 1.19
C VAL G 300 26.69 -37.01 1.84
N CYS G 301 27.56 -36.26 1.19
CA CYS G 301 27.97 -34.99 1.79
C CYS G 301 26.93 -33.88 1.61
N TRP G 302 26.40 -33.67 0.40
CA TRP G 302 25.51 -32.52 0.23
C TRP G 302 24.10 -32.74 0.77
N THR G 303 23.61 -33.98 0.82
CA THR G 303 22.24 -34.25 1.23
C THR G 303 21.83 -33.80 2.65
N PRO G 304 22.61 -34.02 3.73
CA PRO G 304 22.10 -33.65 5.08
C PRO G 304 21.91 -32.17 5.31
N ILE G 305 22.81 -31.31 4.81
CA ILE G 305 22.68 -29.88 5.06
C ILE G 305 21.43 -29.31 4.36
N HIS G 306 21.17 -29.75 3.12
CA HIS G 306 19.99 -29.28 2.40
C HIS G 306 18.70 -29.78 3.03
N ILE G 307 18.64 -31.07 3.38
CA ILE G 307 17.43 -31.61 4.01
C ILE G 307 17.22 -30.99 5.39
N TYR G 308 18.30 -30.79 6.15
CA TYR G 308 18.21 -30.16 7.46
C TYR G 308 17.69 -28.73 7.37
N VAL G 309 18.17 -27.96 6.37
CA VAL G 309 17.70 -26.59 6.19
C VAL G 309 16.22 -26.56 5.80
N ILE G 310 15.79 -27.48 4.93
CA ILE G 310 14.37 -27.57 4.57
C ILE G 310 13.50 -27.92 5.78
N ILE G 311 13.97 -28.86 6.62
CA ILE G 311 13.24 -29.24 7.82
C ILE G 311 13.18 -28.08 8.82
N LYS G 312 14.30 -27.37 9.00
CA LYS G 312 14.37 -26.21 9.89
C LYS G 312 13.42 -25.10 9.45
N ALA G 313 13.41 -24.81 8.14
CA ALA G 313 12.48 -23.83 7.59
C ALA G 313 11.03 -24.25 7.80
N LEU G 314 10.69 -25.48 7.42
CA LEU G 314 9.30 -25.93 7.50
C LEU G 314 8.84 -26.13 8.96
N VAL G 315 9.67 -26.76 9.79
CA VAL G 315 9.27 -27.17 11.12
C VAL G 315 10.20 -26.50 12.14
N THR G 316 9.61 -25.74 13.06
CA THR G 316 10.37 -25.15 14.14
C THR G 316 10.76 -26.22 15.15
N ILE G 317 12.03 -26.23 15.55
CA ILE G 317 12.54 -27.22 16.49
C ILE G 317 13.15 -26.51 17.70
N PRO G 318 12.91 -27.01 18.92
CA PRO G 318 13.44 -26.33 20.11
C PRO G 318 14.96 -26.41 20.19
N GLU G 319 15.55 -25.32 20.69
CA GLU G 319 17.00 -25.20 20.77
C GLU G 319 17.60 -26.19 21.76
N THR G 320 18.56 -26.99 21.29
CA THR G 320 19.24 -27.99 22.09
C THR G 320 20.70 -27.98 21.66
N THR G 321 21.59 -28.48 22.52
CA THR G 321 23.00 -28.62 22.18
C THR G 321 23.19 -29.57 21.00
N PHE G 322 22.40 -30.65 20.96
CA PHE G 322 22.47 -31.62 19.88
C PHE G 322 22.11 -31.00 18.54
N GLN G 323 21.16 -30.05 18.53
CA GLN G 323 20.82 -29.30 17.33
C GLN G 323 22.00 -28.48 16.82
N THR G 324 22.71 -27.82 17.74
CA THR G 324 23.89 -27.03 17.37
C THR G 324 25.00 -27.92 16.79
N VAL G 325 25.26 -29.05 17.46
CA VAL G 325 26.27 -30.00 16.99
C VAL G 325 25.91 -30.55 15.62
N SER G 326 24.64 -30.90 15.42
CA SER G 326 24.20 -31.43 14.12
C SER G 326 24.28 -30.38 13.02
N TRP G 327 23.90 -29.14 13.33
CA TRP G 327 23.94 -28.03 12.36
C TRP G 327 25.36 -27.75 11.90
N HIS G 328 26.28 -27.61 12.86
CA HIS G 328 27.67 -27.35 12.49
C HIS G 328 28.33 -28.57 11.85
N PHE G 329 27.94 -29.79 12.23
CA PHE G 329 28.45 -30.99 11.58
C PHE G 329 28.00 -31.07 10.13
N CYS G 330 26.74 -30.70 9.85
CA CYS G 330 26.26 -30.68 8.46
C CYS G 330 26.98 -29.63 7.64
N ILE G 331 27.21 -28.44 8.21
CA ILE G 331 27.97 -27.40 7.51
C ILE G 331 29.40 -27.86 7.23
N ALA G 332 30.03 -28.49 8.23
CA ALA G 332 31.38 -28.99 8.08
C ALA G 332 31.48 -30.10 7.04
N LEU G 333 30.45 -30.97 6.96
CA LEU G 333 30.43 -32.01 5.92
C LEU G 333 30.25 -31.40 4.53
N GLY G 334 29.40 -30.37 4.43
CA GLY G 334 29.24 -29.67 3.17
C GLY G 334 30.53 -29.05 2.66
N TYR G 335 31.29 -28.41 3.55
CA TYR G 335 32.61 -27.93 3.16
C TYR G 335 33.60 -29.09 2.93
N THR G 336 33.45 -30.19 3.68
CA THR G 336 34.34 -31.35 3.58
C THR G 336 34.28 -31.98 2.19
N ASN G 337 33.13 -31.93 1.53
CA ASN G 337 33.07 -32.41 0.14
C ASN G 337 33.96 -31.56 -0.78
N SER G 338 33.92 -30.24 -0.63
CA SER G 338 34.81 -29.37 -1.39
C SER G 338 36.27 -29.63 -1.04
N CYS G 339 36.54 -29.97 0.21
CA CYS G 339 37.89 -30.32 0.63
C CYS G 339 38.36 -31.63 0.01
N LEU G 340 37.46 -32.60 -0.13
CA LEU G 340 37.80 -33.95 -0.58
C LEU G 340 37.70 -34.14 -2.08
N ASN G 341 37.12 -33.17 -2.80
CA ASN G 341 37.14 -33.21 -4.27
C ASN G 341 38.52 -33.15 -4.92
N PRO G 342 39.51 -32.34 -4.45
CA PRO G 342 40.85 -32.42 -5.07
C PRO G 342 41.52 -33.77 -4.98
N VAL G 343 41.34 -34.50 -3.88
CA VAL G 343 41.96 -35.82 -3.73
C VAL G 343 41.43 -36.78 -4.78
N LEU G 344 40.10 -36.88 -4.89
CA LEU G 344 39.45 -37.80 -5.82
C LEU G 344 39.73 -37.43 -7.27
N TYR G 345 39.57 -36.16 -7.61
CA TYR G 345 39.72 -35.75 -9.01
C TYR G 345 41.19 -35.70 -9.45
N ALA G 346 42.11 -35.24 -8.60
CA ALA G 346 43.48 -35.02 -9.04
C ALA G 346 44.45 -36.13 -8.61
N PHE G 347 44.48 -36.50 -7.32
CA PHE G 347 45.50 -37.44 -6.86
C PHE G 347 45.22 -38.85 -7.38
N LEU G 348 43.96 -39.26 -7.43
CA LEU G 348 43.60 -40.56 -7.98
C LEU G 348 43.62 -40.59 -9.49
N ASP G 349 43.73 -39.43 -10.15
CA ASP G 349 43.89 -39.38 -11.60
C ASP G 349 45.24 -39.98 -11.99
N GLU G 350 45.22 -40.80 -13.03
CA GLU G 350 46.43 -41.52 -13.46
C GLU G 350 47.49 -40.59 -14.05
N ASN G 351 47.07 -39.53 -14.76
CA ASN G 351 48.03 -38.61 -15.37
C ASN G 351 48.83 -37.86 -14.31
N PHE G 352 48.16 -37.35 -13.28
CA PHE G 352 48.85 -36.71 -12.16
C PHE G 352 49.70 -37.73 -11.39
N LYS G 353 49.22 -38.97 -11.30
CA LYS G 353 50.01 -40.01 -10.65
C LYS G 353 51.30 -40.29 -11.42
N ARG G 354 51.23 -40.30 -12.75
CA ARG G 354 52.43 -40.43 -13.58
C ARG G 354 53.37 -39.23 -13.40
N CYS G 355 52.79 -38.03 -13.28
CA CYS G 355 53.60 -36.84 -13.01
C CYS G 355 54.31 -36.94 -11.66
N PHE G 356 53.62 -37.50 -10.66
CA PHE G 356 54.23 -37.73 -9.36
C PHE G 356 55.33 -38.78 -9.43
N ARG G 357 55.13 -39.82 -10.24
CA ARG G 357 56.15 -40.87 -10.41
C ARG G 357 57.40 -40.30 -11.08
N GLU G 358 57.23 -39.49 -12.13
CA GLU G 358 58.36 -38.91 -12.84
C GLU G 358 59.14 -37.93 -11.95
N PHE G 359 58.44 -37.15 -11.14
CA PHE G 359 59.09 -36.18 -10.27
C PHE G 359 59.08 -36.65 -8.81
N TYR H 1 27.78 -22.50 4.31
CA TYR H 1 26.45 -22.26 3.76
C TYR H 1 25.45 -21.81 4.81
N GLY H 2 25.37 -22.58 5.89
CA GLY H 2 24.45 -22.29 6.97
C GLY H 2 25.00 -21.42 8.08
N GLY H 3 26.25 -20.96 7.97
CA GLY H 3 26.84 -20.14 9.03
C GLY H 3 26.16 -18.80 9.19
N PHE H 4 25.73 -18.20 8.07
CA PHE H 4 25.10 -16.90 8.08
C PHE H 4 23.59 -16.95 8.25
N MET H 5 23.02 -18.15 8.37
CA MET H 5 21.59 -18.28 8.66
C MET H 5 21.28 -17.76 10.06
N THR H 6 20.13 -17.12 10.21
CA THR H 6 19.70 -16.54 11.49
C THR H 6 19.48 -17.61 12.56
N SER H 7 20.41 -17.68 13.51
CA SER H 7 20.35 -18.62 14.62
C SER H 7 20.76 -17.91 15.90
N GLU H 8 20.31 -18.45 17.02
CA GLU H 8 20.66 -17.90 18.33
C GLU H 8 22.16 -18.02 18.57
N LYS H 9 22.76 -16.94 19.08
CA LYS H 9 24.19 -16.88 19.33
C LYS H 9 24.44 -16.69 20.82
N SER H 10 25.23 -17.58 21.40
CA SER H 10 25.62 -17.52 22.80
C SER H 10 27.14 -17.49 22.90
N GLN H 11 27.65 -16.53 23.68
CA GLN H 11 29.09 -16.38 23.93
C GLN H 11 29.71 -17.66 24.47
N THR H 12 30.71 -18.17 23.75
CA THR H 12 31.37 -19.41 24.15
C THR H 12 32.27 -19.17 25.36
N PRO H 13 32.54 -20.23 26.14
CA PRO H 13 33.54 -20.10 27.22
C PRO H 13 34.96 -19.91 26.73
N LEU H 14 35.27 -20.41 25.52
CA LEU H 14 36.63 -20.36 25.00
C LEU H 14 37.11 -18.92 24.79
N VAL H 15 36.25 -18.06 24.24
CA VAL H 15 36.63 -16.66 24.03
C VAL H 15 36.77 -15.93 25.37
N THR H 16 35.98 -16.35 26.38
CA THR H 16 36.15 -15.82 27.73
C THR H 16 37.52 -16.21 28.28
N LEU H 17 37.94 -17.47 28.04
CA LEU H 17 39.28 -17.91 28.44
C LEU H 17 40.38 -17.17 27.69
N PHE H 18 40.16 -16.86 26.40
CA PHE H 18 41.12 -16.06 25.64
C PHE H 18 41.27 -14.66 26.21
N LYS H 19 40.14 -14.00 26.48
CA LYS H 19 40.15 -12.66 27.07
C LYS H 19 40.78 -12.66 28.46
N ASN H 20 40.54 -13.71 29.26
CA ASN H 20 41.17 -13.82 30.57
C ASN H 20 42.68 -14.04 30.44
N ALA H 21 43.11 -14.87 29.50
CA ALA H 21 44.53 -15.11 29.26
C ALA H 21 45.22 -13.88 28.68
N PHE I 336 34.84 -48.97 -38.54
CA PHE I 336 34.28 -47.84 -37.81
C PHE I 336 34.13 -48.16 -36.32
N ASP I 337 33.70 -49.39 -36.03
CA ASP I 337 33.54 -49.83 -34.64
C ASP I 337 34.89 -49.89 -33.92
N ALA I 338 35.92 -50.42 -34.59
CA ALA I 338 37.26 -50.47 -34.01
C ALA I 338 37.82 -49.08 -33.80
N VAL I 339 37.62 -48.18 -34.77
CA VAL I 339 38.05 -46.79 -34.64
C VAL I 339 37.31 -46.11 -33.49
N THR I 340 36.00 -46.41 -33.35
CA THR I 340 35.21 -45.91 -32.22
C THR I 340 35.80 -46.37 -30.89
N ASP I 341 36.15 -47.66 -30.80
CA ASP I 341 36.76 -48.20 -29.57
C ASP I 341 38.10 -47.54 -29.27
N VAL I 342 38.92 -47.30 -30.31
CA VAL I 342 40.21 -46.62 -30.12
C VAL I 342 40.01 -45.19 -29.63
N ILE I 343 39.02 -44.48 -30.19
CA ILE I 343 38.72 -43.12 -29.75
C ILE I 343 38.20 -43.11 -28.30
N ILE I 344 37.39 -44.10 -27.93
CA ILE I 344 36.93 -44.24 -26.53
C ILE I 344 38.11 -44.47 -25.59
N LYS I 345 39.04 -45.35 -25.99
CA LYS I 345 40.22 -45.62 -25.19
C LYS I 345 41.09 -44.37 -25.04
N ASN I 346 41.30 -43.63 -26.14
CA ASN I 346 42.10 -42.42 -26.09
C ASN I 346 41.45 -41.34 -25.24
N ASN I 347 40.12 -41.20 -25.32
CA ASN I 347 39.41 -40.22 -24.49
C ASN I 347 39.48 -40.58 -23.01
N LEU I 348 39.33 -41.86 -22.67
CA LEU I 348 39.44 -42.28 -21.28
C LEU I 348 40.87 -42.12 -20.75
N LYS I 349 41.87 -42.41 -21.58
CA LYS I 349 43.26 -42.17 -21.19
C LYS I 349 43.55 -40.68 -21.01
N ASP I 350 42.95 -39.84 -21.86
CA ASP I 350 43.10 -38.39 -21.71
C ASP I 350 42.43 -37.91 -20.43
N CYS I 351 41.25 -38.44 -20.12
CA CYS I 351 40.63 -38.20 -18.81
C CYS I 351 41.45 -38.84 -17.70
N GLY I 352 42.09 -39.98 -17.98
CA GLY I 352 42.93 -40.64 -17.00
C GLY I 352 42.29 -41.73 -16.20
N LEU I 353 41.12 -42.23 -16.60
CA LEU I 353 40.49 -43.33 -15.87
C LEU I 353 41.29 -44.62 -15.98
N PHE I 354 41.86 -44.90 -17.15
CA PHE I 354 42.77 -46.03 -17.31
C PHE I 354 44.02 -45.89 -16.45
#